data_9AT2
#
_entry.id   9AT2
#
_cell.length_a   144.042
_cell.length_b   155.112
_cell.length_c   88.515
_cell.angle_alpha   90
_cell.angle_beta   90
_cell.angle_gamma   90
#
_symmetry.space_group_name_H-M   'P 21 21 2'
#
loop_
_entity.id
_entity.type
_entity.pdbx_description
1 polymer 'Tryptophan 2,3-dioxygenase'
2 non-polymer 'PROTOPORPHYRIN IX CONTAINING FE'
3 non-polymer alpha-methyl-L-tryptophan
4 non-polymer (6M)-6-(1H-indol-3-yl)-1-[2-(piperazin-1-yl)ethyl]-1H-1,2,3-benzotriazole
5 water water
#
_entity_poly.entity_id   1
_entity_poly.type   'polypeptide(L)'
_entity_poly.pdbx_seq_one_letter_code
;MLPVEGSEEDKSQTGVNRASKGGLIYGNYLHLEKVLNAQELQSETKGNKIHDEHLFIITHQAYELWFKQILWELDSVREI
FQNGHVRDERNMLKVVSRMHRVSVILKLLVQQFSILETMTALDFNDFREYLSPASGFQSLQFRLLENKIGVLQNMRVPYN
RRHYRDNFKGEENELLLKSEQEKTLLELVEAWLERTPGLEPHGFNFWGKLEKNITRGLEEEFIRIQAKEESEEKEEQVAE
FQKQKEVLLSLFDEKRHEHLLSKGERRLSYRALQGALMIYFYREEPRFQVPFQLLTSLMDIDSLMTKWRYNHVCMVHRML
GSKAGTGGSSGYHYLRSTVSDRYKVFVDLFNLSTYLIPRHWIPKMNPTIHKFLEHHHHHH
;
_entity_poly.pdbx_strand_id   A,B,C,D
#
loop_
_chem_comp.id
_chem_comp.type
_chem_comp.name
_chem_comp.formula
A1AF5 non-polymer (6M)-6-(1H-indol-3-yl)-1-[2-(piperazin-1-yl)ethyl]-1H-1,2,3-benzotriazole 'C20 H22 N6'
HEM non-polymer 'PROTOPORPHYRIN IX CONTAINING FE' 'C34 H32 Fe N4 O4'
#
# COMPACT_ATOMS: atom_id res chain seq x y z
N GLY A 23 -23.42 18.13 -26.01
CA GLY A 23 -23.80 17.58 -24.70
C GLY A 23 -22.64 17.70 -23.70
N LEU A 24 -22.64 16.78 -22.72
CA LEU A 24 -21.77 16.84 -21.55
C LEU A 24 -20.39 16.22 -21.82
N ILE A 25 -19.34 17.02 -21.64
CA ILE A 25 -17.96 16.62 -21.88
C ILE A 25 -17.26 16.42 -20.53
N TYR A 26 -16.29 15.50 -20.49
CA TYR A 26 -15.56 15.12 -19.27
C TYR A 26 -15.19 16.35 -18.44
N GLY A 27 -14.43 17.25 -19.07
CA GLY A 27 -13.91 18.44 -18.41
C GLY A 27 -15.02 19.33 -17.84
N ASN A 28 -16.17 19.39 -18.54
CA ASN A 28 -17.29 20.19 -18.05
C ASN A 28 -18.00 19.50 -16.89
N TYR A 29 -18.16 18.18 -17.02
CA TYR A 29 -18.85 17.38 -16.03
C TYR A 29 -18.07 17.50 -14.72
N LEU A 30 -16.74 17.45 -14.78
CA LEU A 30 -15.89 17.52 -13.59
C LEU A 30 -15.50 18.96 -13.20
N HIS A 31 -15.97 19.95 -13.95
CA HIS A 31 -15.62 21.35 -13.72
C HIS A 31 -14.10 21.50 -13.60
N LEU A 32 -13.37 20.89 -14.53
CA LEU A 32 -11.91 21.03 -14.58
C LEU A 32 -11.46 22.46 -14.87
N GLU A 33 -12.35 23.30 -15.41
CA GLU A 33 -12.01 24.69 -15.65
C GLU A 33 -11.74 25.38 -14.31
N LYS A 34 -12.34 24.87 -13.23
CA LYS A 34 -12.05 25.35 -11.87
C LYS A 34 -10.91 24.60 -11.23
N VAL A 35 -10.95 23.25 -11.31
CA VAL A 35 -10.04 22.42 -10.53
C VAL A 35 -8.62 22.62 -11.03
N LEU A 36 -8.45 22.74 -12.36
CA LEU A 36 -7.14 22.81 -12.98
C LEU A 36 -6.72 24.24 -13.30
N ASN A 37 -7.49 25.25 -12.82
CA ASN A 37 -7.03 26.64 -12.84
C ASN A 37 -7.02 27.18 -11.42
N ALA A 38 -6.51 26.39 -10.47
CA ALA A 38 -6.53 26.73 -9.06
C ALA A 38 -5.13 26.66 -8.46
N GLN A 39 -4.11 26.64 -9.32
CA GLN A 39 -2.73 26.45 -8.94
C GLN A 39 -1.93 27.71 -9.26
N GLU A 40 -1.70 28.55 -8.25
CA GLU A 40 -0.89 29.75 -8.36
C GLU A 40 0.25 29.67 -7.35
N LEU A 41 1.48 29.62 -7.84
CA LEU A 41 2.64 29.60 -6.97
C LEU A 41 2.92 31.00 -6.45
N GLN A 42 2.91 31.19 -5.14
CA GLN A 42 3.24 32.48 -4.56
C GLN A 42 4.69 32.85 -4.87
N SER A 43 5.58 31.85 -4.94
CA SER A 43 6.96 32.11 -5.31
C SER A 43 7.03 32.79 -6.68
N GLU A 44 6.15 32.39 -7.60
CA GLU A 44 6.12 32.91 -8.96
C GLU A 44 5.45 34.28 -9.00
N THR A 45 4.40 34.47 -8.18
CA THR A 45 3.73 35.75 -8.07
C THR A 45 4.69 36.84 -7.59
N LYS A 46 5.69 36.48 -6.77
CA LYS A 46 6.68 37.41 -6.25
C LYS A 46 8.00 37.37 -7.05
N GLY A 47 7.97 36.81 -8.26
CA GLY A 47 9.10 36.86 -9.18
C GLY A 47 10.26 35.91 -8.83
N ASN A 48 9.99 34.76 -8.19
CA ASN A 48 11.03 33.82 -7.78
C ASN A 48 10.50 32.39 -7.72
N LYS A 49 9.96 31.91 -8.86
CA LYS A 49 9.31 30.62 -8.98
C LYS A 49 10.19 29.50 -8.44
N ILE A 50 9.61 28.69 -7.54
CA ILE A 50 10.27 27.52 -6.97
C ILE A 50 9.46 26.30 -7.36
N HIS A 51 10.13 25.37 -8.04
CA HIS A 51 9.52 24.24 -8.72
C HIS A 51 8.62 23.43 -7.77
N ASP A 52 9.13 23.10 -6.57
CA ASP A 52 8.44 22.20 -5.66
C ASP A 52 7.21 22.83 -5.02
N GLU A 53 7.01 24.14 -5.11
CA GLU A 53 5.82 24.74 -4.52
C GLU A 53 4.59 24.16 -5.20
N HIS A 54 4.70 23.75 -6.47
CA HIS A 54 3.56 23.22 -7.19
C HIS A 54 3.07 21.93 -6.52
N LEU A 55 4.00 21.07 -6.12
CA LEU A 55 3.66 19.83 -5.43
C LEU A 55 2.96 20.12 -4.10
N PHE A 56 3.43 21.15 -3.38
CA PHE A 56 2.85 21.52 -2.10
C PHE A 56 1.39 21.90 -2.28
N ILE A 57 1.08 22.66 -3.34
CA ILE A 57 -0.26 23.09 -3.63
C ILE A 57 -1.15 21.90 -3.95
N ILE A 58 -0.70 21.05 -4.91
CA ILE A 58 -1.53 19.97 -5.38
C ILE A 58 -1.79 19.00 -4.24
N THR A 59 -0.75 18.68 -3.46
CA THR A 59 -0.95 17.73 -2.39
C THR A 59 -2.10 18.16 -1.48
N HIS A 60 -2.09 19.44 -1.05
CA HIS A 60 -3.11 19.94 -0.16
C HIS A 60 -4.48 19.94 -0.85
N GLN A 61 -4.52 20.29 -2.13
CA GLN A 61 -5.79 20.33 -2.84
C GLN A 61 -6.39 18.93 -2.91
N ALA A 62 -5.53 17.91 -3.04
CA ALA A 62 -6.01 16.53 -3.09
C ALA A 62 -6.53 16.11 -1.71
N TYR A 63 -5.82 16.46 -0.64
CA TYR A 63 -6.31 16.23 0.72
C TYR A 63 -7.69 16.85 0.89
N GLU A 64 -7.87 18.09 0.42
CA GLU A 64 -9.13 18.80 0.61
C GLU A 64 -10.29 18.17 -0.19
N LEU A 65 -10.02 17.71 -1.43
CA LEU A 65 -11.04 16.98 -2.17
C LEU A 65 -11.50 15.76 -1.39
N TRP A 66 -10.56 14.99 -0.82
CA TRP A 66 -10.94 13.78 -0.11
C TRP A 66 -11.60 14.11 1.23
N PHE A 67 -11.21 15.22 1.89
CA PHE A 67 -11.93 15.65 3.09
C PHE A 67 -13.39 15.95 2.73
N LYS A 68 -13.61 16.60 1.59
CA LYS A 68 -14.98 16.90 1.15
C LYS A 68 -15.76 15.60 0.95
N GLN A 69 -15.10 14.56 0.41
CA GLN A 69 -15.76 13.29 0.19
C GLN A 69 -16.09 12.61 1.53
N ILE A 70 -15.16 12.67 2.48
CA ILE A 70 -15.41 12.09 3.81
C ILE A 70 -16.58 12.82 4.49
N LEU A 71 -16.64 14.15 4.37
CA LEU A 71 -17.75 14.91 4.95
C LEU A 71 -19.07 14.47 4.33
N TRP A 72 -19.04 14.20 3.02
CA TRP A 72 -20.24 13.82 2.29
C TRP A 72 -20.76 12.47 2.80
N GLU A 73 -19.87 11.50 3.02
CA GLU A 73 -20.26 10.19 3.48
C GLU A 73 -20.74 10.31 4.94
N LEU A 74 -19.98 11.03 5.76
CA LEU A 74 -20.26 11.20 7.17
C LEU A 74 -21.57 11.93 7.42
N ASP A 75 -21.81 13.01 6.68
CA ASP A 75 -23.09 13.71 6.77
C ASP A 75 -24.24 12.78 6.38
N SER A 76 -24.07 11.95 5.35
CA SER A 76 -25.15 11.07 4.93
C SER A 76 -25.47 10.05 6.04
N VAL A 77 -24.46 9.58 6.74
CA VAL A 77 -24.64 8.58 7.79
C VAL A 77 -25.25 9.26 9.01
N ARG A 78 -24.80 10.47 9.35
CA ARG A 78 -25.40 11.22 10.44
C ARG A 78 -26.89 11.38 10.21
N GLU A 79 -27.28 11.72 8.98
CA GLU A 79 -28.67 11.93 8.61
C GLU A 79 -29.50 10.65 8.80
N ILE A 80 -28.96 9.50 8.39
CA ILE A 80 -29.62 8.21 8.52
C ILE A 80 -29.95 7.93 9.99
N PHE A 81 -29.06 8.32 10.89
CA PHE A 81 -29.33 8.15 12.33
C PHE A 81 -30.34 9.18 12.82
N GLN A 82 -30.11 10.45 12.47
CA GLN A 82 -30.84 11.57 13.03
C GLN A 82 -32.30 11.55 12.60
N ASN A 83 -32.60 11.02 11.41
CA ASN A 83 -33.96 11.02 10.88
C ASN A 83 -34.67 9.70 11.18
N GLY A 84 -34.04 8.80 11.92
CA GLY A 84 -34.69 7.56 12.32
C GLY A 84 -34.60 6.41 11.30
N HIS A 85 -33.98 6.64 10.12
CA HIS A 85 -33.91 5.61 9.10
C HIS A 85 -33.15 4.37 9.60
N VAL A 86 -32.15 4.58 10.46
CA VAL A 86 -31.36 3.49 10.99
C VAL A 86 -32.24 2.51 11.75
N ARG A 87 -33.44 2.91 12.16
CA ARG A 87 -34.31 2.01 12.90
C ARG A 87 -34.67 0.82 12.03
N ASP A 88 -34.83 1.06 10.73
CA ASP A 88 -35.05 -0.01 9.76
C ASP A 88 -33.68 -0.64 9.46
N GLU A 89 -33.50 -1.89 9.90
CA GLU A 89 -32.23 -2.59 9.84
C GLU A 89 -31.80 -2.87 8.39
N ARG A 90 -32.69 -2.67 7.42
CA ARG A 90 -32.33 -2.74 6.02
C ARG A 90 -31.23 -1.74 5.66
N ASN A 91 -31.11 -0.65 6.45
CA ASN A 91 -30.21 0.44 6.12
C ASN A 91 -28.81 0.23 6.69
N MET A 92 -28.58 -0.88 7.38
CA MET A 92 -27.30 -1.09 8.05
C MET A 92 -26.18 -1.37 7.05
N LEU A 93 -26.52 -2.01 5.93
CA LEU A 93 -25.49 -2.33 4.94
C LEU A 93 -24.91 -1.03 4.37
N LYS A 94 -25.77 -0.10 4.00
CA LYS A 94 -25.36 1.22 3.49
C LYS A 94 -24.54 1.97 4.53
N VAL A 95 -24.93 1.86 5.81
CA VAL A 95 -24.20 2.57 6.85
C VAL A 95 -22.79 2.02 6.93
N VAL A 96 -22.66 0.71 7.04
CA VAL A 96 -21.35 0.09 7.16
C VAL A 96 -20.52 0.27 5.89
N SER A 97 -21.13 0.21 4.69
CA SER A 97 -20.35 0.42 3.45
C SER A 97 -19.77 1.83 3.42
N ARG A 98 -20.56 2.84 3.80
CA ARG A 98 -20.07 4.22 3.75
C ARG A 98 -19.00 4.46 4.80
N MET A 99 -19.16 3.86 5.99
CA MET A 99 -18.15 4.03 7.03
C MET A 99 -16.87 3.29 6.63
N HIS A 100 -17.00 2.11 6.04
CA HIS A 100 -15.86 1.42 5.48
C HIS A 100 -15.19 2.25 4.39
N ARG A 101 -15.98 2.88 3.53
CA ARG A 101 -15.41 3.74 2.48
C ARG A 101 -14.63 4.91 3.09
N VAL A 102 -15.12 5.49 4.21
CA VAL A 102 -14.35 6.53 4.87
C VAL A 102 -12.97 6.01 5.27
N SER A 103 -12.91 4.81 5.83
CA SER A 103 -11.61 4.28 6.26
C SER A 103 -10.70 3.95 5.06
N VAL A 104 -11.26 3.53 3.91
CA VAL A 104 -10.45 3.28 2.73
C VAL A 104 -9.86 4.61 2.21
N ILE A 105 -10.66 5.69 2.20
CA ILE A 105 -10.12 7.01 1.86
C ILE A 105 -9.01 7.42 2.83
N LEU A 106 -9.24 7.26 4.15
CA LEU A 106 -8.26 7.70 5.12
C LEU A 106 -6.95 6.94 4.92
N LYS A 107 -7.05 5.67 4.57
CA LYS A 107 -5.86 4.87 4.33
C LYS A 107 -5.06 5.47 3.18
N LEU A 108 -5.77 5.87 2.12
CA LEU A 108 -5.10 6.51 1.01
C LEU A 108 -4.45 7.83 1.45
N LEU A 109 -5.15 8.62 2.27
CA LEU A 109 -4.62 9.89 2.77
C LEU A 109 -3.34 9.71 3.60
N VAL A 110 -3.25 8.62 4.36
CA VAL A 110 -2.04 8.30 5.09
C VAL A 110 -0.89 7.96 4.12
N GLN A 111 -1.17 7.18 3.07
CA GLN A 111 -0.17 6.83 2.07
C GLN A 111 0.26 8.08 1.29
N GLN A 112 -0.64 9.03 1.11
CA GLN A 112 -0.36 10.22 0.33
C GLN A 112 0.78 11.07 0.89
N PHE A 113 1.12 10.91 2.18
CA PHE A 113 2.26 11.60 2.75
C PHE A 113 3.55 11.19 2.03
N SER A 114 3.61 9.97 1.51
CA SER A 114 4.78 9.48 0.78
C SER A 114 5.10 10.41 -0.39
N ILE A 115 4.12 11.10 -0.96
CA ILE A 115 4.42 11.99 -2.05
C ILE A 115 5.17 13.22 -1.57
N LEU A 116 4.74 13.78 -0.44
CA LEU A 116 5.33 15.00 0.05
C LEU A 116 6.68 14.71 0.69
N GLU A 117 6.95 13.46 1.02
CA GLU A 117 8.28 13.06 1.47
C GLU A 117 9.31 13.07 0.34
N THR A 118 8.89 13.21 -0.93
CA THR A 118 9.85 13.38 -2.03
C THR A 118 10.31 14.83 -2.13
N MET A 119 9.76 15.75 -1.31
CA MET A 119 10.28 17.11 -1.19
C MET A 119 11.28 17.19 -0.04
N THR A 120 12.48 17.66 -0.32
CA THR A 120 13.48 17.79 0.74
C THR A 120 13.20 19.07 1.54
N ALA A 121 13.78 19.13 2.74
CA ALA A 121 13.62 20.28 3.60
C ALA A 121 14.30 21.49 2.99
N LEU A 122 15.45 21.28 2.33
CA LEU A 122 16.11 22.36 1.62
C LEU A 122 15.23 22.99 0.56
N ASP A 123 14.50 22.17 -0.19
CA ASP A 123 13.71 22.70 -1.31
C ASP A 123 12.47 23.39 -0.74
N PHE A 124 11.90 22.83 0.33
CA PHE A 124 10.78 23.47 1.01
C PHE A 124 11.21 24.84 1.56
N ASN A 125 12.44 24.90 2.06
CA ASN A 125 12.99 26.11 2.63
C ASN A 125 13.09 27.24 1.59
N ASP A 126 13.03 26.93 0.29
CA ASP A 126 13.19 27.96 -0.73
C ASP A 126 11.89 28.70 -1.00
N PHE A 127 10.73 28.14 -0.63
CA PHE A 127 9.50 28.86 -0.89
C PHE A 127 8.69 29.08 0.41
N ARG A 128 9.18 28.62 1.54
CA ARG A 128 8.42 28.67 2.80
C ARG A 128 8.05 30.12 3.13
N GLU A 129 8.95 31.06 2.83
CA GLU A 129 8.77 32.47 3.16
C GLU A 129 7.50 33.05 2.51
N TYR A 130 7.06 32.50 1.38
CA TYR A 130 5.95 33.07 0.63
C TYR A 130 4.61 32.57 1.18
N LEU A 131 4.63 31.72 2.20
CA LEU A 131 3.41 31.04 2.67
C LEU A 131 2.73 31.84 3.78
N SER A 132 3.51 32.46 4.67
CA SER A 132 2.94 33.26 5.76
C SER A 132 1.90 34.24 5.22
N PRO A 133 0.76 34.43 5.91
CA PRO A 133 0.49 33.75 7.18
C PRO A 133 -0.46 32.56 7.11
N ALA A 134 -0.44 31.82 5.99
CA ALA A 134 -1.36 30.71 5.80
C ALA A 134 -0.87 29.47 6.55
N SER A 135 -1.82 28.65 7.00
CA SER A 135 -1.52 27.48 7.81
C SER A 135 -2.61 26.44 7.65
N GLY A 136 -2.26 25.17 7.86
CA GLY A 136 -3.22 24.07 7.82
C GLY A 136 -4.32 24.24 8.86
N PHE A 137 -3.94 24.90 9.97
CA PHE A 137 -4.86 25.21 11.05
C PHE A 137 -6.12 25.85 10.47
N GLN A 138 -5.97 26.43 9.27
CA GLN A 138 -7.07 27.19 8.68
C GLN A 138 -7.90 26.31 7.75
N SER A 139 -7.67 24.99 7.75
CA SER A 139 -8.51 24.05 7.02
C SER A 139 -9.90 23.95 7.67
N LEU A 140 -10.87 24.65 7.08
CA LEU A 140 -12.26 24.55 7.44
C LEU A 140 -12.68 23.09 7.53
N GLN A 141 -12.38 22.34 6.46
CA GLN A 141 -12.94 21.01 6.31
C GLN A 141 -12.38 20.05 7.36
N PHE A 142 -11.10 20.20 7.71
CA PHE A 142 -10.51 19.35 8.72
C PHE A 142 -11.22 19.57 10.06
N ARG A 143 -11.54 20.83 10.38
CA ARG A 143 -12.25 21.13 11.61
C ARG A 143 -13.68 20.60 11.57
N LEU A 144 -14.37 20.79 10.44
CA LEU A 144 -15.73 20.26 10.29
C LEU A 144 -15.72 18.74 10.53
N LEU A 145 -14.70 18.07 10.01
CA LEU A 145 -14.60 16.63 10.13
C LEU A 145 -14.39 16.21 11.59
N GLU A 146 -13.49 16.90 12.29
CA GLU A 146 -13.26 16.59 13.70
C GLU A 146 -14.54 16.80 14.51
N ASN A 147 -15.22 17.93 14.26
CA ASN A 147 -16.42 18.25 15.00
C ASN A 147 -17.53 17.24 14.72
N LYS A 148 -17.75 16.90 13.45
CA LYS A 148 -18.89 16.08 13.09
C LYS A 148 -18.71 14.64 13.59
N ILE A 149 -17.46 14.17 13.69
CA ILE A 149 -17.19 12.85 14.26
C ILE A 149 -17.48 12.90 15.75
N GLY A 150 -17.00 13.95 16.44
CA GLY A 150 -17.40 14.19 17.82
C GLY A 150 -16.26 14.58 18.76
N VAL A 151 -15.23 15.26 18.22
CA VAL A 151 -14.21 15.85 19.07
C VAL A 151 -14.88 16.98 19.87
N LEU A 152 -14.80 16.89 21.21
CA LEU A 152 -15.44 17.92 22.04
C LEU A 152 -14.45 19.05 22.26
N GLN A 153 -14.96 20.29 22.17
CA GLN A 153 -14.14 21.48 22.34
C GLN A 153 -13.36 21.46 23.64
N ASN A 154 -13.99 21.04 24.77
CA ASN A 154 -13.33 21.11 26.07
C ASN A 154 -12.10 20.19 26.10
N MET A 155 -12.11 19.14 25.24
CA MET A 155 -11.06 18.14 25.17
C MET A 155 -9.87 18.58 24.29
N ARG A 156 -10.06 19.64 23.51
CA ARG A 156 -9.06 20.08 22.55
C ARG A 156 -7.88 20.73 23.28
N VAL A 157 -6.67 20.44 22.79
CA VAL A 157 -5.48 21.09 23.33
C VAL A 157 -5.45 22.49 22.75
N PRO A 158 -5.33 23.53 23.60
CA PRO A 158 -5.23 24.91 23.12
C PRO A 158 -3.92 25.16 22.39
N TYR A 159 -3.96 25.90 21.28
CA TYR A 159 -2.74 26.39 20.64
C TYR A 159 -2.57 27.88 20.94
N ASN A 160 -1.44 28.25 21.55
CA ASN A 160 -1.19 29.62 21.96
C ASN A 160 -2.38 30.16 22.77
N ARG A 161 -2.89 29.34 23.70
CA ARG A 161 -3.98 29.71 24.58
C ARG A 161 -5.09 30.43 23.82
N ARG A 162 -5.55 29.80 22.73
CA ARG A 162 -6.66 30.33 21.93
C ARG A 162 -7.61 29.19 21.59
N HIS A 163 -8.84 29.54 21.18
CA HIS A 163 -9.77 28.54 20.65
C HIS A 163 -9.48 28.38 19.15
N TYR A 164 -9.68 27.16 18.62
CA TYR A 164 -9.38 26.86 17.22
C TYR A 164 -10.23 27.74 16.30
N ARG A 165 -11.48 28.01 16.70
CA ARG A 165 -12.45 28.69 15.83
C ARG A 165 -12.13 30.19 15.67
N ASP A 166 -11.23 30.73 16.50
CA ASP A 166 -10.87 32.14 16.43
C ASP A 166 -9.96 32.40 15.22
N ASN A 167 -9.51 31.34 14.53
CA ASN A 167 -8.77 31.46 13.28
C ASN A 167 -9.72 31.65 12.10
N PHE A 168 -11.03 31.68 12.36
CA PHE A 168 -12.04 31.66 11.31
C PHE A 168 -13.01 32.82 11.55
N LYS A 169 -13.62 33.31 10.45
CA LYS A 169 -14.47 34.49 10.47
C LYS A 169 -15.57 34.38 9.42
N GLY A 170 -16.70 35.11 9.60
CA GLY A 170 -17.77 35.18 8.61
C GLY A 170 -18.62 33.91 8.55
N GLU A 171 -19.02 33.51 7.34
CA GLU A 171 -19.76 32.28 7.10
C GLU A 171 -19.00 31.02 7.56
N GLU A 172 -17.66 31.06 7.44
CA GLU A 172 -16.82 29.95 7.87
C GLU A 172 -16.98 29.70 9.38
N ASN A 173 -16.96 30.79 10.16
CA ASN A 173 -17.15 30.71 11.60
C ASN A 173 -18.55 30.13 11.88
N GLU A 174 -19.53 30.49 11.06
CA GLU A 174 -20.91 30.09 11.25
C GLU A 174 -21.05 28.59 10.95
N LEU A 175 -20.44 28.13 9.85
CA LEU A 175 -20.42 26.72 9.50
C LEU A 175 -19.81 25.89 10.64
N LEU A 176 -18.70 26.39 11.20
CA LEU A 176 -18.02 25.67 12.27
C LEU A 176 -18.90 25.55 13.52
N LEU A 177 -19.67 26.60 13.80
CA LEU A 177 -20.57 26.61 14.95
C LEU A 177 -21.66 25.56 14.78
N LYS A 178 -22.31 25.52 13.61
CA LYS A 178 -23.29 24.50 13.28
C LYS A 178 -22.69 23.11 13.50
N SER A 179 -21.43 22.94 13.07
CA SER A 179 -20.77 21.66 13.20
C SER A 179 -20.61 21.27 14.68
N GLU A 180 -20.47 22.24 15.57
CA GLU A 180 -20.30 22.00 17.00
C GLU A 180 -21.66 21.75 17.68
N GLN A 181 -22.72 22.39 17.17
CA GLN A 181 -24.04 22.40 17.79
C GLN A 181 -24.90 21.22 17.29
N GLU A 182 -24.75 20.83 16.03
CA GLU A 182 -25.51 19.71 15.51
C GLU A 182 -25.01 18.42 16.15
N LYS A 183 -25.89 17.41 16.15
CA LYS A 183 -25.59 16.10 16.67
C LYS A 183 -24.38 15.50 15.97
N THR A 184 -23.42 15.02 16.77
CA THR A 184 -22.21 14.42 16.26
C THR A 184 -22.46 12.93 16.02
N LEU A 185 -21.54 12.29 15.29
CA LEU A 185 -21.64 10.86 15.03
C LEU A 185 -21.59 10.10 16.36
N LEU A 186 -20.74 10.54 17.28
CA LEU A 186 -20.65 9.98 18.63
C LEU A 186 -22.01 9.98 19.33
N GLU A 187 -22.70 11.12 19.32
CA GLU A 187 -24.00 11.24 19.99
C GLU A 187 -25.05 10.37 19.31
N LEU A 188 -25.03 10.31 17.97
CA LEU A 188 -26.04 9.55 17.23
C LEU A 188 -25.82 8.04 17.40
N VAL A 189 -24.57 7.59 17.41
CA VAL A 189 -24.25 6.21 17.70
C VAL A 189 -24.61 5.87 19.15
N GLU A 190 -24.31 6.78 20.08
CA GLU A 190 -24.64 6.60 21.48
C GLU A 190 -26.13 6.31 21.65
N ALA A 191 -26.98 7.17 21.08
CA ALA A 191 -28.43 6.98 21.18
C ALA A 191 -28.84 5.62 20.61
N TRP A 192 -28.26 5.22 19.47
CA TRP A 192 -28.61 3.94 18.85
C TRP A 192 -28.14 2.76 19.71
N LEU A 193 -26.96 2.88 20.32
CA LEU A 193 -26.45 1.86 21.21
C LEU A 193 -27.33 1.67 22.46
N GLU A 194 -27.95 2.76 22.93
CA GLU A 194 -28.80 2.72 24.11
C GLU A 194 -30.04 1.86 23.86
N ARG A 195 -30.48 1.77 22.58
CA ARG A 195 -31.67 1.03 22.22
C ARG A 195 -31.37 -0.41 21.82
N THR A 196 -30.12 -0.86 22.01
CA THR A 196 -29.71 -2.20 21.61
C THR A 196 -30.62 -3.26 22.24
N PRO A 197 -31.19 -4.20 21.46
CA PRO A 197 -31.99 -5.31 22.00
C PRO A 197 -31.22 -6.23 22.95
N GLY A 198 -31.84 -6.62 24.06
CA GLY A 198 -31.19 -7.50 25.03
C GLY A 198 -30.94 -6.84 26.41
N LEU A 199 -30.97 -5.51 26.50
CA LEU A 199 -30.63 -4.81 27.74
C LEU A 199 -31.82 -4.76 28.69
N GLU A 200 -33.03 -5.05 28.16
CA GLU A 200 -34.26 -4.91 28.92
C GLU A 200 -34.21 -5.83 30.14
N PRO A 201 -34.30 -5.29 31.39
CA PRO A 201 -34.43 -6.13 32.59
C PRO A 201 -35.58 -7.13 32.52
N HIS A 202 -36.69 -6.73 31.86
CA HIS A 202 -37.84 -7.62 31.71
C HIS A 202 -37.64 -8.62 30.56
N GLY A 203 -36.51 -8.50 29.83
CA GLY A 203 -36.23 -9.38 28.71
C GLY A 203 -35.02 -10.27 29.00
N PHE A 204 -34.05 -10.27 28.09
CA PHE A 204 -32.87 -11.09 28.26
C PHE A 204 -32.07 -10.62 29.47
N ASN A 205 -32.22 -9.34 29.85
CA ASN A 205 -31.63 -8.84 31.09
C ASN A 205 -30.11 -9.08 31.09
N PHE A 206 -29.44 -8.64 30.02
CA PHE A 206 -28.04 -8.96 29.77
C PHE A 206 -27.16 -8.53 30.97
N TRP A 207 -27.33 -7.28 31.43
CA TRP A 207 -26.44 -6.71 32.43
C TRP A 207 -26.58 -7.45 33.75
N GLY A 208 -27.84 -7.73 34.14
CA GLY A 208 -28.10 -8.54 35.33
C GLY A 208 -27.37 -9.89 35.27
N LYS A 209 -27.58 -10.61 34.16
CA LYS A 209 -27.02 -11.95 34.02
C LYS A 209 -25.49 -11.90 33.96
N LEU A 210 -24.92 -10.87 33.31
CA LEU A 210 -23.48 -10.72 33.16
C LEU A 210 -22.82 -10.51 34.52
N GLU A 211 -23.42 -9.64 35.37
CA GLU A 211 -22.87 -9.41 36.70
C GLU A 211 -22.82 -10.73 37.48
N LYS A 212 -23.94 -11.46 37.49
CA LYS A 212 -24.03 -12.72 38.21
C LYS A 212 -22.98 -13.73 37.71
N ASN A 213 -22.85 -13.88 36.37
CA ASN A 213 -21.98 -14.89 35.82
C ASN A 213 -20.52 -14.58 36.11
N ILE A 214 -20.15 -13.30 36.08
CA ILE A 214 -18.78 -12.88 36.37
C ILE A 214 -18.48 -13.09 37.85
N THR A 215 -19.43 -12.73 38.72
CA THR A 215 -19.26 -12.93 40.15
C THR A 215 -19.02 -14.42 40.43
N ARG A 216 -19.87 -15.27 39.86
CA ARG A 216 -19.75 -16.72 40.01
C ARG A 216 -18.38 -17.17 39.47
N GLY A 217 -18.05 -16.73 38.26
CA GLY A 217 -16.81 -17.12 37.62
C GLY A 217 -15.58 -16.77 38.44
N LEU A 218 -15.57 -15.55 39.02
CA LEU A 218 -14.46 -15.11 39.87
C LEU A 218 -14.36 -16.03 41.06
N GLU A 219 -15.50 -16.34 41.69
CA GLU A 219 -15.54 -17.24 42.84
C GLU A 219 -14.90 -18.58 42.47
N GLU A 220 -15.33 -19.16 41.36
CA GLU A 220 -14.79 -20.43 40.88
C GLU A 220 -13.29 -20.31 40.71
N GLU A 221 -12.84 -19.19 40.11
CA GLU A 221 -11.44 -19.00 39.82
C GLU A 221 -10.65 -18.94 41.10
N PHE A 222 -11.19 -18.20 42.10
CA PHE A 222 -10.50 -18.06 43.38
C PHE A 222 -10.29 -19.44 43.98
N ILE A 223 -11.33 -20.28 43.95
CA ILE A 223 -11.26 -21.62 44.53
C ILE A 223 -10.16 -22.41 43.83
N ARG A 224 -10.11 -22.36 42.49
CA ARG A 224 -9.07 -23.08 41.76
C ARG A 224 -7.68 -22.66 42.22
N ILE A 225 -7.42 -21.35 42.31
CA ILE A 225 -6.08 -20.87 42.65
C ILE A 225 -5.74 -21.23 44.10
N GLN A 226 -6.68 -21.03 45.02
CA GLN A 226 -6.40 -21.31 46.42
C GLN A 226 -6.15 -22.80 46.63
N ALA A 227 -6.54 -23.65 45.68
CA ALA A 227 -6.34 -25.08 45.78
C ALA A 227 -4.91 -25.46 45.38
N LYS A 228 -4.17 -24.54 44.73
CA LYS A 228 -2.83 -24.84 44.25
C LYS A 228 -1.88 -25.03 45.42
N GLU A 229 -0.85 -25.86 45.21
CA GLU A 229 0.20 -26.06 46.20
C GLU A 229 1.01 -24.77 46.37
N GLU A 230 1.35 -24.46 47.64
CA GLU A 230 2.07 -23.24 48.00
C GLU A 230 3.28 -23.07 47.09
N SER A 231 3.34 -21.94 46.37
CA SER A 231 4.42 -21.66 45.43
C SER A 231 4.27 -20.22 44.94
N GLU A 232 5.36 -19.63 44.45
CA GLU A 232 5.35 -18.25 44.00
C GLU A 232 4.37 -18.09 42.85
N GLU A 233 4.36 -19.06 41.92
CA GLU A 233 3.46 -19.01 40.77
C GLU A 233 2.03 -18.81 41.26
N LYS A 234 1.62 -19.60 42.26
CA LYS A 234 0.32 -19.42 42.90
C LYS A 234 0.17 -17.97 43.36
N GLU A 235 1.18 -17.48 44.09
CA GLU A 235 1.13 -16.14 44.64
C GLU A 235 0.97 -15.11 43.51
N GLU A 236 1.65 -15.34 42.38
CA GLU A 236 1.52 -14.47 41.22
C GLU A 236 0.10 -14.54 40.67
N GLN A 237 -0.42 -15.75 40.54
CA GLN A 237 -1.78 -15.97 40.07
C GLN A 237 -2.75 -15.26 41.01
N VAL A 238 -2.50 -15.33 42.33
CA VAL A 238 -3.31 -14.62 43.32
C VAL A 238 -3.32 -13.13 42.97
N ALA A 239 -2.11 -12.61 42.72
CA ALA A 239 -1.95 -11.19 42.44
C ALA A 239 -2.74 -10.82 41.19
N GLU A 240 -2.58 -11.60 40.13
CA GLU A 240 -3.30 -11.39 38.89
C GLU A 240 -4.81 -11.42 39.14
N PHE A 241 -5.26 -12.44 39.89
CA PHE A 241 -6.68 -12.61 40.15
C PHE A 241 -7.22 -11.33 40.80
N GLN A 242 -6.48 -10.81 41.77
CA GLN A 242 -6.98 -9.67 42.53
C GLN A 242 -7.10 -8.47 41.62
N LYS A 243 -6.16 -8.31 40.68
CA LYS A 243 -6.20 -7.22 39.73
C LYS A 243 -7.42 -7.38 38.83
N GLN A 244 -7.56 -8.56 38.23
CA GLN A 244 -8.62 -8.86 37.28
C GLN A 244 -10.00 -8.70 37.94
N LYS A 245 -10.14 -9.25 39.15
CA LYS A 245 -11.38 -9.10 39.90
C LYS A 245 -11.78 -7.62 39.99
N GLU A 246 -10.83 -6.77 40.38
CA GLU A 246 -11.12 -5.34 40.55
C GLU A 246 -11.57 -4.75 39.22
N VAL A 247 -10.83 -5.05 38.13
CA VAL A 247 -11.17 -4.53 36.81
C VAL A 247 -12.59 -4.95 36.44
N LEU A 248 -12.86 -6.26 36.48
CA LEU A 248 -14.12 -6.78 35.96
C LEU A 248 -15.28 -6.25 36.80
N LEU A 249 -15.11 -6.17 38.12
CA LEU A 249 -16.22 -5.76 38.95
C LEU A 249 -16.46 -4.25 38.81
N SER A 250 -15.39 -3.47 38.60
CA SER A 250 -15.49 -2.04 38.39
C SER A 250 -16.44 -1.72 37.23
N LEU A 251 -16.67 -2.67 36.31
CA LEU A 251 -17.59 -2.46 35.20
C LEU A 251 -19.02 -2.20 35.68
N PHE A 252 -19.41 -2.79 36.82
CA PHE A 252 -20.78 -2.71 37.30
C PHE A 252 -21.00 -1.51 38.21
N ASP A 253 -20.00 -0.63 38.29
CA ASP A 253 -20.04 0.58 39.11
C ASP A 253 -20.42 1.79 38.25
N GLU A 254 -21.72 2.08 38.17
CA GLU A 254 -22.22 3.19 37.38
C GLU A 254 -21.67 4.55 37.85
N LYS A 255 -21.30 4.69 39.13
CA LYS A 255 -20.77 5.94 39.65
C LYS A 255 -19.34 6.18 39.16
N ARG A 256 -18.50 5.14 39.20
CA ARG A 256 -17.17 5.23 38.62
C ARG A 256 -17.29 5.66 37.15
N HIS A 257 -18.27 5.14 36.43
CA HIS A 257 -18.43 5.49 35.03
C HIS A 257 -18.71 7.00 34.90
N GLU A 258 -19.64 7.53 35.70
CA GLU A 258 -20.01 8.94 35.67
C GLU A 258 -18.78 9.82 35.92
N HIS A 259 -17.96 9.39 36.88
CA HIS A 259 -16.72 10.06 37.23
C HIS A 259 -15.74 10.09 36.06
N LEU A 260 -15.57 8.94 35.37
CA LEU A 260 -14.63 8.87 34.27
C LEU A 260 -15.16 9.67 33.09
N LEU A 261 -16.49 9.72 32.91
CA LEU A 261 -17.13 10.59 31.92
C LEU A 261 -16.75 12.07 32.14
N SER A 262 -16.82 12.55 33.38
CA SER A 262 -16.52 13.94 33.72
C SER A 262 -15.07 14.29 33.37
N LYS A 263 -14.14 13.35 33.55
CA LYS A 263 -12.74 13.60 33.27
C LYS A 263 -12.43 13.39 31.79
N GLY A 264 -13.42 12.90 31.03
CA GLY A 264 -13.26 12.69 29.61
C GLY A 264 -12.42 11.47 29.27
N GLU A 265 -12.25 10.55 30.24
CA GLU A 265 -11.56 9.28 30.01
C GLU A 265 -12.52 8.26 29.37
N ARG A 266 -13.83 8.51 29.51
CA ARG A 266 -14.85 7.82 28.76
C ARG A 266 -15.75 8.86 28.10
N ARG A 267 -16.52 8.45 27.08
CA ARG A 267 -17.31 9.36 26.27
C ARG A 267 -18.76 8.89 26.14
N LEU A 268 -18.99 7.58 26.17
CA LEU A 268 -20.31 7.01 26.00
C LEU A 268 -21.04 6.91 27.33
N SER A 269 -22.38 7.09 27.26
CA SER A 269 -23.25 6.81 28.41
C SER A 269 -23.06 5.35 28.86
N TYR A 270 -23.41 5.10 30.13
CA TYR A 270 -23.29 3.78 30.72
C TYR A 270 -24.13 2.80 29.91
N ARG A 271 -25.33 3.24 29.51
CA ARG A 271 -26.23 2.36 28.83
C ARG A 271 -25.73 2.04 27.41
N ALA A 272 -25.14 3.03 26.71
CA ALA A 272 -24.55 2.80 25.40
C ALA A 272 -23.41 1.79 25.50
N LEU A 273 -22.64 1.87 26.58
CA LEU A 273 -21.53 0.97 26.82
C LEU A 273 -22.05 -0.46 26.93
N GLN A 274 -23.20 -0.62 27.61
CA GLN A 274 -23.85 -1.92 27.77
C GLN A 274 -24.28 -2.48 26.42
N GLY A 275 -24.86 -1.63 25.58
CA GLY A 275 -25.24 -1.99 24.24
C GLY A 275 -24.05 -2.46 23.39
N ALA A 276 -22.95 -1.71 23.45
CA ALA A 276 -21.74 -2.04 22.72
C ALA A 276 -21.21 -3.42 23.13
N LEU A 277 -21.20 -3.68 24.43
CA LEU A 277 -20.68 -4.95 24.95
C LEU A 277 -21.60 -6.10 24.55
N MET A 278 -22.91 -5.81 24.50
CA MET A 278 -23.91 -6.77 24.03
C MET A 278 -23.55 -7.18 22.60
N ILE A 279 -23.27 -6.20 21.73
CA ILE A 279 -22.99 -6.46 20.33
C ILE A 279 -21.67 -7.23 20.22
N TYR A 280 -20.66 -6.90 21.05
CA TYR A 280 -19.37 -7.58 21.00
C TYR A 280 -19.53 -9.06 21.33
N PHE A 281 -20.21 -9.36 22.44
CA PHE A 281 -20.28 -10.74 22.91
C PHE A 281 -21.22 -11.58 22.02
N TYR A 282 -22.28 -11.00 21.45
CA TYR A 282 -23.24 -11.73 20.66
C TYR A 282 -23.10 -11.42 19.16
N ARG A 283 -21.90 -11.02 18.73
CA ARG A 283 -21.67 -10.55 17.37
C ARG A 283 -22.10 -11.55 16.28
N GLU A 284 -22.08 -12.85 16.56
CA GLU A 284 -22.38 -13.86 15.54
C GLU A 284 -23.89 -14.01 15.35
N GLU A 285 -24.69 -13.56 16.31
CA GLU A 285 -26.14 -13.58 16.18
C GLU A 285 -26.53 -12.68 15.01
N PRO A 286 -27.41 -13.14 14.08
CA PRO A 286 -27.63 -12.43 12.82
C PRO A 286 -27.90 -10.93 12.88
N ARG A 287 -28.77 -10.49 13.79
CA ARG A 287 -29.07 -9.08 13.92
C ARG A 287 -27.86 -8.25 14.36
N PHE A 288 -26.84 -8.88 14.95
CA PHE A 288 -25.67 -8.15 15.45
C PHE A 288 -24.46 -8.23 14.54
N GLN A 289 -24.50 -9.01 13.45
CA GLN A 289 -23.36 -9.20 12.59
C GLN A 289 -22.94 -7.88 11.95
N VAL A 290 -23.86 -7.19 11.28
CA VAL A 290 -23.50 -5.94 10.64
C VAL A 290 -23.26 -4.82 11.67
N PRO A 291 -24.08 -4.66 12.74
CA PRO A 291 -23.71 -3.79 13.86
C PRO A 291 -22.29 -3.99 14.40
N PHE A 292 -21.84 -5.25 14.51
CA PHE A 292 -20.47 -5.48 14.95
C PHE A 292 -19.46 -4.90 13.96
N GLN A 293 -19.73 -5.07 12.67
CA GLN A 293 -18.88 -4.50 11.64
C GLN A 293 -18.87 -2.98 11.74
N LEU A 294 -20.02 -2.37 12.05
CA LEU A 294 -20.07 -0.92 12.22
C LEU A 294 -19.15 -0.48 13.35
N LEU A 295 -19.16 -1.20 14.48
CA LEU A 295 -18.35 -0.84 15.63
C LEU A 295 -16.88 -0.92 15.25
N THR A 296 -16.52 -2.01 14.56
CA THR A 296 -15.17 -2.21 14.02
C THR A 296 -14.75 -1.03 13.15
N SER A 297 -15.63 -0.57 12.28
CA SER A 297 -15.30 0.51 11.36
C SER A 297 -15.08 1.84 12.07
N LEU A 298 -15.85 2.10 13.15
CA LEU A 298 -15.69 3.33 13.93
C LEU A 298 -14.32 3.34 14.59
N MET A 299 -13.89 2.20 15.13
CA MET A 299 -12.54 2.08 15.66
C MET A 299 -11.50 2.31 14.56
N ASP A 300 -11.72 1.76 13.35
CA ASP A 300 -10.78 1.92 12.26
C ASP A 300 -10.58 3.40 11.91
N ILE A 301 -11.68 4.15 11.86
CA ILE A 301 -11.65 5.56 11.53
C ILE A 301 -10.83 6.33 12.56
N ASP A 302 -11.02 6.02 13.85
CA ASP A 302 -10.30 6.69 14.91
C ASP A 302 -8.80 6.38 14.77
N SER A 303 -8.45 5.10 14.58
CA SER A 303 -7.05 4.70 14.42
C SER A 303 -6.41 5.42 13.22
N LEU A 304 -7.12 5.50 12.11
CA LEU A 304 -6.57 6.07 10.87
C LEU A 304 -6.46 7.58 11.01
N MET A 305 -7.41 8.22 11.70
CA MET A 305 -7.32 9.65 11.99
C MET A 305 -6.07 9.92 12.81
N THR A 306 -5.78 9.05 13.78
CA THR A 306 -4.61 9.30 14.60
C THR A 306 -3.35 9.00 13.78
N LYS A 307 -3.41 8.03 12.86
CA LYS A 307 -2.25 7.75 12.00
C LYS A 307 -2.01 8.95 11.07
N TRP A 308 -3.07 9.54 10.57
CA TRP A 308 -2.93 10.76 9.79
C TRP A 308 -2.21 11.83 10.61
N ARG A 309 -2.61 12.02 11.89
CA ARG A 309 -2.02 13.07 12.70
C ARG A 309 -0.55 12.77 12.97
N TYR A 310 -0.24 11.49 13.19
CA TYR A 310 1.13 11.05 13.44
C TYR A 310 2.00 11.32 12.22
N ASN A 311 1.53 10.95 11.02
CA ASN A 311 2.36 11.09 9.83
C ASN A 311 2.57 12.58 9.56
N HIS A 312 1.55 13.39 9.88
CA HIS A 312 1.65 14.84 9.68
C HIS A 312 2.70 15.43 10.62
N VAL A 313 2.70 15.03 11.90
CA VAL A 313 3.70 15.43 12.86
C VAL A 313 5.11 15.11 12.37
N CYS A 314 5.34 13.84 11.97
CA CYS A 314 6.66 13.39 11.52
C CYS A 314 7.14 14.25 10.35
N MET A 315 6.21 14.75 9.54
CA MET A 315 6.64 15.49 8.37
C MET A 315 6.98 16.93 8.71
N VAL A 316 6.15 17.58 9.55
CA VAL A 316 6.47 18.91 10.07
C VAL A 316 7.87 18.90 10.67
N HIS A 317 8.21 17.84 11.42
CA HIS A 317 9.51 17.74 12.06
C HIS A 317 10.63 17.67 11.03
N ARG A 318 10.43 16.91 9.95
CA ARG A 318 11.49 16.67 9.00
C ARG A 318 11.73 17.92 8.15
N MET A 319 10.72 18.78 8.03
CA MET A 319 10.81 20.03 7.28
C MET A 319 11.22 21.22 8.16
N LEU A 320 10.62 21.38 9.35
CA LEU A 320 10.81 22.58 10.16
C LEU A 320 11.80 22.31 11.29
N GLY A 321 12.03 21.04 11.63
CA GLY A 321 12.86 20.70 12.78
C GLY A 321 12.07 20.81 14.08
N SER A 322 12.70 20.44 15.21
CA SER A 322 12.05 20.56 16.52
C SER A 322 12.45 21.91 17.16
N SER A 330 7.42 24.35 18.52
CA SER A 330 6.19 24.90 19.13
C SER A 330 4.97 24.21 18.54
N GLY A 331 4.67 24.48 17.26
CA GLY A 331 3.64 23.75 16.53
C GLY A 331 3.82 22.23 16.65
N TYR A 332 5.07 21.77 16.43
CA TYR A 332 5.44 20.37 16.58
C TYR A 332 4.89 19.79 17.89
N HIS A 333 5.08 20.49 19.02
CA HIS A 333 4.65 19.99 20.32
C HIS A 333 3.13 20.01 20.48
N TYR A 334 2.45 21.04 19.96
CA TYR A 334 0.98 21.06 19.94
C TYR A 334 0.47 19.85 19.13
N LEU A 335 1.06 19.64 17.94
CA LEU A 335 0.62 18.58 17.05
C LEU A 335 0.82 17.21 17.69
N ARG A 336 1.94 17.04 18.41
CA ARG A 336 2.24 15.79 19.10
C ARG A 336 1.19 15.52 20.17
N SER A 337 0.69 16.59 20.78
CA SER A 337 -0.35 16.47 21.81
C SER A 337 -1.67 16.02 21.19
N THR A 338 -1.86 16.22 19.86
CA THR A 338 -3.05 15.75 19.18
C THR A 338 -2.98 14.24 18.97
N VAL A 339 -1.78 13.67 18.96
CA VAL A 339 -1.62 12.24 18.75
C VAL A 339 -1.82 11.55 20.10
N SER A 340 -3.09 11.39 20.50
CA SER A 340 -3.44 11.06 21.87
C SER A 340 -4.87 10.56 21.89
N ASP A 341 -5.23 9.82 22.94
CA ASP A 341 -6.57 9.27 23.10
C ASP A 341 -7.57 10.40 23.36
N ARG A 342 -7.09 11.60 23.67
CA ARG A 342 -8.04 12.69 23.86
C ARG A 342 -8.71 13.11 22.54
N TYR A 343 -8.12 12.72 21.39
CA TYR A 343 -8.74 12.98 20.10
C TYR A 343 -9.36 11.72 19.49
N LYS A 344 -9.33 10.58 20.20
CA LYS A 344 -10.03 9.39 19.76
C LYS A 344 -11.46 9.40 20.32
N VAL A 345 -12.42 9.69 19.46
CA VAL A 345 -13.82 9.83 19.85
C VAL A 345 -14.42 8.51 20.36
N PHE A 346 -14.03 7.37 19.78
CA PHE A 346 -14.62 6.09 20.14
C PHE A 346 -13.63 5.27 20.96
N VAL A 347 -12.83 5.92 21.79
CA VAL A 347 -11.90 5.28 22.69
C VAL A 347 -12.61 4.21 23.54
N ASP A 348 -13.87 4.41 23.90
CA ASP A 348 -14.61 3.43 24.68
C ASP A 348 -14.75 2.09 23.95
N LEU A 349 -14.83 2.11 22.63
CA LEU A 349 -14.93 0.87 21.87
C LEU A 349 -13.63 0.06 21.94
N PHE A 350 -12.49 0.74 21.90
CA PHE A 350 -11.20 0.07 22.10
C PHE A 350 -11.11 -0.53 23.49
N ASN A 351 -11.60 0.20 24.51
CA ASN A 351 -11.32 -0.12 25.90
C ASN A 351 -12.16 -1.30 26.38
N LEU A 352 -13.17 -1.69 25.61
CA LEU A 352 -13.96 -2.86 25.94
C LEU A 352 -13.13 -4.15 25.94
N SER A 353 -11.96 -4.17 25.26
CA SER A 353 -10.98 -5.25 25.38
C SER A 353 -10.56 -5.52 26.82
N THR A 354 -10.50 -4.48 27.65
CA THR A 354 -10.14 -4.62 29.06
C THR A 354 -11.07 -5.60 29.79
N TYR A 355 -12.33 -5.68 29.36
CA TYR A 355 -13.38 -6.40 30.07
C TYR A 355 -13.72 -7.74 29.43
N LEU A 356 -12.76 -8.34 28.68
CA LEU A 356 -12.97 -9.66 28.11
C LEU A 356 -12.94 -10.75 29.19
N ILE A 357 -13.88 -11.69 29.04
CA ILE A 357 -14.09 -12.77 29.99
C ILE A 357 -14.08 -14.08 29.21
N PRO A 358 -13.87 -15.23 29.88
CA PRO A 358 -13.95 -16.51 29.20
C PRO A 358 -15.33 -16.66 28.56
N ARG A 359 -15.38 -17.32 27.40
CA ARG A 359 -16.60 -17.43 26.61
C ARG A 359 -17.71 -18.09 27.41
N HIS A 360 -17.35 -19.08 28.25
CA HIS A 360 -18.31 -19.84 29.02
C HIS A 360 -18.97 -19.01 30.12
N TRP A 361 -18.46 -17.80 30.40
CA TRP A 361 -19.12 -16.93 31.38
C TRP A 361 -20.17 -16.06 30.71
N ILE A 362 -20.18 -16.02 29.39
CA ILE A 362 -21.11 -15.13 28.70
C ILE A 362 -22.50 -15.72 28.80
N PRO A 363 -23.52 -14.95 29.26
CA PRO A 363 -24.88 -15.47 29.38
C PRO A 363 -25.30 -16.16 28.10
N LYS A 364 -25.80 -17.38 28.27
CA LYS A 364 -26.19 -18.27 27.19
C LYS A 364 -27.38 -17.65 26.45
N MET A 365 -27.38 -17.76 25.13
CA MET A 365 -28.54 -17.38 24.33
C MET A 365 -28.97 -18.56 23.47
N ASN A 366 -29.70 -19.52 24.07
CA ASN A 366 -30.26 -20.66 23.33
C ASN A 366 -31.30 -20.18 22.31
N PRO A 367 -31.47 -20.87 21.16
CA PRO A 367 -32.31 -20.40 20.06
C PRO A 367 -33.65 -19.85 20.51
N THR A 368 -34.18 -20.41 21.62
CA THR A 368 -35.42 -19.97 22.23
C THR A 368 -35.38 -18.46 22.44
N ILE A 369 -34.48 -18.00 23.32
CA ILE A 369 -34.30 -16.58 23.57
C ILE A 369 -33.66 -15.93 22.33
N HIS A 370 -32.77 -16.69 21.67
CA HIS A 370 -32.08 -16.22 20.47
C HIS A 370 -33.11 -15.68 19.49
N LYS A 371 -34.33 -16.26 19.47
CA LYS A 371 -35.35 -15.85 18.52
C LYS A 371 -35.38 -14.32 18.34
N PHE A 372 -35.18 -13.56 19.44
CA PHE A 372 -35.31 -12.11 19.38
C PHE A 372 -34.20 -11.52 18.50
N LEU A 373 -33.07 -12.22 18.35
CA LEU A 373 -31.96 -11.73 17.55
C LEU A 373 -31.85 -12.41 16.18
N GLU A 374 -32.99 -12.80 15.59
CA GLU A 374 -33.01 -13.45 14.29
C GLU A 374 -33.72 -12.56 13.28
N HIS A 375 -33.11 -12.34 12.13
CA HIS A 375 -33.71 -11.57 11.06
C HIS A 375 -35.13 -12.09 10.78
N LEU B 24 -2.76 36.36 3.39
CA LEU B 24 -2.81 35.07 2.65
C LEU B 24 -3.34 33.98 3.59
N ILE B 25 -4.55 33.49 3.28
CA ILE B 25 -5.24 32.46 4.05
C ILE B 25 -5.15 31.14 3.26
N TYR B 26 -5.09 30.03 3.99
CA TYR B 26 -5.03 28.67 3.43
C TYR B 26 -5.94 28.54 2.20
N GLY B 27 -7.24 28.78 2.42
CA GLY B 27 -8.25 28.61 1.39
C GLY B 27 -7.99 29.49 0.17
N ASN B 28 -7.45 30.69 0.37
CA ASN B 28 -7.15 31.56 -0.76
C ASN B 28 -5.89 31.10 -1.50
N TYR B 29 -4.88 30.67 -0.73
CA TYR B 29 -3.61 30.26 -1.29
C TYR B 29 -3.89 29.03 -2.17
N LEU B 30 -4.76 28.12 -1.72
CA LEU B 30 -5.07 26.90 -2.46
C LEU B 30 -6.24 27.08 -3.43
N HIS B 31 -6.82 28.29 -3.51
CA HIS B 31 -7.95 28.58 -4.36
C HIS B 31 -9.04 27.54 -4.15
N LEU B 32 -9.36 27.26 -2.88
CA LEU B 32 -10.41 26.31 -2.54
C LEU B 32 -11.79 26.80 -2.97
N GLU B 33 -11.94 28.10 -3.25
CA GLU B 33 -13.21 28.62 -3.73
C GLU B 33 -13.54 28.00 -5.10
N LYS B 34 -12.48 27.61 -5.83
CA LYS B 34 -12.66 26.90 -7.09
C LYS B 34 -12.70 25.39 -6.88
N VAL B 35 -11.74 24.85 -6.12
CA VAL B 35 -11.55 23.42 -6.02
C VAL B 35 -12.76 22.78 -5.34
N LEU B 36 -13.30 23.43 -4.32
CA LEU B 36 -14.39 22.88 -3.52
C LEU B 36 -15.76 23.41 -3.95
N ASN B 37 -15.83 24.15 -5.05
CA ASN B 37 -17.12 24.47 -5.66
C ASN B 37 -17.12 23.96 -7.11
N ALA B 38 -16.68 22.71 -7.30
CA ALA B 38 -16.52 22.13 -8.62
C ALA B 38 -17.23 20.78 -8.72
N GLN B 39 -18.11 20.50 -7.76
CA GLN B 39 -18.78 19.21 -7.61
C GLN B 39 -20.29 19.41 -7.83
N GLU B 40 -20.75 19.11 -9.04
CA GLU B 40 -22.17 19.16 -9.39
C GLU B 40 -22.61 17.76 -9.83
N LEU B 41 -23.52 17.15 -9.09
CA LEU B 41 -24.04 15.85 -9.45
C LEU B 41 -25.09 16.04 -10.55
N GLN B 42 -24.88 15.40 -11.70
CA GLN B 42 -25.85 15.46 -12.76
C GLN B 42 -27.15 14.80 -12.33
N SER B 43 -27.07 13.75 -11.50
CA SER B 43 -28.26 13.10 -11.00
C SER B 43 -29.13 14.11 -10.26
N GLU B 44 -28.50 15.04 -9.54
CA GLU B 44 -29.22 16.04 -8.75
C GLU B 44 -29.75 17.16 -9.64
N THR B 45 -28.98 17.54 -10.68
CA THR B 45 -29.39 18.54 -11.65
C THR B 45 -30.65 18.09 -12.38
N LYS B 46 -30.85 16.77 -12.56
CA LYS B 46 -32.02 16.21 -13.22
C LYS B 46 -33.07 15.70 -12.23
N GLY B 47 -32.99 16.13 -10.96
CA GLY B 47 -34.02 15.87 -9.96
C GLY B 47 -34.04 14.43 -9.42
N ASN B 48 -32.88 13.75 -9.36
CA ASN B 48 -32.80 12.37 -8.89
C ASN B 48 -31.42 12.06 -8.30
N LYS B 49 -31.03 12.82 -7.29
CA LYS B 49 -29.72 12.76 -6.64
C LYS B 49 -29.38 11.34 -6.21
N ILE B 50 -28.20 10.86 -6.63
CA ILE B 50 -27.69 9.56 -6.29
C ILE B 50 -26.37 9.78 -5.53
N HIS B 51 -26.32 9.26 -4.31
CA HIS B 51 -25.29 9.55 -3.33
C HIS B 51 -23.91 9.29 -3.92
N ASP B 52 -23.72 8.13 -4.58
CA ASP B 52 -22.40 7.67 -5.00
C ASP B 52 -21.84 8.48 -6.17
N GLU B 53 -22.65 9.27 -6.85
CA GLU B 53 -22.12 10.06 -7.94
C GLU B 53 -21.05 11.03 -7.42
N HIS B 54 -21.19 11.45 -6.15
CA HIS B 54 -20.24 12.39 -5.59
C HIS B 54 -18.84 11.77 -5.57
N LEU B 55 -18.75 10.52 -5.16
CA LEU B 55 -17.49 9.79 -5.10
C LEU B 55 -16.85 9.72 -6.49
N PHE B 56 -17.69 9.46 -7.49
CA PHE B 56 -17.23 9.31 -8.87
C PHE B 56 -16.57 10.62 -9.33
N ILE B 57 -17.18 11.76 -8.99
CA ILE B 57 -16.67 13.06 -9.36
C ILE B 57 -15.33 13.32 -8.67
N ILE B 58 -15.28 13.14 -7.36
CA ILE B 58 -14.12 13.50 -6.59
C ILE B 58 -12.95 12.62 -7.01
N THR B 59 -13.20 11.32 -7.18
CA THR B 59 -12.12 10.44 -7.58
C THR B 59 -11.44 10.94 -8.84
N HIS B 60 -12.23 11.28 -9.85
CA HIS B 60 -11.67 11.76 -11.12
C HIS B 60 -10.94 13.09 -10.93
N GLN B 61 -11.49 13.99 -10.11
CA GLN B 61 -10.85 15.28 -9.90
C GLN B 61 -9.47 15.08 -9.26
N ALA B 62 -9.39 14.11 -8.35
CA ALA B 62 -8.13 13.81 -7.69
C ALA B 62 -7.12 13.22 -8.69
N TYR B 63 -7.57 12.31 -9.56
CA TYR B 63 -6.72 11.78 -10.63
C TYR B 63 -6.17 12.95 -11.45
N GLU B 64 -7.04 13.86 -11.86
CA GLU B 64 -6.63 14.98 -12.70
C GLU B 64 -5.66 15.96 -12.00
N LEU B 65 -5.82 16.23 -10.71
CA LEU B 65 -4.85 17.02 -9.98
C LEU B 65 -3.48 16.36 -10.06
N TRP B 66 -3.42 15.05 -9.82
CA TRP B 66 -2.14 14.36 -9.83
C TRP B 66 -1.57 14.23 -11.25
N PHE B 67 -2.41 14.09 -12.25
CA PHE B 67 -1.95 14.15 -13.63
C PHE B 67 -1.30 15.50 -13.91
N LYS B 68 -1.90 16.60 -13.43
CA LYS B 68 -1.32 17.92 -13.62
C LYS B 68 0.06 17.99 -12.96
N GLN B 69 0.22 17.37 -11.79
CA GLN B 69 1.51 17.35 -11.10
C GLN B 69 2.53 16.54 -11.89
N ILE B 70 2.10 15.39 -12.45
CA ILE B 70 3.00 14.56 -13.26
C ILE B 70 3.46 15.33 -14.49
N LEU B 71 2.54 16.03 -15.16
CA LEU B 71 2.90 16.85 -16.31
C LEU B 71 3.91 17.92 -15.93
N TRP B 72 3.74 18.50 -14.74
CA TRP B 72 4.63 19.55 -14.27
C TRP B 72 6.04 19.02 -14.07
N GLU B 73 6.18 17.84 -13.46
CA GLU B 73 7.48 17.24 -13.23
C GLU B 73 8.10 16.81 -14.56
N LEU B 74 7.28 16.21 -15.43
CA LEU B 74 7.75 15.66 -16.68
C LEU B 74 8.16 16.77 -17.63
N ASP B 75 7.37 17.85 -17.70
CA ASP B 75 7.75 19.02 -18.50
C ASP B 75 9.06 19.61 -17.99
N SER B 76 9.27 19.65 -16.67
CA SER B 76 10.50 20.23 -16.15
C SER B 76 11.71 19.38 -16.55
N VAL B 77 11.52 18.05 -16.58
CA VAL B 77 12.63 17.15 -16.91
C VAL B 77 12.89 17.21 -18.42
N ARG B 78 11.83 17.27 -19.22
CA ARG B 78 11.99 17.42 -20.66
C ARG B 78 12.82 18.68 -20.95
N GLU B 79 12.51 19.77 -20.26
CA GLU B 79 13.19 21.05 -20.49
C GLU B 79 14.67 20.98 -20.13
N ILE B 80 15.01 20.30 -19.02
CA ILE B 80 16.40 20.12 -18.61
C ILE B 80 17.21 19.40 -19.70
N PHE B 81 16.57 18.46 -20.42
CA PHE B 81 17.23 17.77 -21.50
C PHE B 81 17.32 18.69 -22.72
N GLN B 82 16.19 19.28 -23.10
CA GLN B 82 16.06 20.02 -24.35
C GLN B 82 16.96 21.25 -24.36
N ASN B 83 17.20 21.88 -23.20
CA ASN B 83 17.95 23.13 -23.15
C ASN B 83 19.42 22.86 -22.83
N GLY B 84 19.83 21.59 -22.71
CA GLY B 84 21.23 21.26 -22.52
C GLY B 84 21.69 21.28 -21.05
N HIS B 85 20.78 21.54 -20.11
CA HIS B 85 21.19 21.59 -18.71
C HIS B 85 21.67 20.22 -18.23
N VAL B 86 21.11 19.14 -18.79
CA VAL B 86 21.52 17.79 -18.42
C VAL B 86 23.00 17.57 -18.73
N ARG B 87 23.59 18.38 -19.59
CA ARG B 87 24.99 18.19 -19.92
C ARG B 87 25.85 18.44 -18.68
N ASP B 88 25.43 19.36 -17.82
CA ASP B 88 26.07 19.56 -16.52
C ASP B 88 25.56 18.47 -15.59
N GLU B 89 26.43 17.53 -15.21
CA GLU B 89 26.02 16.33 -14.49
C GLU B 89 25.60 16.66 -13.05
N ARG B 90 25.78 17.91 -12.61
CA ARG B 90 25.25 18.36 -11.35
C ARG B 90 23.72 18.25 -11.31
N ASN B 91 23.08 18.25 -12.49
CA ASN B 91 21.63 18.29 -12.58
C ASN B 91 21.02 16.89 -12.58
N MET B 92 21.83 15.83 -12.53
CA MET B 92 21.30 14.48 -12.60
C MET B 92 20.49 14.13 -11.34
N LEU B 93 20.86 14.68 -10.19
CA LEU B 93 20.14 14.37 -8.96
C LEU B 93 18.69 14.85 -9.04
N LYS B 94 18.51 16.09 -9.49
CA LYS B 94 17.21 16.70 -9.73
C LYS B 94 16.41 15.88 -10.73
N VAL B 95 17.07 15.40 -11.80
CA VAL B 95 16.37 14.65 -12.83
C VAL B 95 15.82 13.36 -12.22
N VAL B 96 16.69 12.63 -11.52
CA VAL B 96 16.29 11.36 -10.95
C VAL B 96 15.28 11.54 -9.83
N SER B 97 15.41 12.60 -9.00
CA SER B 97 14.44 12.81 -7.92
C SER B 97 13.06 13.07 -8.49
N ARG B 98 12.96 13.85 -9.57
CA ARG B 98 11.66 14.17 -10.14
C ARG B 98 11.05 12.98 -10.83
N MET B 99 11.87 12.15 -11.50
CA MET B 99 11.36 10.94 -12.15
C MET B 99 10.93 9.94 -11.08
N HIS B 100 11.71 9.82 -10.00
CA HIS B 100 11.28 9.01 -8.86
C HIS B 100 9.97 9.53 -8.26
N ARG B 101 9.82 10.86 -8.16
CA ARG B 101 8.59 11.42 -7.64
C ARG B 101 7.40 11.07 -8.53
N VAL B 102 7.58 11.08 -9.84
CA VAL B 102 6.50 10.67 -10.74
C VAL B 102 6.07 9.24 -10.43
N SER B 103 7.03 8.35 -10.15
CA SER B 103 6.65 6.97 -9.90
C SER B 103 5.95 6.82 -8.55
N VAL B 104 6.32 7.64 -7.55
CA VAL B 104 5.65 7.63 -6.25
C VAL B 104 4.20 8.11 -6.41
N ILE B 105 3.95 9.12 -7.23
CA ILE B 105 2.60 9.56 -7.53
C ILE B 105 1.83 8.46 -8.24
N LEU B 106 2.42 7.82 -9.27
CA LEU B 106 1.71 6.80 -10.04
C LEU B 106 1.33 5.64 -9.12
N LYS B 107 2.20 5.31 -8.19
CA LYS B 107 1.89 4.23 -7.25
C LYS B 107 0.68 4.60 -6.40
N LEU B 108 0.59 5.87 -5.98
CA LEU B 108 -0.58 6.32 -5.26
C LEU B 108 -1.83 6.22 -6.14
N LEU B 109 -1.72 6.62 -7.41
CA LEU B 109 -2.85 6.57 -8.33
C LEU B 109 -3.35 5.14 -8.56
N VAL B 110 -2.46 4.17 -8.54
CA VAL B 110 -2.85 2.76 -8.63
C VAL B 110 -3.63 2.34 -7.38
N GLN B 111 -3.15 2.75 -6.19
CA GLN B 111 -3.84 2.45 -4.93
C GLN B 111 -5.19 3.15 -4.87
N GLN B 112 -5.31 4.30 -5.52
CA GLN B 112 -6.54 5.09 -5.47
C GLN B 112 -7.75 4.37 -6.06
N PHE B 113 -7.51 3.35 -6.90
CA PHE B 113 -8.62 2.56 -7.43
C PHE B 113 -9.36 1.85 -6.30
N SER B 114 -8.68 1.55 -5.20
CA SER B 114 -9.31 0.90 -4.05
C SER B 114 -10.48 1.73 -3.52
N ILE B 115 -10.47 3.05 -3.72
CA ILE B 115 -11.59 3.84 -3.24
C ILE B 115 -12.82 3.60 -4.12
N LEU B 116 -12.61 3.56 -5.44
CA LEU B 116 -13.72 3.44 -6.36
C LEU B 116 -14.26 2.02 -6.34
N GLU B 117 -13.46 1.07 -5.86
CA GLU B 117 -13.99 -0.29 -5.68
C GLU B 117 -14.98 -0.39 -4.51
N THR B 118 -15.14 0.64 -3.67
CA THR B 118 -16.17 0.64 -2.63
C THR B 118 -17.52 1.03 -3.23
N MET B 119 -17.58 1.38 -4.52
CA MET B 119 -18.85 1.62 -5.22
C MET B 119 -19.28 0.35 -5.92
N THR B 120 -20.49 -0.14 -5.66
CA THR B 120 -20.94 -1.35 -6.33
C THR B 120 -21.44 -1.01 -7.73
N ALA B 121 -21.55 -2.04 -8.57
CA ALA B 121 -22.05 -1.89 -9.91
C ALA B 121 -23.51 -1.47 -9.90
N LEU B 122 -24.28 -2.01 -8.97
CA LEU B 122 -25.69 -1.65 -8.82
C LEU B 122 -25.84 -0.15 -8.52
N ASP B 123 -24.99 0.41 -7.69
CA ASP B 123 -25.09 1.81 -7.30
C ASP B 123 -24.60 2.70 -8.45
N PHE B 124 -23.57 2.25 -9.15
CA PHE B 124 -23.11 2.96 -10.34
C PHE B 124 -24.21 2.99 -11.39
N ASN B 125 -24.95 1.88 -11.49
CA ASN B 125 -26.03 1.76 -12.45
C ASN B 125 -27.14 2.79 -12.21
N ASP B 126 -27.21 3.40 -11.02
CA ASP B 126 -28.30 4.33 -10.72
C ASP B 126 -28.02 5.73 -11.27
N PHE B 127 -26.77 6.08 -11.54
CA PHE B 127 -26.51 7.42 -12.07
C PHE B 127 -25.79 7.37 -13.42
N ARG B 128 -25.51 6.18 -13.95
CA ARG B 128 -24.72 6.05 -15.16
C ARG B 128 -25.38 6.77 -16.33
N GLU B 129 -26.72 6.76 -16.38
CA GLU B 129 -27.49 7.34 -17.46
C GLU B 129 -27.22 8.84 -17.60
N TYR B 130 -26.90 9.53 -16.49
CA TYR B 130 -26.74 10.97 -16.51
C TYR B 130 -25.34 11.40 -16.95
N LEU B 131 -24.48 10.42 -17.26
CA LEU B 131 -23.10 10.70 -17.61
C LEU B 131 -22.95 10.94 -19.13
N SER B 132 -23.71 10.20 -19.94
CA SER B 132 -23.62 10.31 -21.38
C SER B 132 -23.77 11.78 -21.80
N PRO B 133 -22.98 12.24 -22.80
CA PRO B 133 -22.01 11.40 -23.51
C PRO B 133 -20.56 11.58 -23.07
N ALA B 134 -20.34 11.90 -21.79
CA ALA B 134 -18.98 12.14 -21.29
C ALA B 134 -18.23 10.82 -21.15
N SER B 135 -16.90 10.86 -21.31
CA SER B 135 -16.07 9.68 -21.20
C SER B 135 -14.68 10.06 -20.73
N GLY B 136 -13.99 9.12 -20.08
CA GLY B 136 -12.60 9.31 -19.69
C GLY B 136 -11.69 9.57 -20.89
N PHE B 137 -12.09 9.00 -22.03
CA PHE B 137 -11.39 9.16 -23.29
C PHE B 137 -11.17 10.66 -23.54
N GLN B 138 -11.98 11.50 -22.86
CA GLN B 138 -11.90 12.94 -23.07
C GLN B 138 -10.92 13.59 -22.07
N SER B 139 -10.12 12.79 -21.35
CA SER B 139 -9.10 13.33 -20.47
C SER B 139 -7.94 13.88 -21.29
N LEU B 140 -7.94 15.20 -21.49
CA LEU B 140 -6.86 15.90 -22.15
C LEU B 140 -5.54 15.52 -21.49
N GLN B 141 -5.47 15.61 -20.17
CA GLN B 141 -4.20 15.48 -19.48
C GLN B 141 -3.63 14.06 -19.63
N PHE B 142 -4.49 13.05 -19.64
CA PHE B 142 -4.01 11.68 -19.78
C PHE B 142 -3.36 11.52 -21.16
N ARG B 143 -3.95 12.12 -22.19
CA ARG B 143 -3.40 12.06 -23.54
C ARG B 143 -2.09 12.85 -23.60
N LEU B 144 -2.05 14.04 -22.99
CA LEU B 144 -0.82 14.83 -22.97
C LEU B 144 0.29 14.02 -22.33
N LEU B 145 -0.03 13.31 -21.24
CA LEU B 145 0.96 12.50 -20.54
C LEU B 145 1.47 11.35 -21.42
N GLU B 146 0.58 10.64 -22.11
CA GLU B 146 1.01 9.56 -22.99
C GLU B 146 1.92 10.10 -24.09
N ASN B 147 1.51 11.22 -24.71
CA ASN B 147 2.26 11.81 -25.82
C ASN B 147 3.63 12.30 -25.35
N LYS B 148 3.69 12.97 -24.20
CA LYS B 148 4.93 13.60 -23.79
C LYS B 148 5.95 12.55 -23.36
N ILE B 149 5.49 11.40 -22.84
CA ILE B 149 6.40 10.31 -22.50
C ILE B 149 6.92 9.71 -23.80
N GLY B 150 6.04 9.46 -24.78
CA GLY B 150 6.49 9.04 -26.10
C GLY B 150 5.66 7.91 -26.74
N VAL B 151 4.37 7.81 -26.41
CA VAL B 151 3.48 6.88 -27.10
C VAL B 151 3.30 7.34 -28.54
N LEU B 152 3.57 6.46 -29.51
CA LEU B 152 3.41 6.84 -30.90
C LEU B 152 1.97 6.65 -31.38
N GLN B 153 1.48 7.65 -32.12
CA GLN B 153 0.12 7.67 -32.60
C GLN B 153 -0.15 6.44 -33.48
N ASN B 154 0.79 6.11 -34.36
CA ASN B 154 0.63 5.01 -35.31
C ASN B 154 0.40 3.70 -34.54
N MET B 155 0.98 3.60 -33.33
CA MET B 155 0.96 2.37 -32.56
C MET B 155 -0.21 2.34 -31.56
N ARG B 156 -1.17 3.24 -31.74
CA ARG B 156 -2.34 3.26 -30.87
C ARG B 156 -3.38 2.33 -31.44
N VAL B 157 -4.07 1.60 -30.55
CA VAL B 157 -5.14 0.70 -30.97
C VAL B 157 -6.36 1.58 -31.27
N PRO B 158 -6.99 1.44 -32.46
CA PRO B 158 -8.18 2.21 -32.80
C PRO B 158 -9.38 1.81 -31.94
N TYR B 159 -10.17 2.80 -31.50
CA TYR B 159 -11.41 2.52 -30.79
C TYR B 159 -12.58 2.78 -31.72
N ASN B 160 -13.39 1.75 -31.98
CA ASN B 160 -14.52 1.84 -32.89
C ASN B 160 -14.07 2.49 -34.21
N ARG B 161 -12.93 2.02 -34.75
CA ARG B 161 -12.39 2.52 -36.02
C ARG B 161 -12.43 4.05 -36.06
N ARG B 162 -11.90 4.67 -35.00
CA ARG B 162 -11.84 6.12 -34.89
C ARG B 162 -10.49 6.51 -34.31
N HIS B 163 -10.00 7.71 -34.66
CA HIS B 163 -8.78 8.26 -34.11
C HIS B 163 -9.08 8.88 -32.74
N TYR B 164 -8.08 8.88 -31.84
CA TYR B 164 -8.30 9.35 -30.47
C TYR B 164 -8.56 10.86 -30.50
N ARG B 165 -7.83 11.61 -31.33
CA ARG B 165 -7.77 13.07 -31.23
C ARG B 165 -9.06 13.75 -31.69
N ASP B 166 -9.91 13.03 -32.44
CA ASP B 166 -11.12 13.67 -32.95
C ASP B 166 -12.14 13.83 -31.82
N ASN B 167 -11.93 13.15 -30.68
CA ASN B 167 -12.74 13.34 -29.47
C ASN B 167 -12.54 14.72 -28.85
N PHE B 168 -11.63 15.50 -29.45
CA PHE B 168 -11.24 16.80 -28.95
C PHE B 168 -11.39 17.80 -30.10
N LYS B 169 -11.60 19.07 -29.74
CA LYS B 169 -11.77 20.16 -30.68
C LYS B 169 -11.29 21.47 -30.07
N GLY B 170 -11.00 22.47 -30.93
CA GLY B 170 -10.59 23.81 -30.49
C GLY B 170 -9.16 23.83 -29.97
N GLU B 171 -8.93 24.60 -28.88
CA GLU B 171 -7.64 24.70 -28.22
C GLU B 171 -7.15 23.35 -27.71
N GLU B 172 -8.09 22.49 -27.26
CA GLU B 172 -7.73 21.17 -26.75
C GLU B 172 -7.09 20.33 -27.86
N ASN B 173 -7.67 20.37 -29.07
CA ASN B 173 -7.09 19.66 -30.20
C ASN B 173 -5.71 20.21 -30.50
N GLU B 174 -5.54 21.53 -30.33
CA GLU B 174 -4.30 22.23 -30.59
C GLU B 174 -3.21 21.80 -29.61
N LEU B 175 -3.57 21.78 -28.33
CA LEU B 175 -2.64 21.36 -27.28
C LEU B 175 -2.16 19.94 -27.53
N LEU B 176 -3.08 19.06 -27.96
CA LEU B 176 -2.75 17.66 -28.22
C LEU B 176 -1.74 17.55 -29.35
N LEU B 177 -1.90 18.39 -30.38
CA LEU B 177 -1.02 18.38 -31.54
C LEU B 177 0.39 18.80 -31.13
N LYS B 178 0.50 19.91 -30.40
CA LYS B 178 1.79 20.34 -29.87
C LYS B 178 2.46 19.21 -29.08
N SER B 179 1.67 18.49 -28.28
CA SER B 179 2.23 17.41 -27.47
C SER B 179 2.77 16.28 -28.36
N GLU B 180 2.19 16.09 -29.55
CA GLU B 180 2.62 15.07 -30.49
C GLU B 180 3.87 15.50 -31.24
N GLN B 181 3.99 16.82 -31.52
CA GLN B 181 5.06 17.37 -32.34
C GLN B 181 6.29 17.74 -31.52
N GLU B 182 6.11 18.13 -30.25
CA GLU B 182 7.25 18.47 -29.39
C GLU B 182 8.06 17.22 -29.10
N LYS B 183 9.34 17.42 -28.75
CA LYS B 183 10.24 16.34 -28.39
C LYS B 183 9.70 15.60 -27.16
N THR B 184 9.65 14.27 -27.27
CA THR B 184 9.14 13.42 -26.21
C THR B 184 10.28 13.09 -25.26
N LEU B 185 9.94 12.58 -24.09
CA LEU B 185 10.92 12.15 -23.11
C LEU B 185 11.80 11.06 -23.71
N LEU B 186 11.18 10.12 -24.45
CA LEU B 186 11.93 9.08 -25.13
C LEU B 186 12.98 9.67 -26.08
N GLU B 187 12.62 10.67 -26.89
CA GLU B 187 13.54 11.25 -27.87
C GLU B 187 14.66 12.02 -27.15
N LEU B 188 14.34 12.70 -26.04
CA LEU B 188 15.35 13.48 -25.33
C LEU B 188 16.31 12.55 -24.60
N VAL B 189 15.81 11.47 -23.99
CA VAL B 189 16.69 10.44 -23.43
C VAL B 189 17.53 9.77 -24.52
N GLU B 190 16.94 9.45 -25.67
CA GLU B 190 17.66 8.89 -26.80
C GLU B 190 18.88 9.74 -27.17
N ALA B 191 18.66 11.04 -27.39
CA ALA B 191 19.75 11.95 -27.73
C ALA B 191 20.85 11.93 -26.67
N TRP B 192 20.47 11.93 -25.40
CA TRP B 192 21.45 11.93 -24.31
C TRP B 192 22.20 10.59 -24.26
N LEU B 193 21.50 9.49 -24.53
CA LEU B 193 22.14 8.17 -24.56
C LEU B 193 23.17 8.06 -25.69
N GLU B 194 22.91 8.75 -26.81
CA GLU B 194 23.83 8.75 -27.95
C GLU B 194 25.17 9.40 -27.59
N ARG B 195 25.17 10.33 -26.60
CA ARG B 195 26.37 11.04 -26.20
C ARG B 195 27.11 10.34 -25.05
N THR B 196 26.67 9.12 -24.67
CA THR B 196 27.23 8.43 -23.51
C THR B 196 28.73 8.21 -23.71
N PRO B 197 29.61 8.59 -22.76
CA PRO B 197 31.05 8.33 -22.87
C PRO B 197 31.39 6.83 -22.91
N GLY B 198 32.34 6.45 -23.78
CA GLY B 198 32.78 5.07 -23.87
C GLY B 198 32.54 4.43 -25.24
N LEU B 199 31.65 5.00 -26.04
CA LEU B 199 31.25 4.42 -27.32
C LEU B 199 32.27 4.76 -28.41
N GLU B 200 33.16 5.72 -28.16
CA GLU B 200 34.09 6.22 -29.17
C GLU B 200 35.00 5.07 -29.65
N PRO B 201 34.97 4.70 -30.95
CA PRO B 201 35.91 3.70 -31.49
C PRO B 201 37.39 4.01 -31.22
N HIS B 202 37.73 5.29 -31.22
CA HIS B 202 39.10 5.72 -30.96
C HIS B 202 39.35 5.85 -29.45
N GLY B 203 38.33 5.57 -28.62
CA GLY B 203 38.45 5.61 -27.17
C GLY B 203 38.36 4.22 -26.55
N PHE B 204 37.50 4.08 -25.54
CA PHE B 204 37.31 2.81 -24.87
C PHE B 204 36.75 1.77 -25.86
N ASN B 205 36.06 2.23 -26.91
CA ASN B 205 35.63 1.37 -28.00
C ASN B 205 34.80 0.20 -27.45
N PHE B 206 33.78 0.53 -26.66
CA PHE B 206 32.97 -0.45 -25.95
C PHE B 206 32.41 -1.52 -26.90
N TRP B 207 31.78 -1.07 -28.00
CA TRP B 207 31.07 -1.95 -28.89
C TRP B 207 32.01 -2.94 -29.56
N GLY B 208 33.14 -2.43 -30.04
CA GLY B 208 34.17 -3.27 -30.66
C GLY B 208 34.66 -4.35 -29.69
N LYS B 209 34.99 -3.96 -28.45
CA LYS B 209 35.53 -4.90 -27.48
C LYS B 209 34.46 -5.91 -27.07
N LEU B 210 33.20 -5.47 -26.96
CA LEU B 210 32.10 -6.35 -26.56
C LEU B 210 31.86 -7.44 -27.61
N GLU B 211 31.87 -7.06 -28.89
CA GLU B 211 31.69 -8.00 -29.99
C GLU B 211 32.77 -9.08 -29.92
N LYS B 212 34.03 -8.65 -29.80
CA LYS B 212 35.17 -9.56 -29.75
C LYS B 212 35.06 -10.51 -28.56
N ASN B 213 34.74 -9.99 -27.36
CA ASN B 213 34.73 -10.81 -26.16
C ASN B 213 33.64 -11.87 -26.22
N ILE B 214 32.48 -11.51 -26.77
CA ILE B 214 31.37 -12.43 -26.86
C ILE B 214 31.68 -13.51 -27.91
N THR B 215 32.25 -13.09 -29.05
CA THR B 215 32.63 -14.02 -30.10
C THR B 215 33.60 -15.06 -29.52
N ARG B 216 34.63 -14.57 -28.82
CA ARG B 216 35.62 -15.44 -28.22
C ARG B 216 34.95 -16.38 -27.23
N GLY B 217 34.14 -15.80 -26.35
CA GLY B 217 33.47 -16.57 -25.30
C GLY B 217 32.61 -17.71 -25.85
N LEU B 218 31.84 -17.40 -26.90
CA LEU B 218 31.00 -18.38 -27.56
C LEU B 218 31.87 -19.50 -28.14
N GLU B 219 32.96 -19.13 -28.81
CA GLU B 219 33.87 -20.12 -29.39
C GLU B 219 34.38 -21.07 -28.30
N GLU B 220 34.84 -20.49 -27.19
CA GLU B 220 35.36 -21.29 -26.09
C GLU B 220 34.27 -22.24 -25.62
N GLU B 221 33.05 -21.72 -25.49
CA GLU B 221 31.94 -22.51 -24.98
C GLU B 221 31.70 -23.68 -25.93
N PHE B 222 31.70 -23.40 -27.24
CA PHE B 222 31.36 -24.40 -28.23
C PHE B 222 32.35 -25.56 -28.10
N ILE B 223 33.64 -25.24 -27.98
CA ILE B 223 34.68 -26.24 -27.88
C ILE B 223 34.40 -27.18 -26.70
N ARG B 224 34.06 -26.61 -25.53
CA ARG B 224 33.75 -27.43 -24.37
C ARG B 224 32.64 -28.45 -24.68
N ILE B 225 31.52 -27.99 -25.24
CA ILE B 225 30.37 -28.85 -25.47
C ILE B 225 30.71 -29.91 -26.53
N GLN B 226 31.42 -29.49 -27.59
CA GLN B 226 31.86 -30.35 -28.67
C GLN B 226 32.66 -31.53 -28.12
N ALA B 227 33.34 -31.31 -26.99
CA ALA B 227 34.24 -32.31 -26.44
C ALA B 227 33.47 -33.34 -25.61
N LYS B 228 32.18 -33.10 -25.33
CA LYS B 228 31.35 -34.09 -24.65
C LYS B 228 30.99 -35.27 -25.56
N GLU B 229 30.55 -36.38 -24.95
CA GLU B 229 30.09 -37.54 -25.72
C GLU B 229 28.63 -37.36 -26.13
N GLU B 230 28.35 -37.84 -27.34
CA GLU B 230 27.02 -37.76 -27.95
C GLU B 230 25.98 -38.30 -26.96
N SER B 231 25.00 -37.47 -26.62
CA SER B 231 23.96 -37.82 -25.65
C SER B 231 22.78 -36.86 -25.85
N GLU B 232 21.63 -37.16 -25.23
CA GLU B 232 20.54 -36.20 -25.18
C GLU B 232 21.01 -34.90 -24.50
N GLU B 233 21.78 -35.06 -23.42
CA GLU B 233 22.25 -33.93 -22.66
C GLU B 233 23.07 -33.02 -23.57
N LYS B 234 24.02 -33.64 -24.31
CA LYS B 234 24.93 -32.86 -25.14
C LYS B 234 24.12 -32.03 -26.12
N GLU B 235 23.16 -32.69 -26.79
CA GLU B 235 22.35 -32.05 -27.80
C GLU B 235 21.52 -30.94 -27.16
N GLU B 236 21.01 -31.15 -25.95
CA GLU B 236 20.30 -30.09 -25.24
C GLU B 236 21.20 -28.87 -25.01
N GLN B 237 22.46 -29.15 -24.62
CA GLN B 237 23.40 -28.05 -24.43
C GLN B 237 23.67 -27.36 -25.76
N VAL B 238 23.92 -28.20 -26.85
CA VAL B 238 24.17 -27.66 -28.20
C VAL B 238 23.01 -26.71 -28.56
N ALA B 239 21.78 -27.20 -28.34
CA ALA B 239 20.58 -26.45 -28.68
C ALA B 239 20.55 -25.19 -27.97
N GLU B 240 20.75 -25.20 -26.63
CA GLU B 240 20.74 -23.94 -25.85
C GLU B 240 21.82 -23.00 -26.36
N PHE B 241 23.03 -23.53 -26.59
CA PHE B 241 24.15 -22.73 -27.07
C PHE B 241 23.73 -21.98 -28.34
N GLN B 242 23.06 -22.69 -29.26
CA GLN B 242 22.72 -22.08 -30.55
C GLN B 242 21.74 -20.94 -30.31
N LYS B 243 20.77 -21.17 -29.42
CA LYS B 243 19.78 -20.15 -29.08
C LYS B 243 20.48 -18.89 -28.56
N GLN B 244 21.35 -19.09 -27.56
CA GLN B 244 22.08 -18.01 -26.92
C GLN B 244 22.95 -17.28 -27.95
N LYS B 245 23.68 -18.06 -28.76
CA LYS B 245 24.54 -17.51 -29.79
C LYS B 245 23.74 -16.56 -30.67
N GLU B 246 22.56 -17.00 -31.14
CA GLU B 246 21.77 -16.20 -32.03
C GLU B 246 21.34 -14.91 -31.35
N VAL B 247 20.87 -15.00 -30.09
CA VAL B 247 20.46 -13.81 -29.37
C VAL B 247 21.61 -12.82 -29.26
N LEU B 248 22.74 -13.30 -28.73
CA LEU B 248 23.85 -12.41 -28.40
C LEU B 248 24.38 -11.78 -29.68
N LEU B 249 24.51 -12.57 -30.74
CA LEU B 249 25.13 -12.04 -31.94
C LEU B 249 24.16 -11.12 -32.67
N SER B 250 22.85 -11.36 -32.57
CA SER B 250 21.84 -10.50 -33.19
C SER B 250 22.00 -9.06 -32.71
N LEU B 251 22.64 -8.86 -31.56
CA LEU B 251 22.84 -7.52 -31.03
C LEU B 251 23.73 -6.67 -31.94
N PHE B 252 24.65 -7.31 -32.65
CA PHE B 252 25.63 -6.62 -33.48
C PHE B 252 25.13 -6.43 -34.91
N ASP B 253 23.84 -6.72 -35.16
CA ASP B 253 23.24 -6.60 -36.48
C ASP B 253 22.47 -5.28 -36.58
N GLU B 254 23.18 -4.21 -37.04
CA GLU B 254 22.59 -2.89 -37.12
C GLU B 254 21.39 -2.86 -38.07
N LYS B 255 21.39 -3.70 -39.10
CA LYS B 255 20.33 -3.70 -40.10
C LYS B 255 19.05 -4.29 -39.52
N ARG B 256 19.14 -5.40 -38.78
CA ARG B 256 17.98 -5.95 -38.11
C ARG B 256 17.40 -4.89 -37.17
N HIS B 257 18.24 -4.12 -36.49
CA HIS B 257 17.75 -3.09 -35.59
C HIS B 257 16.92 -2.05 -36.35
N GLU B 258 17.45 -1.55 -37.48
CA GLU B 258 16.77 -0.55 -38.29
C GLU B 258 15.39 -1.05 -38.73
N HIS B 259 15.33 -2.33 -39.09
CA HIS B 259 14.11 -3.00 -39.52
C HIS B 259 13.10 -3.05 -38.38
N LEU B 260 13.54 -3.43 -37.18
CA LEU B 260 12.63 -3.54 -36.06
C LEU B 260 12.18 -2.14 -35.59
N LEU B 261 13.05 -1.12 -35.76
CA LEU B 261 12.66 0.27 -35.52
C LEU B 261 11.47 0.67 -36.41
N SER B 262 11.52 0.35 -37.72
CA SER B 262 10.48 0.75 -38.64
C SER B 262 9.15 0.06 -38.33
N LYS B 263 9.17 -1.15 -37.77
CA LYS B 263 7.96 -1.85 -37.39
C LYS B 263 7.46 -1.38 -36.02
N GLY B 264 8.27 -0.59 -35.33
CA GLY B 264 7.90 -0.05 -34.02
C GLY B 264 8.02 -1.09 -32.92
N GLU B 265 8.76 -2.17 -33.16
CA GLU B 265 9.01 -3.18 -32.14
C GLU B 265 10.18 -2.75 -31.25
N ARG B 266 11.01 -1.82 -31.75
CA ARG B 266 12.01 -1.12 -30.96
C ARG B 266 11.80 0.37 -31.14
N ARG B 267 12.36 1.19 -30.23
CA ARG B 267 12.08 2.63 -30.22
C ARG B 267 13.36 3.47 -30.24
N LEU B 268 14.45 2.95 -29.63
CA LEU B 268 15.69 3.70 -29.53
C LEU B 268 16.59 3.45 -30.74
N SER B 269 17.35 4.49 -31.11
CA SER B 269 18.39 4.36 -32.13
C SER B 269 19.41 3.31 -31.67
N TYR B 270 20.15 2.75 -32.63
CA TYR B 270 21.16 1.76 -32.36
C TYR B 270 22.20 2.34 -31.44
N ARG B 271 22.56 3.59 -31.67
CA ARG B 271 23.62 4.22 -30.89
C ARG B 271 23.15 4.45 -29.44
N ALA B 272 21.89 4.88 -29.27
CA ALA B 272 21.34 5.06 -27.94
C ALA B 272 21.30 3.73 -27.19
N LEU B 273 21.03 2.63 -27.91
CA LEU B 273 21.00 1.29 -27.34
C LEU B 273 22.37 0.96 -26.78
N GLN B 274 23.42 1.34 -27.51
CA GLN B 274 24.80 1.09 -27.10
C GLN B 274 25.11 1.85 -25.83
N GLY B 275 24.68 3.12 -25.77
CA GLY B 275 24.84 3.94 -24.58
C GLY B 275 24.16 3.34 -23.36
N ALA B 276 22.91 2.88 -23.54
CA ALA B 276 22.17 2.26 -22.45
C ALA B 276 22.88 1.03 -21.93
N LEU B 277 23.40 0.19 -22.83
CA LEU B 277 24.06 -1.04 -22.43
C LEU B 277 25.37 -0.72 -21.70
N MET B 278 26.03 0.34 -22.15
CA MET B 278 27.23 0.85 -21.50
C MET B 278 26.90 1.18 -20.04
N ILE B 279 25.79 1.89 -19.81
CA ILE B 279 25.40 2.32 -18.47
C ILE B 279 25.03 1.10 -17.63
N TYR B 280 24.38 0.10 -18.23
CA TYR B 280 24.00 -1.11 -17.50
C TYR B 280 25.23 -1.86 -17.00
N PHE B 281 26.17 -2.10 -17.91
CA PHE B 281 27.31 -2.93 -17.58
C PHE B 281 28.27 -2.20 -16.65
N TYR B 282 28.40 -0.87 -16.77
CA TYR B 282 29.35 -0.12 -15.96
C TYR B 282 28.63 0.73 -14.91
N ARG B 283 27.46 0.27 -14.45
CA ARG B 283 26.60 1.03 -13.54
C ARG B 283 27.30 1.51 -12.27
N GLU B 284 28.27 0.75 -11.77
CA GLU B 284 28.91 1.04 -10.50
C GLU B 284 29.98 2.13 -10.67
N GLU B 285 30.47 2.35 -11.89
CA GLU B 285 31.40 3.45 -12.15
C GLU B 285 30.72 4.77 -11.79
N PRO B 286 31.38 5.67 -11.03
CA PRO B 286 30.70 6.84 -10.44
C PRO B 286 29.85 7.70 -11.37
N ARG B 287 30.37 8.02 -12.56
CA ARG B 287 29.60 8.82 -13.52
C ARG B 287 28.35 8.11 -14.00
N PHE B 288 28.25 6.79 -13.85
CA PHE B 288 27.12 6.01 -14.35
C PHE B 288 26.10 5.62 -13.27
N GLN B 289 26.40 5.90 -12.01
CA GLN B 289 25.55 5.47 -10.91
C GLN B 289 24.18 6.14 -11.01
N VAL B 290 24.14 7.46 -11.10
CA VAL B 290 22.86 8.13 -11.16
C VAL B 290 22.18 7.94 -12.51
N PRO B 291 22.89 8.00 -13.66
CA PRO B 291 22.32 7.55 -14.94
C PRO B 291 21.65 6.19 -14.89
N PHE B 292 22.27 5.22 -14.20
CA PHE B 292 21.64 3.91 -14.07
C PHE B 292 20.32 4.01 -13.32
N GLN B 293 20.29 4.81 -12.26
CA GLN B 293 19.05 5.02 -11.53
C GLN B 293 18.00 5.68 -12.40
N LEU B 294 18.40 6.59 -13.27
CA LEU B 294 17.45 7.21 -14.20
C LEU B 294 16.82 6.15 -15.10
N LEU B 295 17.64 5.23 -15.64
CA LEU B 295 17.12 4.22 -16.56
C LEU B 295 16.14 3.35 -15.80
N THR B 296 16.48 2.96 -14.57
CA THR B 296 15.61 2.20 -13.68
C THR B 296 14.26 2.92 -13.48
N SER B 297 14.29 4.23 -13.27
CA SER B 297 13.09 4.99 -13.02
C SER B 297 12.20 5.08 -14.27
N LEU B 298 12.80 5.14 -15.46
CA LEU B 298 12.06 5.16 -16.72
C LEU B 298 11.29 3.85 -16.90
N MET B 299 11.94 2.74 -16.60
CA MET B 299 11.28 1.45 -16.62
C MET B 299 10.13 1.43 -15.60
N ASP B 300 10.36 1.97 -14.40
CA ASP B 300 9.33 2.02 -13.36
C ASP B 300 8.08 2.75 -13.84
N ILE B 301 8.27 3.88 -14.52
CA ILE B 301 7.17 4.69 -14.99
C ILE B 301 6.35 3.96 -16.02
N ASP B 302 7.00 3.24 -16.95
CA ASP B 302 6.27 2.46 -17.91
C ASP B 302 5.46 1.35 -17.23
N SER B 303 6.10 0.64 -16.30
CA SER B 303 5.40 -0.43 -15.57
C SER B 303 4.19 0.14 -14.82
N LEU B 304 4.34 1.31 -14.17
CA LEU B 304 3.27 1.86 -13.35
C LEU B 304 2.13 2.40 -14.21
N MET B 305 2.48 2.97 -15.37
CA MET B 305 1.49 3.40 -16.34
C MET B 305 0.66 2.20 -16.79
N THR B 306 1.34 1.07 -17.04
CA THR B 306 0.63 -0.13 -17.47
C THR B 306 -0.23 -0.67 -16.34
N LYS B 307 0.27 -0.57 -15.10
CA LYS B 307 -0.53 -1.04 -13.95
C LYS B 307 -1.76 -0.20 -13.78
N TRP B 308 -1.63 1.12 -13.98
CA TRP B 308 -2.79 1.99 -13.96
C TRP B 308 -3.81 1.53 -14.99
N ARG B 309 -3.36 1.20 -16.22
CA ARG B 309 -4.26 0.79 -17.28
C ARG B 309 -4.96 -0.52 -16.94
N TYR B 310 -4.20 -1.44 -16.33
CA TYR B 310 -4.73 -2.75 -15.93
C TYR B 310 -5.81 -2.57 -14.87
N ASN B 311 -5.54 -1.75 -13.85
CA ASN B 311 -6.50 -1.61 -12.75
C ASN B 311 -7.76 -0.94 -13.29
N HIS B 312 -7.61 -0.04 -14.26
CA HIS B 312 -8.73 0.64 -14.85
C HIS B 312 -9.61 -0.34 -15.64
N VAL B 313 -8.98 -1.22 -16.44
CA VAL B 313 -9.68 -2.28 -17.15
C VAL B 313 -10.50 -3.13 -16.18
N CYS B 314 -9.86 -3.63 -15.11
CA CYS B 314 -10.54 -4.49 -14.15
C CYS B 314 -11.77 -3.80 -13.58
N MET B 315 -11.74 -2.47 -13.46
CA MET B 315 -12.84 -1.77 -12.85
C MET B 315 -14.01 -1.59 -13.83
N VAL B 316 -13.70 -1.22 -15.09
CA VAL B 316 -14.71 -1.15 -16.13
C VAL B 316 -15.46 -2.48 -16.21
N HIS B 317 -14.74 -3.59 -16.08
CA HIS B 317 -15.33 -4.92 -16.16
C HIS B 317 -16.31 -5.15 -15.01
N ARG B 318 -15.91 -4.72 -13.79
CA ARG B 318 -16.69 -4.98 -12.59
C ARG B 318 -17.98 -4.17 -12.62
N MET B 319 -17.96 -3.03 -13.33
CA MET B 319 -19.10 -2.13 -13.37
C MET B 319 -19.99 -2.38 -14.59
N LEU B 320 -19.39 -2.57 -15.78
CA LEU B 320 -20.16 -2.64 -17.01
C LEU B 320 -20.32 -4.08 -17.46
N GLY B 321 -19.48 -4.98 -16.97
CA GLY B 321 -19.49 -6.37 -17.44
C GLY B 321 -18.73 -6.49 -18.76
N SER B 322 -18.52 -7.71 -19.26
CA SER B 322 -17.91 -7.86 -20.58
C SER B 322 -18.92 -7.43 -21.65
N LYS B 323 -18.45 -6.69 -22.67
CA LYS B 323 -19.33 -6.14 -23.71
C LYS B 323 -20.63 -5.59 -23.08
N SER B 330 -15.20 -3.81 -27.98
CA SER B 330 -15.93 -3.18 -26.83
C SER B 330 -14.97 -2.33 -26.01
N GLY B 331 -15.51 -1.60 -25.02
CA GLY B 331 -14.69 -0.79 -24.13
C GLY B 331 -13.65 -1.67 -23.43
N TYR B 332 -14.18 -2.64 -22.65
CA TYR B 332 -13.39 -3.64 -21.95
C TYR B 332 -12.30 -4.22 -22.86
N HIS B 333 -12.66 -4.63 -24.10
CA HIS B 333 -11.71 -5.26 -25.00
C HIS B 333 -10.67 -4.28 -25.56
N TYR B 334 -11.12 -3.05 -25.89
CA TYR B 334 -10.18 -2.03 -26.35
C TYR B 334 -9.18 -1.71 -25.24
N LEU B 335 -9.68 -1.55 -24.01
CA LEU B 335 -8.84 -1.18 -22.88
C LEU B 335 -7.83 -2.32 -22.61
N ARG B 336 -8.28 -3.58 -22.75
CA ARG B 336 -7.40 -4.73 -22.56
C ARG B 336 -6.24 -4.68 -23.56
N SER B 337 -6.54 -4.19 -24.77
CA SER B 337 -5.55 -4.09 -25.84
C SER B 337 -4.51 -3.01 -25.50
N THR B 338 -4.90 -2.03 -24.65
CA THR B 338 -3.95 -1.00 -24.24
C THR B 338 -2.92 -1.57 -23.27
N VAL B 339 -3.26 -2.70 -22.62
CA VAL B 339 -2.31 -3.38 -21.75
C VAL B 339 -1.43 -4.27 -22.63
N SER B 340 -0.43 -3.67 -23.28
CA SER B 340 0.43 -4.39 -24.22
C SER B 340 1.74 -3.62 -24.42
N ASP B 341 2.74 -4.28 -25.02
CA ASP B 341 4.04 -3.66 -25.27
C ASP B 341 3.94 -2.53 -26.28
N ARG B 342 2.82 -2.47 -26.99
CA ARG B 342 2.54 -1.40 -27.94
C ARG B 342 2.49 -0.04 -27.24
N TYR B 343 2.17 -0.02 -25.92
CA TYR B 343 2.09 1.22 -25.17
C TYR B 343 3.29 1.38 -24.23
N LYS B 344 4.27 0.47 -24.28
CA LYS B 344 5.49 0.59 -23.49
C LYS B 344 6.57 1.35 -24.25
N VAL B 345 6.78 2.61 -23.87
CA VAL B 345 7.70 3.50 -24.53
C VAL B 345 9.16 3.07 -24.35
N PHE B 346 9.54 2.56 -23.18
CA PHE B 346 10.94 2.24 -22.92
C PHE B 346 11.19 0.74 -22.96
N VAL B 347 10.46 0.02 -23.82
CA VAL B 347 10.61 -1.41 -24.03
C VAL B 347 12.06 -1.82 -24.26
N ASP B 348 12.86 -0.98 -24.91
CA ASP B 348 14.24 -1.34 -25.21
C ASP B 348 15.06 -1.44 -23.93
N LEU B 349 14.71 -0.65 -22.90
CA LEU B 349 15.41 -0.70 -21.62
C LEU B 349 15.13 -2.01 -20.90
N PHE B 350 13.89 -2.50 -20.95
CA PHE B 350 13.54 -3.78 -20.38
C PHE B 350 14.32 -4.89 -21.07
N ASN B 351 14.44 -4.79 -22.39
CA ASN B 351 14.85 -5.92 -23.21
C ASN B 351 16.36 -6.08 -23.14
N LEU B 352 17.09 -5.15 -22.54
CA LEU B 352 18.52 -5.35 -22.32
C LEU B 352 18.83 -6.54 -21.38
N SER B 353 17.88 -6.99 -20.55
CA SER B 353 17.98 -8.27 -19.84
C SER B 353 18.24 -9.46 -20.77
N THR B 354 17.71 -9.45 -21.99
CA THR B 354 17.93 -10.48 -22.99
C THR B 354 19.42 -10.68 -23.27
N TYR B 355 20.23 -9.60 -23.17
CA TYR B 355 21.61 -9.61 -23.63
C TYR B 355 22.59 -9.68 -22.46
N LEU B 356 22.19 -10.28 -21.33
CA LEU B 356 23.11 -10.55 -20.24
C LEU B 356 24.09 -11.67 -20.60
N ILE B 357 25.35 -11.44 -20.21
CA ILE B 357 26.49 -12.29 -20.52
C ILE B 357 27.23 -12.54 -19.22
N PRO B 358 28.11 -13.57 -19.14
CA PRO B 358 28.92 -13.75 -17.93
C PRO B 358 29.73 -12.48 -17.66
N ARG B 359 29.91 -12.15 -16.38
CA ARG B 359 30.55 -10.91 -15.99
C ARG B 359 31.96 -10.80 -16.58
N HIS B 360 32.66 -11.95 -16.66
CA HIS B 360 34.04 -11.98 -17.11
C HIS B 360 34.16 -11.69 -18.61
N TRP B 361 33.04 -11.66 -19.35
CA TRP B 361 33.09 -11.30 -20.78
C TRP B 361 32.97 -9.79 -20.95
N ILE B 362 32.61 -9.07 -19.90
CA ILE B 362 32.44 -7.63 -20.01
C ILE B 362 33.82 -6.98 -20.14
N PRO B 363 34.06 -6.14 -21.18
CA PRO B 363 35.37 -5.48 -21.33
C PRO B 363 35.76 -4.80 -20.03
N LYS B 364 36.99 -5.04 -19.58
CA LYS B 364 37.46 -4.49 -18.31
C LYS B 364 37.63 -2.97 -18.43
N MET B 365 37.15 -2.23 -17.44
CA MET B 365 37.29 -0.78 -17.44
C MET B 365 38.72 -0.45 -17.03
N ASN B 366 39.13 -0.91 -15.83
CA ASN B 366 40.50 -0.80 -15.35
C ASN B 366 40.86 0.65 -14.99
N PRO B 367 41.80 0.85 -14.03
CA PRO B 367 42.32 2.19 -13.72
C PRO B 367 42.77 2.92 -14.99
N THR B 368 43.26 2.14 -15.96
CA THR B 368 43.82 2.66 -17.21
C THR B 368 42.92 3.76 -17.77
N ILE B 369 41.63 3.45 -17.92
CA ILE B 369 40.68 4.40 -18.49
C ILE B 369 39.67 4.81 -17.41
N HIS B 370 39.83 4.25 -16.19
CA HIS B 370 38.88 4.45 -15.10
C HIS B 370 38.49 5.93 -14.99
N LYS B 371 39.46 6.82 -15.19
CA LYS B 371 39.28 8.23 -14.86
C LYS B 371 38.18 8.87 -15.68
N PHE B 372 37.99 8.44 -16.95
CA PHE B 372 37.02 9.10 -17.83
C PHE B 372 35.61 9.00 -17.21
N LEU B 373 35.42 8.04 -16.30
CA LEU B 373 34.16 7.87 -15.58
C LEU B 373 34.30 8.24 -14.11
N GLU B 374 35.32 9.05 -13.76
CA GLU B 374 35.54 9.49 -12.38
C GLU B 374 35.34 11.00 -12.31
N HIS B 375 34.36 11.43 -11.49
CA HIS B 375 34.01 12.85 -11.41
C HIS B 375 34.65 13.46 -10.16
N LEU C 24 17.90 -29.18 -5.43
CA LEU C 24 17.26 -29.75 -6.65
C LEU C 24 15.92 -29.06 -6.90
N ILE C 25 14.85 -29.55 -6.27
CA ILE C 25 13.46 -29.20 -6.50
C ILE C 25 13.08 -28.03 -5.59
N TYR C 26 12.10 -27.22 -6.00
CA TYR C 26 11.66 -26.03 -5.29
C TYR C 26 11.63 -26.23 -3.77
N GLY C 27 10.83 -27.22 -3.33
CA GLY C 27 10.64 -27.48 -1.91
C GLY C 27 11.97 -27.78 -1.19
N ASN C 28 12.89 -28.45 -1.87
CA ASN C 28 14.18 -28.77 -1.26
C ASN C 28 15.09 -27.55 -1.22
N TYR C 29 15.07 -26.78 -2.31
CA TYR C 29 15.91 -25.61 -2.43
C TYR C 29 15.50 -24.62 -1.33
N LEU C 30 14.20 -24.47 -1.07
CA LEU C 30 13.71 -23.55 -0.06
C LEU C 30 13.57 -24.19 1.33
N HIS C 31 13.95 -25.46 1.47
CA HIS C 31 13.83 -26.18 2.73
C HIS C 31 12.44 -26.02 3.33
N LEU C 32 11.43 -26.24 2.50
CA LEU C 32 10.05 -26.14 2.94
C LEU C 32 9.69 -27.25 3.93
N GLU C 33 10.47 -28.34 3.97
CA GLU C 33 10.25 -29.40 4.94
C GLU C 33 10.41 -28.84 6.36
N LYS C 34 11.22 -27.78 6.50
CA LYS C 34 11.36 -27.10 7.78
C LYS C 34 10.36 -25.94 7.91
N VAL C 35 10.25 -25.10 6.88
CA VAL C 35 9.49 -23.86 6.99
C VAL C 35 8.02 -24.17 7.21
N LEU C 36 7.51 -25.19 6.49
CA LEU C 36 6.09 -25.52 6.51
C LEU C 36 5.77 -26.66 7.48
N ASN C 37 6.72 -27.09 8.31
CA ASN C 37 6.43 -27.98 9.42
C ASN C 37 6.86 -27.34 10.74
N ALA C 38 6.55 -26.04 10.91
CA ALA C 38 7.01 -25.25 12.03
C ALA C 38 5.84 -24.55 12.74
N GLN C 39 4.62 -25.01 12.46
CA GLN C 39 3.41 -24.38 12.95
C GLN C 39 2.68 -25.34 13.90
N GLU C 40 2.86 -25.15 15.20
CA GLU C 40 2.19 -25.94 16.23
C GLU C 40 1.35 -25.01 17.11
N LEU C 41 0.02 -25.17 17.06
CA LEU C 41 -0.86 -24.36 17.86
C LEU C 41 -0.84 -24.89 19.29
N GLN C 42 -0.47 -24.03 20.26
CA GLN C 42 -0.49 -24.44 21.65
C GLN C 42 -1.92 -24.74 22.10
N SER C 43 -2.90 -24.01 21.55
CA SER C 43 -4.31 -24.29 21.86
C SER C 43 -4.64 -25.75 21.52
N GLU C 44 -4.08 -26.26 20.42
CA GLU C 44 -4.34 -27.61 19.96
C GLU C 44 -3.56 -28.63 20.77
N THR C 45 -2.33 -28.29 21.16
CA THR C 45 -1.50 -29.14 22.00
C THR C 45 -2.18 -29.39 23.34
N LYS C 46 -2.97 -28.42 23.84
CA LYS C 46 -3.66 -28.54 25.11
C LYS C 46 -5.13 -28.93 24.93
N GLY C 47 -5.50 -29.45 23.75
CA GLY C 47 -6.80 -30.06 23.52
C GLY C 47 -7.94 -29.06 23.33
N ASN C 48 -7.65 -27.86 22.77
CA ASN C 48 -8.66 -26.81 22.61
C ASN C 48 -8.28 -25.86 21.46
N LYS C 49 -8.11 -26.43 20.27
CA LYS C 49 -7.68 -25.74 19.07
C LYS C 49 -8.52 -24.50 18.81
N ILE C 50 -7.83 -23.36 18.62
CA ILE C 50 -8.46 -22.08 18.31
C ILE C 50 -7.95 -21.64 16.96
N HIS C 51 -8.88 -21.44 16.01
CA HIS C 51 -8.58 -21.26 14.59
C HIS C 51 -7.55 -20.15 14.38
N ASP C 52 -7.75 -18.98 15.05
CA ASP C 52 -6.97 -17.78 14.75
C ASP C 52 -5.54 -17.88 15.28
N GLU C 53 -5.22 -18.85 16.15
CA GLU C 53 -3.86 -18.96 16.62
C GLU C 53 -2.92 -19.23 15.45
N HIS C 54 -3.42 -19.87 14.39
CA HIS C 54 -2.57 -20.18 13.24
C HIS C 54 -2.06 -18.89 12.59
N LEU C 55 -2.95 -17.91 12.41
CA LEU C 55 -2.59 -16.61 11.86
C LEU C 55 -1.54 -15.91 12.72
N PHE C 56 -1.67 -16.04 14.06
CA PHE C 56 -0.76 -15.39 14.97
C PHE C 56 0.66 -15.94 14.75
N ILE C 57 0.76 -17.26 14.59
CA ILE C 57 2.04 -17.92 14.40
C ILE C 57 2.65 -17.49 13.06
N ILE C 58 1.88 -17.58 11.98
CA ILE C 58 2.42 -17.33 10.65
C ILE C 58 2.84 -15.86 10.56
N THR C 59 2.02 -14.94 11.08
CA THR C 59 2.38 -13.55 11.01
C THR C 59 3.78 -13.32 11.59
N HIS C 60 4.02 -13.85 12.78
CA HIS C 60 5.30 -13.68 13.45
C HIS C 60 6.43 -14.34 12.68
N GLN C 61 6.18 -15.53 12.14
CA GLN C 61 7.21 -16.24 11.37
C GLN C 61 7.61 -15.42 10.15
N ALA C 62 6.65 -14.75 9.54
CA ALA C 62 6.91 -13.91 8.38
C ALA C 62 7.74 -12.68 8.79
N TYR C 63 7.38 -12.06 9.93
CA TYR C 63 8.17 -10.94 10.46
C TYR C 63 9.62 -11.40 10.65
N GLU C 64 9.82 -12.58 11.24
CA GLU C 64 11.16 -13.08 11.54
C GLU C 64 11.97 -13.42 10.27
N LEU C 65 11.36 -13.98 9.24
CA LEU C 65 12.05 -14.18 7.97
C LEU C 65 12.56 -12.84 7.43
N TRP C 66 11.70 -11.81 7.46
CA TRP C 66 12.12 -10.51 6.92
C TRP C 66 13.16 -9.83 7.82
N PHE C 67 13.06 -10.03 9.14
CA PHE C 67 14.12 -9.52 10.01
C PHE C 67 15.46 -10.17 9.64
N LYS C 68 15.45 -11.47 9.36
CA LYS C 68 16.67 -12.14 8.95
C LYS C 68 17.22 -11.52 7.67
N GLN C 69 16.36 -11.17 6.74
CA GLN C 69 16.77 -10.54 5.49
C GLN C 69 17.37 -9.15 5.76
N ILE C 70 16.73 -8.37 6.65
CA ILE C 70 17.24 -7.05 6.98
C ILE C 70 18.61 -7.16 7.63
N LEU C 71 18.80 -8.12 8.55
CA LEU C 71 20.09 -8.35 9.16
C LEU C 71 21.15 -8.69 8.11
N TRP C 72 20.77 -9.48 7.12
CA TRP C 72 21.67 -9.91 6.06
C TRP C 72 22.14 -8.71 5.23
N GLU C 73 21.22 -7.80 4.89
CA GLU C 73 21.56 -6.61 4.14
C GLU C 73 22.41 -5.68 4.97
N LEU C 74 22.00 -5.47 6.21
CA LEU C 74 22.64 -4.52 7.11
C LEU C 74 24.05 -4.98 7.46
N ASP C 75 24.21 -6.28 7.73
CA ASP C 75 25.53 -6.83 8.00
C ASP C 75 26.43 -6.66 6.77
N SER C 76 25.91 -6.84 5.55
CA SER C 76 26.73 -6.69 4.36
C SER C 76 27.19 -5.24 4.20
N VAL C 77 26.33 -4.29 4.59
CA VAL C 77 26.67 -2.87 4.47
C VAL C 77 27.69 -2.50 5.54
N ARG C 78 27.49 -3.01 6.76
CA ARG C 78 28.46 -2.76 7.83
C ARG C 78 29.85 -3.23 7.38
N GLU C 79 29.91 -4.42 6.75
CA GLU C 79 31.16 -5.00 6.29
C GLU C 79 31.85 -4.12 5.23
N ILE C 80 31.08 -3.57 4.29
CA ILE C 80 31.61 -2.69 3.24
C ILE C 80 32.29 -1.47 3.85
N PHE C 81 31.74 -0.96 4.98
CA PHE C 81 32.36 0.15 5.68
C PHE C 81 33.61 -0.32 6.42
N GLN C 82 33.48 -1.40 7.19
CA GLN C 82 34.51 -1.84 8.11
C GLN C 82 35.76 -2.35 7.37
N ASN C 83 35.60 -2.89 6.16
CA ASN C 83 36.70 -3.45 5.40
C ASN C 83 37.34 -2.42 4.47
N GLY C 84 36.82 -1.18 4.47
CA GLY C 84 37.44 -0.12 3.69
C GLY C 84 36.91 -0.03 2.26
N HIS C 85 36.01 -0.93 1.86
CA HIS C 85 35.52 -0.95 0.49
C HIS C 85 34.76 0.34 0.16
N VAL C 86 34.10 0.92 1.16
CA VAL C 86 33.35 2.16 0.95
C VAL C 86 34.29 3.27 0.46
N ARG C 87 35.59 3.16 0.70
CA ARG C 87 36.52 4.20 0.30
C ARG C 87 36.51 4.33 -1.21
N ASP C 88 36.34 3.21 -1.91
CA ASP C 88 36.20 3.20 -3.36
C ASP C 88 34.75 3.58 -3.66
N GLU C 89 34.56 4.76 -4.26
CA GLU C 89 33.23 5.36 -4.43
C GLU C 89 32.40 4.58 -5.45
N ARG C 90 33.03 3.63 -6.16
CA ARG C 90 32.25 2.77 -7.04
C ARG C 90 31.26 1.91 -6.25
N ASN C 91 31.50 1.72 -4.95
CA ASN C 91 30.67 0.82 -4.15
C ASN C 91 29.48 1.55 -3.53
N MET C 92 29.33 2.86 -3.76
CA MET C 92 28.23 3.60 -3.15
C MET C 92 26.87 3.17 -3.69
N LEU C 93 26.80 2.75 -4.97
CA LEU C 93 25.51 2.36 -5.53
C LEU C 93 24.98 1.12 -4.81
N LYS C 94 25.84 0.13 -4.58
CA LYS C 94 25.50 -1.08 -3.86
C LYS C 94 25.06 -0.75 -2.43
N VAL C 95 25.76 0.20 -1.80
CA VAL C 95 25.43 0.58 -0.45
C VAL C 95 24.03 1.17 -0.40
N VAL C 96 23.75 2.13 -1.28
CA VAL C 96 22.45 2.78 -1.29
C VAL C 96 21.35 1.83 -1.73
N SER C 97 21.61 0.92 -2.70
CA SER C 97 20.59 -0.03 -3.11
C SER C 97 20.18 -0.92 -1.96
N ARG C 98 21.15 -1.41 -1.17
CA ARG C 98 20.84 -2.31 -0.08
C ARG C 98 20.12 -1.59 1.05
N MET C 99 20.49 -0.33 1.31
CA MET C 99 19.83 0.44 2.35
C MET C 99 18.40 0.77 1.89
N HIS C 100 18.23 1.10 0.61
CA HIS C 100 16.90 1.27 0.04
C HIS C 100 16.09 -0.01 0.14
N ARG C 101 16.72 -1.17 -0.10
CA ARG C 101 16.02 -2.44 0.01
C ARG C 101 15.53 -2.66 1.46
N VAL C 102 16.35 -2.29 2.46
CA VAL C 102 15.91 -2.39 3.84
C VAL C 102 14.64 -1.58 4.06
N SER C 103 14.58 -0.37 3.50
CA SER C 103 13.42 0.49 3.66
C SER C 103 12.18 -0.11 3.03
N VAL C 104 12.35 -0.75 1.84
CA VAL C 104 11.22 -1.33 1.13
C VAL C 104 10.69 -2.53 1.94
N ILE C 105 11.56 -3.33 2.55
CA ILE C 105 11.12 -4.40 3.42
C ILE C 105 10.36 -3.84 4.64
N LEU C 106 10.92 -2.81 5.29
CA LEU C 106 10.29 -2.24 6.48
C LEU C 106 8.90 -1.71 6.14
N LYS C 107 8.76 -1.13 4.94
CA LYS C 107 7.47 -0.63 4.49
C LYS C 107 6.47 -1.78 4.42
N LEU C 108 6.92 -2.91 3.91
CA LEU C 108 6.03 -4.07 3.82
C LEU C 108 5.67 -4.53 5.24
N LEU C 109 6.65 -4.58 6.16
CA LEU C 109 6.40 -4.98 7.53
C LEU C 109 5.37 -4.10 8.24
N VAL C 110 5.35 -2.81 7.92
CA VAL C 110 4.35 -1.90 8.46
C VAL C 110 2.96 -2.23 7.91
N GLN C 111 2.86 -2.50 6.60
CA GLN C 111 1.60 -2.90 5.94
C GLN C 111 1.11 -4.24 6.48
N GLN C 112 2.04 -5.12 6.88
CA GLN C 112 1.70 -6.46 7.34
C GLN C 112 0.84 -6.46 8.60
N PHE C 113 0.85 -5.36 9.37
CA PHE C 113 -0.03 -5.27 10.53
C PHE C 113 -1.48 -5.38 10.12
N SER C 114 -1.82 -4.92 8.91
CA SER C 114 -3.20 -5.02 8.43
C SER C 114 -3.70 -6.47 8.47
N ILE C 115 -2.82 -7.46 8.35
CA ILE C 115 -3.29 -8.83 8.40
C ILE C 115 -3.74 -9.20 9.82
N LEU C 116 -2.97 -8.80 10.81
CA LEU C 116 -3.27 -9.17 12.18
C LEU C 116 -4.44 -8.34 12.70
N GLU C 117 -4.74 -7.23 12.05
CA GLU C 117 -5.94 -6.47 12.42
C GLU C 117 -7.23 -7.19 11.98
N THR C 118 -7.15 -8.24 11.13
CA THR C 118 -8.33 -9.05 10.83
C THR C 118 -8.64 -10.03 11.97
N MET C 119 -7.80 -10.11 13.01
CA MET C 119 -8.11 -10.85 14.22
C MET C 119 -8.74 -9.94 15.26
N THR C 120 -9.93 -10.30 15.74
CA THR C 120 -10.58 -9.48 16.75
C THR C 120 -9.95 -9.78 18.11
N ALA C 121 -10.15 -8.86 19.05
CA ALA C 121 -9.67 -9.02 20.41
C ALA C 121 -10.39 -10.20 21.07
N LEU C 122 -11.69 -10.38 20.78
CA LEU C 122 -12.44 -11.52 21.32
C LEU C 122 -11.81 -12.84 20.92
N ASP C 123 -11.39 -12.96 19.64
CA ASP C 123 -10.86 -14.21 19.13
C ASP C 123 -9.44 -14.43 19.68
N PHE C 124 -8.68 -13.35 19.79
CA PHE C 124 -7.37 -13.40 20.41
C PHE C 124 -7.50 -13.87 21.86
N ASN C 125 -8.54 -13.40 22.54
CA ASN C 125 -8.78 -13.73 23.94
C ASN C 125 -9.00 -15.23 24.15
N ASP C 126 -9.33 -15.97 23.08
CA ASP C 126 -9.61 -17.39 23.23
C ASP C 126 -8.33 -18.25 23.28
N PHE C 127 -7.20 -17.73 22.81
CA PHE C 127 -5.98 -18.53 22.86
C PHE C 127 -4.84 -17.81 23.59
N ARG C 128 -5.09 -16.59 24.08
CA ARG C 128 -4.04 -15.79 24.70
C ARG C 128 -3.44 -16.51 25.91
N GLU C 129 -4.25 -17.29 26.63
CA GLU C 129 -3.81 -18.00 27.82
C GLU C 129 -2.71 -19.01 27.51
N TYR C 130 -2.67 -19.55 26.29
CA TYR C 130 -1.74 -20.62 25.95
C TYR C 130 -0.38 -20.05 25.54
N LEU C 131 -0.22 -18.72 25.58
CA LEU C 131 0.99 -18.08 25.10
C LEU C 131 2.00 -17.91 26.24
N SER C 132 1.52 -17.57 27.44
CA SER C 132 2.41 -17.33 28.57
C SER C 132 3.35 -18.51 28.76
N PRO C 133 4.65 -18.29 29.03
CA PRO C 133 5.20 -16.94 29.25
C PRO C 133 5.97 -16.34 28.07
N ALA C 134 5.53 -16.61 26.84
CA ALA C 134 6.23 -16.12 25.65
C ALA C 134 5.90 -14.65 25.40
N SER C 135 6.88 -13.93 24.82
CA SER C 135 6.71 -12.50 24.53
C SER C 135 7.64 -12.12 23.38
N GLY C 136 7.24 -11.06 22.65
CA GLY C 136 8.07 -10.50 21.60
C GLY C 136 9.40 -9.99 22.14
N PHE C 137 9.42 -9.62 23.42
CA PHE C 137 10.62 -9.15 24.10
C PHE C 137 11.73 -10.18 23.89
N GLN C 138 11.33 -11.41 23.55
CA GLN C 138 12.29 -12.50 23.38
C GLN C 138 12.70 -12.64 21.91
N SER C 139 12.32 -11.69 21.03
CA SER C 139 12.78 -11.70 19.65
C SER C 139 14.25 -11.32 19.57
N LEU C 140 15.11 -12.34 19.48
CA LEU C 140 16.54 -12.14 19.33
C LEU C 140 16.82 -11.19 18.17
N GLN C 141 16.18 -11.46 17.01
CA GLN C 141 16.54 -10.76 15.80
C GLN C 141 16.15 -9.29 15.88
N PHE C 142 15.03 -8.98 16.54
CA PHE C 142 14.63 -7.59 16.67
C PHE C 142 15.68 -6.81 17.47
N ARG C 143 16.21 -7.43 18.53
CA ARG C 143 17.23 -6.81 19.35
C ARG C 143 18.52 -6.67 18.55
N LEU C 144 18.94 -7.72 17.83
CA LEU C 144 20.13 -7.66 16.99
C LEU C 144 20.04 -6.48 16.03
N LEU C 145 18.85 -6.29 15.45
CA LEU C 145 18.63 -5.22 14.50
C LEU C 145 18.76 -3.84 15.17
N GLU C 146 18.16 -3.67 16.34
CA GLU C 146 18.27 -2.43 17.08
C GLU C 146 19.74 -2.11 17.38
N ASN C 147 20.46 -3.12 17.89
CA ASN C 147 21.84 -2.96 18.31
C ASN C 147 22.74 -2.64 17.11
N LYS C 148 22.57 -3.35 15.99
CA LYS C 148 23.47 -3.20 14.87
C LYS C 148 23.27 -1.85 14.18
N ILE C 149 22.05 -1.30 14.23
CA ILE C 149 21.81 0.03 13.70
C ILE C 149 22.49 1.05 14.60
N GLY C 150 22.33 0.90 15.93
CA GLY C 150 23.07 1.71 16.88
C GLY C 150 22.23 2.25 18.04
N VAL C 151 21.18 1.53 18.44
CA VAL C 151 20.44 1.89 19.65
C VAL C 151 21.34 1.61 20.85
N LEU C 152 21.57 2.61 21.70
CA LEU C 152 22.47 2.43 22.84
C LEU C 152 21.72 1.82 24.02
N GLN C 153 22.36 0.84 24.67
CA GLN C 153 21.74 0.10 25.74
C GLN C 153 21.38 1.03 26.90
N ASN C 154 22.29 1.95 27.23
CA ASN C 154 22.11 2.88 28.34
C ASN C 154 20.90 3.79 28.08
N MET C 155 20.51 3.95 26.80
CA MET C 155 19.44 4.84 26.39
C MET C 155 18.11 4.11 26.30
N ARG C 156 18.06 2.80 26.60
CA ARG C 156 16.82 2.04 26.52
C ARG C 156 15.92 2.39 27.70
N VAL C 157 14.61 2.46 27.44
CA VAL C 157 13.63 2.59 28.51
C VAL C 157 13.54 1.24 29.20
N PRO C 158 13.69 1.18 30.54
CA PRO C 158 13.54 -0.09 31.26
C PRO C 158 12.07 -0.53 31.28
N TYR C 159 11.83 -1.83 31.12
CA TYR C 159 10.51 -2.41 31.37
C TYR C 159 10.52 -3.15 32.71
N ASN C 160 9.61 -2.74 33.62
CA ASN C 160 9.56 -3.32 34.96
C ASN C 160 10.95 -3.28 35.60
N ARG C 161 11.65 -2.14 35.45
CA ARG C 161 12.96 -1.93 36.04
C ARG C 161 13.87 -3.14 35.76
N ARG C 162 13.95 -3.51 34.48
CA ARG C 162 14.73 -4.67 34.06
C ARG C 162 15.61 -4.36 32.86
N HIS C 163 16.65 -5.19 32.69
CA HIS C 163 17.55 -5.09 31.55
C HIS C 163 16.96 -5.91 30.40
N TYR C 164 17.15 -5.41 29.16
CA TYR C 164 16.51 -6.03 28.01
C TYR C 164 17.06 -7.45 27.80
N ARG C 165 18.37 -7.61 28.02
CA ARG C 165 19.05 -8.88 27.83
C ARG C 165 18.69 -9.90 28.91
N ASP C 166 17.99 -9.50 29.97
CA ASP C 166 17.64 -10.41 31.06
C ASP C 166 16.77 -11.56 30.58
N ASN C 167 16.09 -11.37 29.44
CA ASN C 167 15.17 -12.35 28.88
C ASN C 167 15.91 -13.37 28.03
N PHE C 168 17.24 -13.26 27.94
CA PHE C 168 18.01 -14.08 27.02
C PHE C 168 19.13 -14.77 27.78
N LYS C 169 19.50 -15.97 27.29
CA LYS C 169 20.45 -16.84 27.97
C LYS C 169 21.24 -17.63 26.91
N GLY C 170 22.42 -18.15 27.30
CA GLY C 170 23.23 -19.03 26.46
C GLY C 170 23.88 -18.28 25.29
N GLU C 171 23.98 -18.97 24.14
CA GLU C 171 24.57 -18.40 22.92
C GLU C 171 23.82 -17.13 22.47
N GLU C 172 22.51 -17.07 22.73
CA GLU C 172 21.70 -15.93 22.38
C GLU C 172 22.18 -14.68 23.12
N ASN C 173 22.43 -14.81 24.43
CA ASN C 173 22.93 -13.70 25.22
C ASN C 173 24.30 -13.28 24.71
N GLU C 174 25.08 -14.27 24.24
CA GLU C 174 26.41 -14.08 23.67
C GLU C 174 26.31 -13.28 22.38
N LEU C 175 25.40 -13.70 21.49
CA LEU C 175 25.18 -13.03 20.21
C LEU C 175 24.80 -11.56 20.46
N LEU C 176 23.94 -11.33 21.46
CA LEU C 176 23.47 -9.98 21.77
C LEU C 176 24.64 -9.10 22.22
N LEU C 177 25.57 -9.67 23.00
CA LEU C 177 26.73 -8.95 23.48
C LEU C 177 27.61 -8.52 22.30
N LYS C 178 27.94 -9.47 21.42
CA LYS C 178 28.71 -9.17 20.22
C LYS C 178 28.04 -8.02 19.45
N SER C 179 26.70 -8.06 19.35
CA SER C 179 26.00 -7.05 18.59
C SER C 179 26.13 -5.68 19.25
N GLU C 180 26.32 -5.63 20.57
CA GLU C 180 26.50 -4.37 21.30
C GLU C 180 27.94 -3.85 21.15
N GLN C 181 28.90 -4.78 21.10
CA GLN C 181 30.33 -4.47 21.15
C GLN C 181 30.92 -4.24 19.76
N GLU C 182 30.42 -4.93 18.73
CA GLU C 182 30.88 -4.70 17.37
C GLU C 182 30.44 -3.31 16.92
N LYS C 183 31.16 -2.77 15.92
CA LYS C 183 30.87 -1.45 15.40
C LYS C 183 29.46 -1.43 14.78
N THR C 184 28.70 -0.40 15.16
CA THR C 184 27.33 -0.23 14.70
C THR C 184 27.34 0.52 13.37
N LEU C 185 26.17 0.53 12.70
CA LEU C 185 26.02 1.27 11.47
C LEU C 185 26.28 2.75 11.72
N LEU C 186 25.76 3.27 12.84
CA LEU C 186 25.96 4.65 13.23
C LEU C 186 27.46 4.97 13.33
N GLU C 187 28.23 4.11 14.01
CA GLU C 187 29.66 4.36 14.21
C GLU C 187 30.43 4.30 12.89
N LEU C 188 30.06 3.37 12.02
CA LEU C 188 30.75 3.20 10.75
C LEU C 188 30.43 4.37 9.81
N VAL C 189 29.17 4.81 9.77
CA VAL C 189 28.80 6.02 9.04
C VAL C 189 29.52 7.25 9.61
N GLU C 190 29.57 7.36 10.94
CA GLU C 190 30.24 8.48 11.59
C GLU C 190 31.68 8.60 11.10
N ALA C 191 32.44 7.49 11.16
CA ALA C 191 33.82 7.48 10.71
C ALA C 191 33.94 7.95 9.25
N TRP C 192 33.05 7.47 8.39
CA TRP C 192 33.08 7.83 6.97
C TRP C 192 32.74 9.30 6.78
N LEU C 193 31.79 9.82 7.57
CA LEU C 193 31.40 11.23 7.51
C LEU C 193 32.57 12.13 7.93
N GLU C 194 33.41 11.67 8.86
CA GLU C 194 34.54 12.45 9.36
C GLU C 194 35.56 12.70 8.25
N ARG C 195 35.63 11.78 7.26
CA ARG C 195 36.61 11.89 6.18
C ARG C 195 36.05 12.63 4.96
N THR C 196 34.84 13.21 5.07
CA THR C 196 34.19 13.86 3.94
C THR C 196 35.09 14.98 3.39
N PRO C 197 35.38 15.01 2.06
CA PRO C 197 36.18 16.08 1.47
C PRO C 197 35.51 17.46 1.59
N GLY C 198 36.33 18.48 1.88
CA GLY C 198 35.85 19.85 1.99
C GLY C 198 36.04 20.47 3.36
N LEU C 199 36.27 19.63 4.39
CA LEU C 199 36.37 20.10 5.76
C LEU C 199 37.76 20.65 6.07
N GLU C 200 38.74 20.38 5.18
CA GLU C 200 40.13 20.74 5.42
C GLU C 200 40.27 22.25 5.61
N PRO C 201 40.73 22.72 6.79
CA PRO C 201 40.92 24.15 7.03
C PRO C 201 41.83 24.84 6.01
N HIS C 202 42.85 24.10 5.54
CA HIS C 202 43.79 24.62 4.55
C HIS C 202 43.23 24.42 3.13
N GLY C 203 42.03 23.84 3.01
CA GLY C 203 41.43 23.53 1.70
C GLY C 203 40.19 24.39 1.47
N PHE C 204 39.07 23.76 1.11
CA PHE C 204 37.83 24.49 0.89
C PHE C 204 37.39 25.15 2.19
N ASN C 205 37.79 24.58 3.34
CA ASN C 205 37.63 25.24 4.63
C ASN C 205 36.15 25.55 4.87
N PHE C 206 35.30 24.53 4.70
CA PHE C 206 33.84 24.70 4.71
C PHE C 206 33.38 25.38 6.00
N TRP C 207 33.83 24.87 7.16
CA TRP C 207 33.32 25.31 8.44
C TRP C 207 33.69 26.77 8.68
N GLY C 208 34.96 27.11 8.39
CA GLY C 208 35.43 28.48 8.51
C GLY C 208 34.57 29.44 7.69
N LYS C 209 34.37 29.10 6.41
CA LYS C 209 33.64 29.97 5.49
C LYS C 209 32.17 30.08 5.90
N LEU C 210 31.58 28.97 6.39
CA LEU C 210 30.18 28.95 6.77
C LEU C 210 29.94 29.88 7.97
N GLU C 211 30.82 29.81 8.98
CA GLU C 211 30.69 30.66 10.15
C GLU C 211 30.68 32.13 9.73
N LYS C 212 31.69 32.52 8.93
CA LYS C 212 31.85 33.90 8.48
C LYS C 212 30.60 34.36 7.72
N ASN C 213 30.16 33.57 6.75
CA ASN C 213 29.07 33.99 5.87
C ASN C 213 27.79 34.22 6.67
N ILE C 214 27.51 33.32 7.61
CA ILE C 214 26.30 33.41 8.41
C ILE C 214 26.37 34.63 9.33
N THR C 215 27.53 34.83 9.98
CA THR C 215 27.72 35.97 10.87
C THR C 215 27.45 37.27 10.09
N ARG C 216 28.10 37.37 8.92
CA ARG C 216 27.93 38.50 8.02
C ARG C 216 26.44 38.71 7.75
N GLY C 217 25.78 37.64 7.27
CA GLY C 217 24.40 37.72 6.85
C GLY C 217 23.47 38.16 7.97
N LEU C 218 23.68 37.60 9.18
CA LEU C 218 22.84 37.94 10.32
C LEU C 218 22.97 39.42 10.65
N GLU C 219 24.19 39.94 10.65
CA GLU C 219 24.39 41.36 10.91
C GLU C 219 23.63 42.19 9.88
N GLU C 220 23.74 41.82 8.60
CA GLU C 220 23.01 42.48 7.53
C GLU C 220 21.51 42.48 7.87
N GLU C 221 21.00 41.32 8.30
CA GLU C 221 19.61 41.21 8.68
C GLU C 221 19.34 42.16 9.85
N PHE C 222 20.34 42.25 10.76
CA PHE C 222 20.27 43.13 11.91
C PHE C 222 20.01 44.57 11.45
N ILE C 223 20.81 45.00 10.48
CA ILE C 223 20.73 46.36 9.94
C ILE C 223 19.38 46.53 9.25
N ARG C 224 18.97 45.55 8.44
CA ARG C 224 17.73 45.62 7.69
C ARG C 224 16.55 45.89 8.62
N ILE C 225 16.43 45.08 9.67
CA ILE C 225 15.30 45.21 10.59
C ILE C 225 15.42 46.51 11.40
N GLN C 226 16.65 46.90 11.78
CA GLN C 226 16.89 48.18 12.45
C GLN C 226 16.21 49.37 11.73
N GLU C 233 3.95 44.82 14.90
CA GLU C 233 4.43 43.44 14.62
C GLU C 233 5.88 43.45 14.11
N LYS C 234 6.26 44.58 13.51
CA LYS C 234 7.61 44.83 13.01
C LYS C 234 8.64 44.43 14.06
N GLU C 235 8.46 44.89 15.30
CA GLU C 235 9.44 44.70 16.35
C GLU C 235 9.52 43.23 16.75
N GLU C 236 8.39 42.53 16.75
CA GLU C 236 8.41 41.11 17.09
C GLU C 236 9.03 40.29 15.97
N GLN C 237 8.95 40.79 14.72
CA GLN C 237 9.73 40.16 13.65
C GLN C 237 11.21 40.16 14.01
N VAL C 238 11.69 41.29 14.58
CA VAL C 238 13.04 41.42 15.09
C VAL C 238 13.24 40.39 16.20
N ALA C 239 12.23 40.21 17.06
CA ALA C 239 12.29 39.21 18.12
C ALA C 239 12.58 37.81 17.53
N GLU C 240 11.84 37.45 16.48
CA GLU C 240 12.06 36.19 15.79
C GLU C 240 13.50 36.10 15.27
N PHE C 241 14.03 37.17 14.69
CA PHE C 241 15.42 37.23 14.24
C PHE C 241 16.37 36.74 15.32
N GLN C 242 16.18 37.22 16.55
CA GLN C 242 17.06 36.86 17.66
C GLN C 242 17.06 35.35 17.86
N LYS C 243 15.89 34.71 17.77
CA LYS C 243 15.76 33.28 17.96
C LYS C 243 16.61 32.53 16.93
N GLN C 244 16.47 32.90 15.66
CA GLN C 244 17.26 32.32 14.57
C GLN C 244 18.76 32.51 14.83
N LYS C 245 19.17 33.72 15.21
CA LYS C 245 20.56 34.00 15.49
C LYS C 245 21.10 33.00 16.52
N GLU C 246 20.34 32.83 17.61
CA GLU C 246 20.72 31.91 18.67
C GLU C 246 20.95 30.50 18.10
N VAL C 247 19.96 30.01 17.36
CA VAL C 247 20.01 28.66 16.80
C VAL C 247 21.22 28.51 15.91
N LEU C 248 21.36 29.43 14.93
CA LEU C 248 22.39 29.31 13.91
C LEU C 248 23.78 29.35 14.57
N LEU C 249 23.96 30.23 15.56
CA LEU C 249 25.28 30.35 16.17
C LEU C 249 25.61 29.13 17.03
N SER C 250 24.59 28.55 17.70
CA SER C 250 24.80 27.36 18.52
C SER C 250 25.48 26.24 17.74
N LEU C 251 25.38 26.29 16.40
CA LEU C 251 26.01 25.28 15.56
C LEU C 251 27.53 25.28 15.69
N PHE C 252 28.12 26.45 15.96
CA PHE C 252 29.57 26.61 15.98
C PHE C 252 30.13 26.40 17.40
N ASP C 253 29.29 25.89 18.32
CA ASP C 253 29.69 25.67 19.70
C ASP C 253 30.07 24.21 19.94
N GLU C 254 31.35 23.89 19.74
CA GLU C 254 31.86 22.53 19.85
C GLU C 254 31.59 21.92 21.22
N LYS C 255 31.64 22.75 22.28
CA LYS C 255 31.51 22.28 23.65
C LYS C 255 30.06 21.87 23.93
N ARG C 256 29.12 22.75 23.54
CA ARG C 256 27.70 22.42 23.67
C ARG C 256 27.41 21.08 23.01
N HIS C 257 28.03 20.84 21.85
CA HIS C 257 27.86 19.57 21.18
C HIS C 257 28.37 18.42 22.06
N GLU C 258 29.58 18.56 22.61
CA GLU C 258 30.19 17.49 23.39
C GLU C 258 29.32 17.17 24.60
N HIS C 259 28.72 18.21 25.20
CA HIS C 259 27.82 18.06 26.34
C HIS C 259 26.56 17.28 25.95
N LEU C 260 25.96 17.65 24.82
CA LEU C 260 24.74 16.99 24.37
C LEU C 260 25.04 15.55 23.95
N LEU C 261 26.25 15.30 23.41
CA LEU C 261 26.72 13.96 23.09
C LEU C 261 26.72 13.07 24.33
N SER C 262 27.28 13.56 25.44
CA SER C 262 27.39 12.76 26.66
C SER C 262 26.01 12.38 27.18
N LYS C 263 25.04 13.30 27.09
CA LYS C 263 23.69 12.99 27.50
C LYS C 263 23.19 11.85 26.60
N GLY C 264 23.43 12.00 25.30
CA GLY C 264 22.83 11.13 24.30
C GLY C 264 21.69 11.83 23.55
N GLU C 265 21.64 13.18 23.61
CA GLU C 265 20.68 13.95 22.84
C GLU C 265 21.19 14.18 21.42
N ARG C 266 22.51 14.02 21.22
CA ARG C 266 23.11 13.92 19.89
C ARG C 266 23.95 12.63 19.87
N ARG C 267 24.30 12.13 18.67
CA ARG C 267 24.94 10.83 18.55
C ARG C 267 26.22 10.90 17.73
N LEU C 268 26.29 11.81 16.76
CA LEU C 268 27.44 11.93 15.87
C LEU C 268 28.47 12.87 16.47
N SER C 269 29.75 12.57 16.23
CA SER C 269 30.85 13.48 16.52
C SER C 269 30.63 14.82 15.81
N TYR C 270 31.25 15.87 16.34
CA TYR C 270 31.12 17.21 15.79
C TYR C 270 31.62 17.19 14.34
N ARG C 271 32.71 16.46 14.10
CA ARG C 271 33.31 16.42 12.77
C ARG C 271 32.40 15.70 11.79
N ALA C 272 31.78 14.60 12.22
CA ALA C 272 30.83 13.87 11.38
C ALA C 272 29.65 14.77 11.02
N LEU C 273 29.21 15.60 11.97
CA LEU C 273 28.12 16.52 11.74
C LEU C 273 28.48 17.50 10.63
N GLN C 274 29.74 17.96 10.64
CA GLN C 274 30.24 18.89 9.63
C GLN C 274 30.23 18.23 8.25
N GLY C 275 30.67 16.97 8.19
CA GLY C 275 30.64 16.18 6.97
C GLY C 275 29.21 16.04 6.41
N ALA C 276 28.27 15.72 7.29
CA ALA C 276 26.87 15.57 6.90
C ALA C 276 26.32 16.88 6.32
N LEU C 277 26.64 18.00 6.95
CA LEU C 277 26.12 19.29 6.51
C LEU C 277 26.75 19.67 5.17
N MET C 278 28.01 19.29 4.99
CA MET C 278 28.71 19.47 3.74
C MET C 278 27.93 18.75 2.62
N ILE C 279 27.53 17.51 2.88
CA ILE C 279 26.83 16.70 1.89
C ILE C 279 25.45 17.30 1.62
N TYR C 280 24.78 17.81 2.65
CA TYR C 280 23.45 18.41 2.49
C TYR C 280 23.51 19.62 1.57
N PHE C 281 24.45 20.53 1.85
CA PHE C 281 24.48 21.80 1.14
C PHE C 281 25.00 21.61 -0.28
N TYR C 282 25.92 20.66 -0.50
CA TYR C 282 26.53 20.48 -1.80
C TYR C 282 26.05 19.18 -2.45
N ARG C 283 24.81 18.77 -2.13
CA ARG C 283 24.22 17.52 -2.59
C ARG C 283 24.29 17.31 -4.11
N GLU C 284 24.20 18.41 -4.87
CA GLU C 284 24.10 18.35 -6.31
C GLU C 284 25.47 18.10 -6.95
N GLU C 285 26.56 18.43 -6.23
CA GLU C 285 27.89 18.15 -6.73
C GLU C 285 28.04 16.65 -6.93
N PRO C 286 28.57 16.17 -8.08
CA PRO C 286 28.54 14.75 -8.44
C PRO C 286 29.01 13.74 -7.38
N ARG C 287 30.12 14.02 -6.71
CA ARG C 287 30.62 13.12 -5.70
C ARG C 287 29.68 13.01 -4.50
N PHE C 288 28.76 13.97 -4.31
CA PHE C 288 27.90 14.00 -3.15
C PHE C 288 26.47 13.52 -3.44
N GLN C 289 26.14 13.25 -4.71
CA GLN C 289 24.78 12.89 -5.08
C GLN C 289 24.37 11.57 -4.40
N VAL C 290 25.16 10.52 -4.55
CA VAL C 290 24.77 9.24 -3.99
C VAL C 290 24.97 9.24 -2.47
N PRO C 291 26.06 9.82 -1.90
CA PRO C 291 26.12 10.07 -0.46
C PRO C 291 24.90 10.78 0.13
N PHE C 292 24.35 11.77 -0.57
CA PHE C 292 23.13 12.43 -0.12
C PHE C 292 21.98 11.43 -0.04
N GLN C 293 21.87 10.56 -1.07
CA GLN C 293 20.84 9.54 -1.07
C GLN C 293 21.02 8.60 0.11
N LEU C 294 22.27 8.27 0.46
CA LEU C 294 22.53 7.41 1.59
C LEU C 294 22.00 8.05 2.88
N LEU C 295 22.25 9.35 3.07
CA LEU C 295 21.81 10.04 4.28
C LEU C 295 20.29 10.02 4.36
N THR C 296 19.64 10.28 3.22
CA THR C 296 18.19 10.22 3.10
C THR C 296 17.66 8.85 3.53
N SER C 297 18.34 7.78 3.09
CA SER C 297 17.84 6.44 3.35
C SER C 297 18.04 6.06 4.81
N LEU C 298 19.08 6.57 5.47
CA LEU C 298 19.29 6.33 6.90
C LEU C 298 18.16 6.95 7.71
N MET C 299 17.77 8.18 7.35
CA MET C 299 16.61 8.81 7.98
C MET C 299 15.36 7.97 7.72
N ASP C 300 15.18 7.44 6.49
CA ASP C 300 14.00 6.66 6.15
C ASP C 300 13.89 5.43 7.05
N ILE C 301 15.02 4.77 7.29
CA ILE C 301 15.05 3.55 8.10
C ILE C 301 14.64 3.87 9.53
N ASP C 302 15.14 4.98 10.09
CA ASP C 302 14.76 5.42 11.42
C ASP C 302 13.24 5.68 11.47
N SER C 303 12.71 6.44 10.51
CA SER C 303 11.28 6.73 10.45
C SER C 303 10.46 5.44 10.39
N LEU C 304 10.87 4.47 9.56
CA LEU C 304 10.09 3.28 9.32
C LEU C 304 10.15 2.34 10.54
N MET C 305 11.31 2.30 11.20
CA MET C 305 11.45 1.57 12.45
C MET C 305 10.48 2.14 13.49
N THR C 306 10.38 3.46 13.55
CA THR C 306 9.48 4.08 14.51
C THR C 306 8.04 3.79 14.10
N LYS C 307 7.75 3.76 12.79
CA LYS C 307 6.39 3.49 12.34
C LYS C 307 6.01 2.06 12.72
N TRP C 308 6.96 1.14 12.57
CA TRP C 308 6.72 -0.22 13.00
C TRP C 308 6.37 -0.25 14.49
N ARG C 309 7.11 0.49 15.32
CA ARG C 309 6.86 0.49 16.76
C ARG C 309 5.49 1.10 17.09
N TYR C 310 5.11 2.15 16.35
CA TYR C 310 3.82 2.80 16.54
C TYR C 310 2.69 1.84 16.18
N ASN C 311 2.79 1.14 15.04
CA ASN C 311 1.71 0.28 14.61
C ASN C 311 1.59 -0.88 15.61
N HIS C 312 2.71 -1.31 16.16
CA HIS C 312 2.72 -2.40 17.11
C HIS C 312 2.02 -1.98 18.40
N VAL C 313 2.32 -0.77 18.90
CA VAL C 313 1.64 -0.19 20.06
C VAL C 313 0.12 -0.20 19.86
N CYS C 314 -0.36 0.36 18.74
CA CYS C 314 -1.78 0.46 18.46
C CYS C 314 -2.45 -0.91 18.51
N MET C 315 -1.69 -1.96 18.13
CA MET C 315 -2.26 -3.29 18.08
C MET C 315 -2.42 -3.89 19.48
N VAL C 316 -1.37 -3.79 20.30
CA VAL C 316 -1.44 -4.17 21.71
C VAL C 316 -2.65 -3.52 22.38
N HIS C 317 -2.89 -2.25 22.06
CA HIS C 317 -4.00 -1.48 22.63
C HIS C 317 -5.34 -2.10 22.25
N ARG C 318 -5.49 -2.51 20.98
CA ARG C 318 -6.77 -2.98 20.50
C ARG C 318 -7.07 -4.37 21.08
N MET C 319 -6.01 -5.12 21.42
CA MET C 319 -6.14 -6.50 21.85
C MET C 319 -6.18 -6.65 23.36
N LEU C 320 -5.29 -5.95 24.08
CA LEU C 320 -5.16 -6.10 25.52
C LEU C 320 -5.87 -4.97 26.27
N GLY C 321 -6.22 -3.89 25.56
CA GLY C 321 -7.02 -2.83 26.14
C GLY C 321 -6.19 -1.85 26.96
N SER C 330 3.03 -1.77 32.59
CA SER C 330 2.09 -1.40 31.51
C SER C 330 2.79 -1.40 30.15
N GLY C 331 2.70 -2.57 29.50
CA GLY C 331 3.25 -2.79 28.17
C GLY C 331 2.89 -1.68 27.21
N TYR C 332 1.59 -1.35 27.11
CA TYR C 332 1.11 -0.27 26.24
C TYR C 332 1.93 1.01 26.48
N HIS C 333 2.11 1.39 27.75
CA HIS C 333 2.79 2.63 28.10
C HIS C 333 4.30 2.52 27.85
N TYR C 334 4.90 1.36 28.16
CA TYR C 334 6.30 1.12 27.86
C TYR C 334 6.54 1.25 26.35
N LEU C 335 5.66 0.62 25.55
CA LEU C 335 5.82 0.60 24.12
C LEU C 335 5.67 2.03 23.57
N ARG C 336 4.74 2.81 24.15
CA ARG C 336 4.55 4.20 23.74
C ARG C 336 5.83 5.00 23.98
N SER C 337 6.55 4.66 25.06
CA SER C 337 7.80 5.32 25.40
C SER C 337 8.88 5.02 24.36
N THR C 338 8.76 3.87 23.67
CA THR C 338 9.72 3.50 22.64
C THR C 338 9.52 4.35 21.39
N VAL C 339 8.33 4.94 21.24
CA VAL C 339 8.06 5.85 20.13
C VAL C 339 8.58 7.23 20.53
N SER C 340 9.91 7.42 20.43
CA SER C 340 10.55 8.64 20.91
C SER C 340 11.90 8.82 20.24
N ASP C 341 12.47 10.04 20.35
CA ASP C 341 13.76 10.36 19.77
C ASP C 341 14.88 9.55 20.42
N ARG C 342 14.59 8.96 21.59
CA ARG C 342 15.54 8.12 22.31
C ARG C 342 15.94 6.91 21.46
N TYR C 343 15.05 6.48 20.55
CA TYR C 343 15.27 5.29 19.73
C TYR C 343 15.60 5.67 18.30
N LYS C 344 15.69 6.98 17.98
CA LYS C 344 16.10 7.44 16.67
C LYS C 344 17.62 7.59 16.61
N VAL C 345 18.29 6.61 16.02
CA VAL C 345 19.75 6.58 15.95
C VAL C 345 20.31 7.72 15.11
N PHE C 346 19.63 8.12 14.03
CA PHE C 346 20.16 9.15 13.14
C PHE C 346 19.44 10.48 13.35
N VAL C 347 19.03 10.75 14.59
CA VAL C 347 18.36 11.98 14.98
C VAL C 347 19.13 13.20 14.51
N ASP C 348 20.48 13.14 14.50
CA ASP C 348 21.27 14.28 14.08
C ASP C 348 20.99 14.65 12.62
N LEU C 349 20.69 13.66 11.77
CA LEU C 349 20.43 13.91 10.35
C LEU C 349 19.10 14.65 10.17
N PHE C 350 18.08 14.30 10.98
CA PHE C 350 16.81 15.01 10.94
C PHE C 350 17.00 16.46 11.39
N ASN C 351 17.85 16.67 12.39
CA ASN C 351 17.90 17.96 13.09
C ASN C 351 18.66 18.99 12.27
N LEU C 352 19.38 18.56 11.23
CA LEU C 352 20.07 19.50 10.37
C LEU C 352 19.11 20.44 9.62
N SER C 353 17.81 20.07 9.48
CA SER C 353 16.78 20.99 9.00
C SER C 353 16.68 22.27 9.84
N THR C 354 16.95 22.19 11.14
CA THR C 354 16.92 23.35 12.03
C THR C 354 17.88 24.44 11.55
N TYR C 355 18.99 24.04 10.91
CA TYR C 355 20.09 24.95 10.59
C TYR C 355 20.11 25.33 9.11
N LEU C 356 18.94 25.35 8.47
CA LEU C 356 18.81 25.85 7.10
C LEU C 356 18.98 27.38 7.07
N ILE C 357 19.70 27.84 6.04
CA ILE C 357 20.05 29.22 5.83
C ILE C 357 19.67 29.61 4.41
N PRO C 358 19.57 30.91 4.06
CA PRO C 358 19.36 31.31 2.67
C PRO C 358 20.48 30.74 1.81
N ARG C 359 20.13 30.34 0.58
CA ARG C 359 21.06 29.70 -0.34
C ARG C 359 22.27 30.60 -0.59
N HIS C 360 22.05 31.93 -0.64
CA HIS C 360 23.10 32.86 -0.99
C HIS C 360 24.14 32.98 0.12
N TRP C 361 23.88 32.42 1.32
CA TRP C 361 24.86 32.44 2.39
C TRP C 361 25.80 31.23 2.28
N ILE C 362 25.43 30.23 1.47
CA ILE C 362 26.22 29.02 1.40
C ILE C 362 27.52 29.31 0.64
N PRO C 363 28.71 28.98 1.21
CA PRO C 363 29.98 29.22 0.53
C PRO C 363 29.94 28.67 -0.89
N LYS C 364 30.31 29.50 -1.87
CA LYS C 364 30.19 29.13 -3.27
C LYS C 364 31.23 28.07 -3.61
N MET C 365 30.80 27.07 -4.39
CA MET C 365 31.68 26.04 -4.92
C MET C 365 31.97 26.39 -6.38
N ASN C 366 33.01 27.21 -6.62
CA ASN C 366 33.36 27.68 -7.96
C ASN C 366 33.95 26.51 -8.75
N PRO C 367 33.86 26.50 -10.11
CA PRO C 367 34.53 25.49 -10.93
C PRO C 367 36.01 25.36 -10.55
N THR C 368 36.61 26.46 -10.11
CA THR C 368 37.98 26.52 -9.63
C THR C 368 38.18 25.41 -8.59
N ILE C 369 37.23 25.33 -7.65
CA ILE C 369 37.24 24.40 -6.53
C ILE C 369 36.52 23.11 -6.93
N HIS C 370 35.58 23.21 -7.87
CA HIS C 370 34.73 22.10 -8.30
C HIS C 370 35.52 20.82 -8.49
N LYS C 371 36.79 20.95 -8.90
CA LYS C 371 37.64 19.83 -9.25
C LYS C 371 37.61 18.73 -8.19
N PHE C 372 37.59 19.11 -6.90
CA PHE C 372 37.67 18.12 -5.83
C PHE C 372 36.35 17.35 -5.75
N LEU C 373 35.27 17.88 -6.33
CA LEU C 373 33.97 17.21 -6.33
C LEU C 373 33.49 16.95 -7.78
N LEU D 24 7.72 -21.78 27.93
CA LEU D 24 7.44 -21.48 26.50
C LEU D 24 8.11 -20.16 26.12
N ILE D 25 9.10 -20.23 25.25
CA ILE D 25 9.86 -19.08 24.78
C ILE D 25 9.44 -18.79 23.35
N TYR D 26 9.42 -17.49 22.98
CA TYR D 26 9.06 -17.01 21.66
C TYR D 26 9.61 -17.92 20.56
N GLY D 27 10.95 -18.08 20.52
CA GLY D 27 11.62 -18.85 19.48
C GLY D 27 11.13 -20.29 19.41
N ASN D 28 10.81 -20.89 20.57
CA ASN D 28 10.34 -22.26 20.59
C ASN D 28 8.88 -22.34 20.14
N TYR D 29 8.06 -21.38 20.60
CA TYR D 29 6.65 -21.34 20.26
C TYR D 29 6.53 -21.20 18.74
N LEU D 30 7.38 -20.39 18.11
CA LEU D 30 7.36 -20.15 16.67
C LEU D 30 8.23 -21.12 15.88
N HIS D 31 8.89 -22.07 16.57
CA HIS D 31 9.78 -23.04 15.95
C HIS D 31 10.77 -22.34 15.03
N LEU D 32 11.40 -21.28 15.53
CA LEU D 32 12.39 -20.54 14.76
C LEU D 32 13.65 -21.37 14.50
N GLU D 33 13.84 -22.45 15.26
CA GLU D 33 14.97 -23.35 15.03
C GLU D 33 14.85 -23.98 13.64
N LYS D 34 13.62 -24.10 13.14
CA LYS D 34 13.37 -24.58 11.78
C LYS D 34 13.31 -23.42 10.79
N VAL D 35 12.53 -22.39 11.11
CA VAL D 35 12.22 -21.34 10.16
C VAL D 35 13.48 -20.57 9.78
N LEU D 36 14.35 -20.33 10.78
CA LEU D 36 15.54 -19.51 10.58
C LEU D 36 16.80 -20.35 10.35
N ASN D 37 16.65 -21.67 10.20
CA ASN D 37 17.75 -22.51 9.72
C ASN D 37 17.33 -23.22 8.44
N ALA D 38 16.72 -22.47 7.52
CA ALA D 38 16.15 -23.03 6.30
C ALA D 38 16.65 -22.28 5.06
N GLN D 39 17.74 -21.52 5.24
CA GLN D 39 18.25 -20.63 4.21
C GLN D 39 19.65 -21.08 3.80
N GLU D 40 19.73 -21.82 2.69
CA GLU D 40 21.01 -22.28 2.16
C GLU D 40 21.18 -21.76 0.74
N LEU D 41 22.18 -20.91 0.52
CA LEU D 41 22.41 -20.37 -0.80
C LEU D 41 23.12 -21.43 -1.65
N GLN D 42 22.52 -21.80 -2.78
CA GLN D 42 23.15 -22.76 -3.68
C GLN D 42 24.45 -22.17 -4.25
N SER D 43 24.47 -20.86 -4.48
CA SER D 43 25.68 -20.21 -4.96
C SER D 43 26.83 -20.45 -3.98
N GLU D 44 26.54 -20.46 -2.68
CA GLU D 44 27.56 -20.64 -1.64
C GLU D 44 27.92 -22.11 -1.47
N THR D 45 26.95 -23.02 -1.66
CA THR D 45 27.18 -24.45 -1.63
C THR D 45 28.17 -24.85 -2.72
N LYS D 46 28.16 -24.14 -3.87
CA LYS D 46 29.06 -24.40 -4.98
C LYS D 46 30.27 -23.46 -5.00
N GLY D 47 30.54 -22.79 -3.88
CA GLY D 47 31.78 -22.02 -3.70
C GLY D 47 31.80 -20.67 -4.43
N ASN D 48 30.64 -20.02 -4.62
CA ASN D 48 30.53 -18.75 -5.35
C ASN D 48 29.32 -17.94 -4.85
N LYS D 49 29.31 -17.65 -3.54
CA LYS D 49 28.23 -16.97 -2.86
C LYS D 49 27.85 -15.67 -3.56
N ILE D 50 26.56 -15.53 -3.86
CA ILE D 50 26.01 -14.32 -4.46
C ILE D 50 25.01 -13.74 -3.47
N HIS D 51 25.25 -12.48 -3.09
CA HIS D 51 24.55 -11.81 -1.99
C HIS D 51 23.02 -11.91 -2.15
N ASP D 52 22.52 -11.60 -3.35
CA ASP D 52 21.08 -11.44 -3.58
C ASP D 52 20.34 -12.77 -3.58
N GLU D 53 21.03 -13.90 -3.66
CA GLU D 53 20.32 -15.17 -3.60
C GLU D 53 19.56 -15.30 -2.28
N HIS D 54 20.08 -14.68 -1.22
CA HIS D 54 19.43 -14.76 0.09
C HIS D 54 18.02 -14.15 0.03
N LEU D 55 17.90 -13.00 -0.64
CA LEU D 55 16.61 -12.33 -0.81
C LEU D 55 15.64 -13.21 -1.57
N PHE D 56 16.15 -13.90 -2.59
CA PHE D 56 15.31 -14.73 -3.44
C PHE D 56 14.70 -15.83 -2.59
N ILE D 57 15.50 -16.42 -1.70
CA ILE D 57 15.06 -17.51 -0.86
C ILE D 57 14.01 -17.01 0.13
N ILE D 58 14.32 -15.92 0.82
CA ILE D 58 13.42 -15.43 1.86
C ILE D 58 12.08 -15.03 1.25
N THR D 59 12.13 -14.32 0.11
CA THR D 59 10.89 -13.86 -0.50
C THR D 59 9.95 -15.05 -0.73
N HIS D 60 10.47 -16.13 -1.32
CA HIS D 60 9.65 -17.30 -1.62
C HIS D 60 9.17 -17.98 -0.34
N GLN D 61 10.02 -18.03 0.69
CA GLN D 61 9.62 -18.66 1.94
C GLN D 61 8.47 -17.89 2.57
N ALA D 62 8.49 -16.55 2.42
CA ALA D 62 7.42 -15.72 2.97
C ALA D 62 6.14 -15.96 2.18
N TYR D 63 6.23 -16.04 0.84
CA TYR D 63 5.06 -16.38 0.01
C TYR D 63 4.48 -17.71 0.49
N GLU D 64 5.32 -18.70 0.73
CA GLU D 64 4.83 -20.04 1.12
C GLU D 64 4.18 -20.07 2.51
N LEU D 65 4.72 -19.31 3.48
CA LEU D 65 4.06 -19.17 4.77
C LEU D 65 2.65 -18.61 4.57
N TRP D 66 2.50 -17.59 3.73
CA TRP D 66 1.20 -16.97 3.55
C TRP D 66 0.25 -17.86 2.75
N PHE D 67 0.79 -18.63 1.79
CA PHE D 67 -0.03 -19.61 1.11
C PHE D 67 -0.57 -20.62 2.11
N LYS D 68 0.25 -21.05 3.06
CA LYS D 68 -0.21 -22.00 4.07
C LYS D 68 -1.35 -21.40 4.89
N GLN D 69 -1.25 -20.09 5.20
CA GLN D 69 -2.29 -19.41 5.95
C GLN D 69 -3.57 -19.32 5.13
N ILE D 70 -3.45 -19.03 3.83
CA ILE D 70 -4.62 -18.97 2.97
C ILE D 70 -5.30 -20.33 2.87
N LEU D 71 -4.53 -21.40 2.72
CA LEU D 71 -5.08 -22.75 2.69
C LEU D 71 -5.83 -23.04 3.98
N TRP D 72 -5.28 -22.57 5.11
CA TRP D 72 -5.87 -22.82 6.42
C TRP D 72 -7.24 -22.14 6.53
N GLU D 73 -7.34 -20.90 6.06
CA GLU D 73 -8.60 -20.18 6.10
C GLU D 73 -9.59 -20.82 5.13
N LEU D 74 -9.12 -21.10 3.92
CA LEU D 74 -9.98 -21.62 2.86
C LEU D 74 -10.49 -23.03 3.19
N ASP D 75 -9.63 -23.88 3.72
CA ASP D 75 -10.07 -25.21 4.18
C ASP D 75 -11.12 -25.08 5.29
N SER D 76 -10.97 -24.10 6.21
CA SER D 76 -11.95 -23.97 7.28
C SER D 76 -13.31 -23.56 6.71
N VAL D 77 -13.30 -22.73 5.67
CA VAL D 77 -14.54 -22.26 5.07
C VAL D 77 -15.18 -23.37 4.26
N ARG D 78 -14.36 -24.14 3.53
CA ARG D 78 -14.89 -25.29 2.79
C ARG D 78 -15.62 -26.22 3.76
N GLU D 79 -15.00 -26.49 4.91
CA GLU D 79 -15.59 -27.38 5.91
C GLU D 79 -16.96 -26.89 6.42
N ILE D 80 -17.05 -25.57 6.68
CA ILE D 80 -18.29 -24.98 7.18
C ILE D 80 -19.43 -25.19 6.20
N PHE D 81 -19.12 -25.16 4.89
CA PHE D 81 -20.12 -25.41 3.88
C PHE D 81 -20.46 -26.90 3.81
N GLN D 82 -19.40 -27.72 3.74
CA GLN D 82 -19.56 -29.14 3.41
C GLN D 82 -20.29 -29.87 4.54
N ASN D 83 -20.09 -29.43 5.79
CA ASN D 83 -20.66 -30.13 6.94
C ASN D 83 -22.00 -29.53 7.34
N GLY D 84 -22.51 -28.55 6.59
CA GLY D 84 -23.86 -28.06 6.82
C GLY D 84 -23.93 -26.90 7.84
N HIS D 85 -22.80 -26.51 8.45
CA HIS D 85 -22.82 -25.45 9.45
C HIS D 85 -23.31 -24.12 8.84
N VAL D 86 -22.99 -23.89 7.56
CA VAL D 86 -23.39 -22.66 6.90
C VAL D 86 -24.92 -22.50 6.91
N ARG D 87 -25.66 -23.60 7.10
CA ARG D 87 -27.10 -23.52 7.07
C ARG D 87 -27.58 -22.62 8.21
N ASP D 88 -26.88 -22.66 9.34
CA ASP D 88 -27.15 -21.77 10.46
C ASP D 88 -26.50 -20.43 10.14
N GLU D 89 -27.33 -19.41 9.93
CA GLU D 89 -26.89 -18.11 9.42
C GLU D 89 -26.04 -17.37 10.45
N ARG D 90 -25.96 -17.87 11.69
CA ARG D 90 -25.07 -17.27 12.67
C ARG D 90 -23.61 -17.41 12.24
N ASN D 91 -23.32 -18.37 11.33
CA ASN D 91 -21.94 -18.65 10.94
C ASN D 91 -21.46 -17.77 9.79
N MET D 92 -22.33 -16.91 9.26
CA MET D 92 -21.97 -16.12 8.08
C MET D 92 -20.90 -15.08 8.38
N LEU D 93 -20.89 -14.52 9.61
CA LEU D 93 -19.91 -13.50 9.93
C LEU D 93 -18.50 -14.09 9.86
N LYS D 94 -18.31 -15.27 10.46
CA LYS D 94 -17.04 -15.97 10.45
C LYS D 94 -16.63 -16.31 9.01
N VAL D 95 -17.59 -16.72 8.19
CA VAL D 95 -17.28 -17.08 6.81
C VAL D 95 -16.75 -15.86 6.07
N VAL D 96 -17.47 -14.74 6.16
CA VAL D 96 -17.07 -13.53 5.46
C VAL D 96 -15.80 -12.95 6.06
N SER D 97 -15.59 -13.01 7.39
CA SER D 97 -14.34 -12.51 7.97
C SER D 97 -13.15 -13.28 7.43
N ARG D 98 -13.25 -14.61 7.33
CA ARG D 98 -12.12 -15.40 6.87
C ARG D 98 -11.85 -15.18 5.39
N MET D 99 -12.92 -15.02 4.59
CA MET D 99 -12.75 -14.73 3.17
C MET D 99 -12.14 -13.34 2.99
N HIS D 100 -12.60 -12.36 3.78
CA HIS D 100 -12.01 -11.04 3.79
C HIS D 100 -10.53 -11.11 4.18
N ARG D 101 -10.22 -11.93 5.20
CA ARG D 101 -8.83 -12.07 5.61
C ARG D 101 -7.97 -12.65 4.46
N VAL D 102 -8.51 -13.60 3.68
CA VAL D 102 -7.75 -14.10 2.53
C VAL D 102 -7.40 -12.97 1.56
N SER D 103 -8.34 -12.08 1.30
CA SER D 103 -8.08 -11.00 0.38
C SER D 103 -7.09 -9.98 0.94
N VAL D 104 -7.09 -9.76 2.27
CA VAL D 104 -6.10 -8.88 2.90
C VAL D 104 -4.71 -9.50 2.78
N ILE D 105 -4.57 -10.81 2.97
CA ILE D 105 -3.28 -11.47 2.75
C ILE D 105 -2.83 -11.35 1.29
N LEU D 106 -3.73 -11.57 0.34
CA LEU D 106 -3.38 -11.53 -1.07
C LEU D 106 -2.93 -10.14 -1.44
N LYS D 107 -3.54 -9.14 -0.84
CA LYS D 107 -3.14 -7.75 -1.09
C LYS D 107 -1.70 -7.56 -0.66
N LEU D 108 -1.36 -8.11 0.51
CA LEU D 108 0.02 -8.01 0.96
C LEU D 108 0.96 -8.77 0.00
N LEU D 109 0.55 -9.95 -0.47
CA LEU D 109 1.38 -10.75 -1.39
C LEU D 109 1.63 -10.01 -2.71
N VAL D 110 0.66 -9.22 -3.18
CA VAL D 110 0.85 -8.38 -4.36
C VAL D 110 1.90 -7.29 -4.09
N GLN D 111 1.84 -6.65 -2.92
CA GLN D 111 2.76 -5.59 -2.55
C GLN D 111 4.16 -6.17 -2.37
N GLN D 112 4.23 -7.42 -1.92
CA GLN D 112 5.51 -8.07 -1.65
C GLN D 112 6.42 -8.18 -2.87
N PHE D 113 5.85 -8.10 -4.09
CA PHE D 113 6.67 -8.11 -5.29
C PHE D 113 7.64 -6.92 -5.30
N SER D 114 7.25 -5.82 -4.66
CA SER D 114 8.10 -4.63 -4.63
C SER D 114 9.44 -4.96 -3.98
N ILE D 115 9.50 -5.97 -3.12
CA ILE D 115 10.79 -6.30 -2.50
C ILE D 115 11.72 -6.94 -3.52
N LEU D 116 11.19 -7.84 -4.34
CA LEU D 116 12.01 -8.56 -5.28
C LEU D 116 12.37 -7.65 -6.46
N GLU D 117 11.62 -6.56 -6.66
CA GLU D 117 11.99 -5.58 -7.65
C GLU D 117 13.24 -4.78 -7.27
N THR D 118 13.71 -4.87 -6.01
CA THR D 118 15.00 -4.25 -5.65
C THR D 118 16.19 -5.09 -6.11
N MET D 119 15.94 -6.28 -6.69
CA MET D 119 16.98 -7.11 -7.28
C MET D 119 17.05 -6.81 -8.78
N THR D 120 18.23 -6.46 -9.29
CA THR D 120 18.36 -6.20 -10.71
C THR D 120 18.48 -7.53 -11.47
N ALA D 121 18.23 -7.47 -12.77
CA ALA D 121 18.34 -8.63 -13.65
C ALA D 121 19.81 -9.10 -13.71
N LEU D 122 20.75 -8.16 -13.74
CA LEU D 122 22.17 -8.50 -13.71
C LEU D 122 22.54 -9.29 -12.46
N ASP D 123 22.01 -8.93 -11.30
CA ASP D 123 22.38 -9.59 -10.06
C ASP D 123 21.70 -10.96 -9.98
N PHE D 124 20.46 -11.05 -10.47
CA PHE D 124 19.79 -12.32 -10.58
C PHE D 124 20.57 -13.25 -11.51
N ASN D 125 21.12 -12.69 -12.59
CA ASN D 125 21.87 -13.44 -13.57
C ASN D 125 23.11 -14.09 -12.96
N ASP D 126 23.57 -13.63 -11.79
CA ASP D 126 24.79 -14.19 -11.22
C ASP D 126 24.54 -15.50 -10.47
N PHE D 127 23.29 -15.79 -10.08
CA PHE D 127 23.05 -17.03 -9.36
C PHE D 127 21.99 -17.88 -10.04
N ARG D 128 21.43 -17.44 -11.17
CA ARG D 128 20.32 -18.14 -11.82
C ARG D 128 20.72 -19.57 -12.19
N GLU D 129 21.99 -19.79 -12.55
CA GLU D 129 22.49 -21.08 -13.00
C GLU D 129 22.37 -22.13 -11.89
N TYR D 130 22.41 -21.72 -10.61
CA TYR D 130 22.43 -22.65 -9.51
C TYR D 130 21.03 -23.11 -9.13
N LEU D 131 20.00 -22.66 -9.85
CA LEU D 131 18.62 -22.91 -9.44
C LEU D 131 18.09 -24.21 -10.06
N SER D 132 18.41 -24.45 -11.33
CA SER D 132 17.91 -25.63 -12.04
C SER D 132 18.19 -26.89 -11.22
N PRO D 133 17.22 -27.83 -11.11
CA PRO D 133 15.98 -27.78 -11.86
C PRO D 133 14.75 -27.30 -11.09
N ALA D 134 14.94 -26.39 -10.13
CA ALA D 134 13.81 -25.91 -9.32
C ALA D 134 13.06 -24.82 -10.09
N SER D 135 11.74 -24.77 -9.87
CA SER D 135 10.90 -23.75 -10.45
C SER D 135 9.72 -23.45 -9.51
N GLY D 136 9.19 -22.23 -9.58
CA GLY D 136 7.98 -21.87 -8.84
C GLY D 136 6.79 -22.72 -9.26
N PHE D 137 6.84 -23.19 -10.52
CA PHE D 137 5.84 -24.09 -11.07
C PHE D 137 5.62 -25.24 -10.09
N GLN D 138 6.64 -25.51 -9.27
CA GLN D 138 6.62 -26.70 -8.43
C GLN D 138 6.11 -26.36 -7.03
N SER D 139 5.48 -25.19 -6.85
CA SER D 139 4.83 -24.86 -5.59
C SER D 139 3.58 -25.73 -5.40
N LEU D 140 3.71 -26.77 -4.58
CA LEU D 140 2.56 -27.58 -4.21
C LEU D 140 1.41 -26.72 -3.72
N GLN D 141 1.73 -25.80 -2.80
CA GLN D 141 0.68 -25.03 -2.14
C GLN D 141 -0.08 -24.13 -3.10
N PHE D 142 0.63 -23.56 -4.08
CA PHE D 142 -0.02 -22.69 -5.06
C PHE D 142 -1.04 -23.48 -5.86
N ARG D 143 -0.69 -24.73 -6.20
CA ARG D 143 -1.59 -25.58 -6.95
C ARG D 143 -2.77 -25.99 -6.10
N LEU D 144 -2.50 -26.37 -4.83
CA LEU D 144 -3.58 -26.73 -3.91
C LEU D 144 -4.56 -25.57 -3.82
N LEU D 145 -4.04 -24.35 -3.72
CA LEU D 145 -4.90 -23.16 -3.62
C LEU D 145 -5.76 -22.97 -4.87
N GLU D 146 -5.17 -23.11 -6.06
CA GLU D 146 -5.94 -22.98 -7.29
C GLU D 146 -7.04 -24.04 -7.33
N ASN D 147 -6.70 -25.29 -7.02
CA ASN D 147 -7.64 -26.39 -7.09
C ASN D 147 -8.76 -26.24 -6.06
N LYS D 148 -8.43 -25.85 -4.83
CA LYS D 148 -9.43 -25.77 -3.77
C LYS D 148 -10.41 -24.62 -4.01
N ILE D 149 -9.95 -23.54 -4.68
CA ILE D 149 -10.85 -22.45 -5.06
C ILE D 149 -11.78 -22.96 -6.14
N GLY D 150 -11.22 -23.64 -7.15
CA GLY D 150 -12.06 -24.27 -8.17
C GLY D 150 -11.56 -24.11 -9.61
N VAL D 151 -10.25 -23.98 -9.80
CA VAL D 151 -9.69 -24.02 -11.15
C VAL D 151 -9.84 -25.44 -11.69
N LEU D 152 -10.50 -25.59 -12.85
CA LEU D 152 -10.73 -26.90 -13.43
C LEU D 152 -9.51 -27.33 -14.26
N GLN D 153 -9.09 -28.58 -14.09
CA GLN D 153 -7.88 -29.08 -14.74
C GLN D 153 -7.99 -28.97 -16.26
N ASN D 154 -9.15 -29.36 -16.77
CA ASN D 154 -9.44 -29.39 -18.20
C ASN D 154 -9.40 -27.98 -18.78
N MET D 155 -9.54 -26.95 -17.95
CA MET D 155 -9.58 -25.56 -18.40
C MET D 155 -8.18 -24.92 -18.34
N ARG D 156 -7.18 -25.61 -17.79
CA ARG D 156 -5.87 -25.01 -17.59
C ARG D 156 -5.13 -24.93 -18.94
N VAL D 157 -4.36 -23.86 -19.09
CA VAL D 157 -3.44 -23.73 -20.20
C VAL D 157 -2.31 -24.74 -19.99
N PRO D 158 -2.01 -25.57 -21.03
CA PRO D 158 -0.91 -26.51 -20.96
C PRO D 158 0.45 -25.82 -20.88
N TYR D 159 1.34 -26.37 -20.04
CA TYR D 159 2.74 -25.97 -20.04
C TYR D 159 3.59 -27.00 -20.79
N ASN D 160 4.33 -26.54 -21.81
CA ASN D 160 5.15 -27.41 -22.60
C ASN D 160 4.32 -28.55 -23.20
N ARG D 161 3.10 -28.18 -23.64
CA ARG D 161 2.12 -29.09 -24.25
C ARG D 161 1.78 -30.30 -23.40
N ARG D 162 1.79 -30.07 -22.07
CA ARG D 162 1.60 -31.14 -21.07
C ARG D 162 0.83 -30.60 -19.92
N HIS D 163 0.35 -31.52 -19.08
CA HIS D 163 -0.54 -31.19 -17.94
C HIS D 163 0.31 -30.74 -16.76
N TYR D 164 -0.24 -29.85 -15.95
CA TYR D 164 0.49 -29.22 -14.84
C TYR D 164 0.97 -30.29 -13.85
N ARG D 165 0.14 -31.33 -13.61
CA ARG D 165 0.40 -32.29 -12.56
C ARG D 165 1.60 -33.18 -12.87
N ASP D 166 2.04 -33.25 -14.13
CA ASP D 166 3.20 -34.04 -14.50
C ASP D 166 4.48 -33.54 -13.81
N ASN D 167 4.49 -32.26 -13.41
CA ASN D 167 5.63 -31.67 -12.73
C ASN D 167 5.74 -32.11 -11.28
N PHE D 168 4.83 -32.98 -10.87
CA PHE D 168 4.75 -33.44 -9.49
C PHE D 168 4.77 -34.96 -9.49
N LYS D 169 5.23 -35.54 -8.38
CA LYS D 169 5.45 -36.97 -8.24
C LYS D 169 5.19 -37.41 -6.80
N GLY D 170 4.85 -38.70 -6.62
CA GLY D 170 4.73 -39.32 -5.31
C GLY D 170 3.47 -38.87 -4.56
N GLU D 171 3.63 -38.65 -3.24
CA GLU D 171 2.55 -38.18 -2.36
C GLU D 171 2.01 -36.83 -2.81
N GLU D 172 2.90 -35.96 -3.33
CA GLU D 172 2.50 -34.63 -3.78
C GLU D 172 1.53 -34.76 -4.97
N ASN D 173 1.80 -35.66 -5.91
CA ASN D 173 0.91 -35.88 -7.04
C ASN D 173 -0.45 -36.37 -6.53
N GLU D 174 -0.41 -37.20 -5.47
CA GLU D 174 -1.63 -37.78 -4.92
C GLU D 174 -2.45 -36.72 -4.20
N LEU D 175 -1.78 -35.87 -3.41
CA LEU D 175 -2.44 -34.76 -2.74
C LEU D 175 -3.10 -33.84 -3.76
N LEU D 176 -2.45 -33.60 -4.89
CA LEU D 176 -2.99 -32.71 -5.91
C LEU D 176 -4.26 -33.29 -6.52
N LEU D 177 -4.29 -34.61 -6.70
CA LEU D 177 -5.47 -35.28 -7.23
C LEU D 177 -6.65 -35.15 -6.26
N LYS D 178 -6.42 -35.43 -4.97
CA LYS D 178 -7.44 -35.25 -3.94
C LYS D 178 -7.97 -33.83 -4.01
N SER D 179 -7.08 -32.85 -4.20
CA SER D 179 -7.50 -31.46 -4.21
C SER D 179 -8.40 -31.18 -5.42
N GLU D 180 -8.23 -31.93 -6.52
CA GLU D 180 -9.09 -31.77 -7.70
C GLU D 180 -10.45 -32.46 -7.51
N GLN D 181 -10.45 -33.59 -6.78
CA GLN D 181 -11.61 -34.45 -6.63
C GLN D 181 -12.50 -34.04 -5.45
N GLU D 182 -11.90 -33.53 -4.37
CA GLU D 182 -12.66 -33.02 -3.24
C GLU D 182 -13.45 -31.77 -3.66
N LYS D 183 -14.54 -31.49 -2.94
CA LYS D 183 -15.43 -30.39 -3.28
C LYS D 183 -14.69 -29.06 -3.20
N THR D 184 -14.82 -28.25 -4.25
CA THR D 184 -14.11 -26.96 -4.34
C THR D 184 -14.99 -25.90 -3.68
N LEU D 185 -14.41 -24.73 -3.42
CA LEU D 185 -15.15 -23.60 -2.90
C LEU D 185 -16.29 -23.23 -3.85
N LEU D 186 -15.99 -23.23 -5.16
CA LEU D 186 -16.99 -22.95 -6.18
C LEU D 186 -18.20 -23.88 -6.06
N GLU D 187 -17.97 -25.19 -5.93
CA GLU D 187 -19.03 -26.17 -5.84
C GLU D 187 -19.84 -26.00 -4.55
N LEU D 188 -19.16 -25.71 -3.44
CA LEU D 188 -19.83 -25.58 -2.15
C LEU D 188 -20.69 -24.30 -2.11
N VAL D 189 -20.16 -23.19 -2.66
CA VAL D 189 -20.94 -21.98 -2.80
C VAL D 189 -22.12 -22.20 -3.75
N GLU D 190 -21.90 -22.88 -4.86
CA GLU D 190 -22.95 -23.19 -5.81
C GLU D 190 -24.12 -23.89 -5.12
N ALA D 191 -23.85 -24.97 -4.37
CA ALA D 191 -24.89 -25.71 -3.68
C ALA D 191 -25.67 -24.78 -2.71
N TRP D 192 -24.95 -23.91 -1.99
CA TRP D 192 -25.58 -22.99 -1.06
C TRP D 192 -26.44 -21.94 -1.80
N LEU D 193 -25.95 -21.47 -2.97
CA LEU D 193 -26.69 -20.52 -3.78
C LEU D 193 -28.00 -21.11 -4.30
N GLU D 194 -27.99 -22.42 -4.58
CA GLU D 194 -29.18 -23.11 -5.10
C GLU D 194 -30.32 -23.09 -4.08
N ARG D 195 -29.99 -23.02 -2.78
CA ARG D 195 -31.00 -23.04 -1.72
C ARG D 195 -31.45 -21.64 -1.30
N THR D 196 -31.03 -20.60 -2.04
CA THR D 196 -31.34 -19.23 -1.66
C THR D 196 -32.85 -19.01 -1.56
N PRO D 197 -33.38 -18.47 -0.44
CA PRO D 197 -34.81 -18.17 -0.32
C PRO D 197 -35.31 -17.15 -1.34
N GLY D 198 -36.50 -17.37 -1.90
CA GLY D 198 -37.08 -16.46 -2.87
C GLY D 198 -37.30 -17.06 -4.26
N LEU D 199 -36.61 -18.18 -4.58
CA LEU D 199 -36.64 -18.74 -5.94
C LEU D 199 -37.90 -19.59 -6.15
N GLU D 200 -38.58 -19.96 -5.05
CA GLU D 200 -39.68 -20.90 -5.11
C GLU D 200 -40.80 -20.34 -6.00
N PRO D 201 -41.16 -21.02 -7.11
CA PRO D 201 -42.33 -20.63 -7.92
C PRO D 201 -43.63 -20.45 -7.13
N HIS D 202 -43.81 -21.29 -6.10
CA HIS D 202 -44.97 -21.24 -5.22
C HIS D 202 -44.83 -20.15 -4.16
N GLY D 203 -43.66 -19.49 -4.12
CA GLY D 203 -43.39 -18.44 -3.13
C GLY D 203 -43.27 -17.07 -3.77
N PHE D 204 -42.16 -16.37 -3.48
CA PHE D 204 -41.94 -15.04 -4.04
C PHE D 204 -41.79 -15.14 -5.55
N ASN D 205 -41.36 -16.31 -6.05
CA ASN D 205 -41.33 -16.58 -7.49
C ASN D 205 -40.49 -15.52 -8.20
N PHE D 206 -39.26 -15.32 -7.71
CA PHE D 206 -38.38 -14.25 -8.18
C PHE D 206 -38.19 -14.32 -9.70
N TRP D 207 -37.85 -15.50 -10.23
CA TRP D 207 -37.47 -15.63 -11.64
C TRP D 207 -38.65 -15.32 -12.54
N GLY D 208 -39.83 -15.85 -12.18
CA GLY D 208 -41.06 -15.58 -12.90
C GLY D 208 -41.35 -14.09 -12.97
N LYS D 209 -41.29 -13.41 -11.81
CA LYS D 209 -41.62 -12.01 -11.74
C LYS D 209 -40.59 -11.16 -12.48
N LEU D 210 -39.31 -11.56 -12.41
CA LEU D 210 -38.24 -10.83 -13.08
C LEU D 210 -38.40 -10.88 -14.61
N GLU D 211 -38.72 -12.06 -15.16
CA GLU D 211 -38.93 -12.19 -16.59
C GLU D 211 -40.06 -11.25 -17.04
N LYS D 212 -41.19 -11.29 -16.34
CA LYS D 212 -42.34 -10.45 -16.67
C LYS D 212 -41.96 -8.97 -16.60
N ASN D 213 -41.30 -8.53 -15.53
CA ASN D 213 -41.01 -7.11 -15.33
C ASN D 213 -40.05 -6.58 -16.39
N ILE D 214 -39.07 -7.40 -16.79
CA ILE D 214 -38.11 -7.01 -17.83
C ILE D 214 -38.82 -6.93 -19.18
N THR D 215 -39.68 -7.92 -19.48
CA THR D 215 -40.42 -7.91 -20.73
C THR D 215 -41.23 -6.62 -20.83
N ARG D 216 -41.96 -6.29 -19.75
CA ARG D 216 -42.79 -5.11 -19.72
C ARG D 216 -41.89 -3.88 -19.89
N GLY D 217 -40.79 -3.82 -19.12
CA GLY D 217 -39.89 -2.69 -19.13
C GLY D 217 -39.34 -2.40 -20.51
N LEU D 218 -38.92 -3.47 -21.21
CA LEU D 218 -38.39 -3.34 -22.56
C LEU D 218 -39.47 -2.77 -23.48
N GLU D 219 -40.69 -3.30 -23.37
CA GLU D 219 -41.81 -2.80 -24.16
C GLU D 219 -42.01 -1.32 -23.92
N GLU D 220 -42.04 -0.91 -22.66
CA GLU D 220 -42.24 0.49 -22.31
C GLU D 220 -41.13 1.31 -22.95
N GLU D 221 -39.90 0.81 -22.90
CA GLU D 221 -38.76 1.52 -23.44
C GLU D 221 -38.97 1.71 -24.94
N PHE D 222 -39.39 0.63 -25.63
CA PHE D 222 -39.58 0.69 -27.07
C PHE D 222 -40.58 1.81 -27.40
N ILE D 223 -41.70 1.86 -26.67
CA ILE D 223 -42.74 2.85 -26.92
C ILE D 223 -42.13 4.26 -26.82
N ARG D 224 -41.36 4.51 -25.75
CA ARG D 224 -40.69 5.80 -25.60
C ARG D 224 -39.77 6.07 -26.80
N ILE D 225 -38.97 5.08 -27.21
CA ILE D 225 -38.02 5.23 -28.30
C ILE D 225 -38.72 5.55 -29.63
N GLN D 226 -39.76 4.80 -29.98
CA GLN D 226 -40.35 4.93 -31.31
C GLN D 226 -40.91 6.34 -31.48
N ALA D 227 -41.34 6.95 -30.36
CA ALA D 227 -41.92 8.28 -30.42
C ALA D 227 -40.85 9.34 -30.61
N LYS D 228 -39.63 9.06 -30.14
CA LYS D 228 -38.52 10.00 -30.26
C LYS D 228 -38.29 10.29 -31.74
N GLU D 229 -38.21 11.57 -32.09
CA GLU D 229 -38.09 12.05 -33.46
C GLU D 229 -36.96 11.37 -34.23
N GLU D 230 -37.24 11.04 -35.50
CA GLU D 230 -36.28 10.40 -36.40
C GLU D 230 -34.95 11.16 -36.34
N SER D 231 -33.87 10.48 -35.94
CA SER D 231 -32.56 11.10 -35.80
C SER D 231 -31.53 10.01 -35.48
N GLU D 232 -30.26 10.32 -35.71
CA GLU D 232 -29.18 9.39 -35.39
C GLU D 232 -29.20 9.07 -33.90
N GLU D 233 -29.43 10.09 -33.06
CA GLU D 233 -29.48 9.89 -31.61
C GLU D 233 -30.50 8.79 -31.28
N LYS D 234 -31.71 8.97 -31.84
CA LYS D 234 -32.75 7.97 -31.73
C LYS D 234 -32.23 6.64 -32.29
N GLU D 235 -31.60 6.70 -33.47
CA GLU D 235 -31.03 5.52 -34.11
C GLU D 235 -30.10 4.78 -33.15
N GLU D 236 -29.26 5.54 -32.44
CA GLU D 236 -28.32 4.98 -31.49
C GLU D 236 -29.07 4.33 -30.33
N GLN D 237 -30.10 5.03 -29.82
CA GLN D 237 -30.92 4.49 -28.76
C GLN D 237 -31.55 3.18 -29.22
N VAL D 238 -32.02 3.14 -30.48
CA VAL D 238 -32.61 1.94 -31.04
C VAL D 238 -31.56 0.80 -31.00
N ALA D 239 -30.34 1.14 -31.41
CA ALA D 239 -29.25 0.18 -31.47
C ALA D 239 -29.00 -0.39 -30.08
N GLU D 240 -28.87 0.52 -29.10
CA GLU D 240 -28.63 0.14 -27.71
C GLU D 240 -29.77 -0.77 -27.25
N PHE D 241 -31.02 -0.35 -27.52
CA PHE D 241 -32.19 -1.08 -27.07
C PHE D 241 -32.09 -2.52 -27.54
N GLN D 242 -31.74 -2.70 -28.83
CA GLN D 242 -31.75 -4.04 -29.39
C GLN D 242 -30.70 -4.89 -28.68
N LYS D 243 -29.52 -4.28 -28.45
CA LYS D 243 -28.42 -4.98 -27.83
C LYS D 243 -28.82 -5.42 -26.42
N GLN D 244 -29.35 -4.45 -25.64
CA GLN D 244 -29.74 -4.69 -24.27
C GLN D 244 -30.86 -5.73 -24.23
N LYS D 245 -31.85 -5.60 -25.11
CA LYS D 245 -32.93 -6.57 -25.21
C LYS D 245 -32.36 -7.98 -25.35
N GLU D 246 -31.41 -8.16 -26.28
CA GLU D 246 -30.78 -9.44 -26.54
C GLU D 246 -30.16 -9.98 -25.25
N VAL D 247 -29.35 -9.13 -24.61
CA VAL D 247 -28.64 -9.52 -23.41
C VAL D 247 -29.64 -9.93 -22.33
N LEU D 248 -30.59 -9.05 -22.03
CA LEU D 248 -31.50 -9.27 -20.91
C LEU D 248 -32.34 -10.51 -21.16
N LEU D 249 -32.82 -10.71 -22.38
CA LEU D 249 -33.68 -11.86 -22.62
C LEU D 249 -32.87 -13.16 -22.61
N SER D 250 -31.60 -13.11 -23.06
CA SER D 250 -30.73 -14.27 -23.05
C SER D 250 -30.59 -14.85 -21.64
N LEU D 251 -30.86 -14.05 -20.61
CA LEU D 251 -30.74 -14.51 -19.24
C LEU D 251 -31.75 -15.62 -18.95
N PHE D 252 -32.90 -15.59 -19.62
CA PHE D 252 -33.99 -16.55 -19.36
C PHE D 252 -33.88 -17.78 -20.25
N ASP D 253 -32.75 -17.94 -20.95
CA ASP D 253 -32.52 -19.05 -21.86
C ASP D 253 -31.66 -20.12 -21.18
N GLU D 254 -32.32 -21.06 -20.48
CA GLU D 254 -31.63 -22.09 -19.72
C GLU D 254 -30.78 -22.98 -20.63
N LYS D 255 -31.15 -23.15 -21.91
CA LYS D 255 -30.39 -23.99 -22.84
C LYS D 255 -29.06 -23.33 -23.20
N ARG D 256 -29.08 -22.04 -23.52
CA ARG D 256 -27.84 -21.31 -23.78
C ARG D 256 -26.91 -21.46 -22.57
N HIS D 257 -27.48 -21.39 -21.36
CA HIS D 257 -26.65 -21.51 -20.16
C HIS D 257 -25.97 -22.87 -20.11
N GLU D 258 -26.72 -23.95 -20.32
CA GLU D 258 -26.18 -25.30 -20.24
C GLU D 258 -25.05 -25.48 -21.24
N HIS D 259 -25.23 -24.89 -22.44
CA HIS D 259 -24.23 -24.90 -23.50
C HIS D 259 -22.95 -24.19 -23.08
N LEU D 260 -23.09 -23.00 -22.49
CA LEU D 260 -21.92 -22.24 -22.08
C LEU D 260 -21.23 -22.92 -20.89
N LEU D 261 -22.00 -23.58 -20.03
CA LEU D 261 -21.43 -24.40 -18.95
C LEU D 261 -20.51 -25.49 -19.51
N SER D 262 -20.95 -26.22 -20.54
CA SER D 262 -20.15 -27.32 -21.09
C SER D 262 -18.85 -26.83 -21.72
N LYS D 263 -18.85 -25.61 -22.28
CA LYS D 263 -17.64 -25.03 -22.86
C LYS D 263 -16.76 -24.38 -21.79
N GLY D 264 -17.26 -24.34 -20.55
CA GLY D 264 -16.51 -23.79 -19.43
C GLY D 264 -16.43 -22.27 -19.46
N GLU D 265 -17.32 -21.61 -20.22
CA GLU D 265 -17.37 -20.17 -20.28
C GLU D 265 -18.21 -19.62 -19.11
N ARG D 266 -19.04 -20.49 -18.52
CA ARG D 266 -19.71 -20.24 -17.25
C ARG D 266 -19.41 -21.41 -16.32
N ARG D 267 -19.63 -21.25 -15.01
CA ARG D 267 -19.24 -22.24 -14.04
C ARG D 267 -20.38 -22.65 -13.12
N LEU D 268 -21.27 -21.70 -12.79
CA LEU D 268 -22.35 -21.95 -11.85
C LEU D 268 -23.58 -22.52 -12.57
N SER D 269 -24.29 -23.43 -11.87
CA SER D 269 -25.57 -23.94 -12.33
C SER D 269 -26.54 -22.78 -12.55
N TYR D 270 -27.56 -23.01 -13.39
CA TYR D 270 -28.54 -21.99 -13.70
C TYR D 270 -29.25 -21.56 -12.41
N ARG D 271 -29.52 -22.54 -11.54
CA ARG D 271 -30.25 -22.26 -10.31
C ARG D 271 -29.40 -21.42 -9.35
N ALA D 272 -28.09 -21.74 -9.26
CA ALA D 272 -27.17 -20.96 -8.44
C ALA D 272 -27.09 -19.52 -8.94
N LEU D 273 -27.14 -19.35 -10.26
CA LEU D 273 -27.11 -18.02 -10.87
C LEU D 273 -28.32 -17.20 -10.41
N GLN D 274 -29.48 -17.87 -10.33
CA GLN D 274 -30.71 -17.24 -9.89
C GLN D 274 -30.59 -16.77 -8.44
N GLY D 275 -30.03 -17.65 -7.60
CA GLY D 275 -29.76 -17.33 -6.20
C GLY D 275 -28.84 -16.12 -6.05
N ALA D 276 -27.76 -16.09 -6.83
CA ALA D 276 -26.80 -15.00 -6.78
C ALA D 276 -27.47 -13.66 -7.15
N LEU D 277 -28.32 -13.70 -8.18
CA LEU D 277 -28.96 -12.49 -8.66
C LEU D 277 -29.99 -12.01 -7.62
N MET D 278 -30.62 -12.96 -6.95
CA MET D 278 -31.56 -12.67 -5.87
C MET D 278 -30.81 -11.87 -4.79
N ILE D 279 -29.62 -12.33 -4.41
CA ILE D 279 -28.83 -11.71 -3.36
C ILE D 279 -28.38 -10.32 -3.82
N TYR D 280 -28.00 -10.16 -5.10
CA TYR D 280 -27.56 -8.88 -5.62
C TYR D 280 -28.68 -7.85 -5.53
N PHE D 281 -29.87 -8.21 -6.02
CA PHE D 281 -30.94 -7.24 -6.13
C PHE D 281 -31.54 -6.93 -4.75
N TYR D 282 -31.57 -7.90 -3.83
CA TYR D 282 -32.20 -7.71 -2.53
C TYR D 282 -31.15 -7.62 -1.42
N ARG D 283 -29.93 -7.16 -1.76
CA ARG D 283 -28.82 -7.15 -0.85
C ARG D 283 -29.09 -6.42 0.46
N GLU D 284 -29.98 -5.43 0.47
CA GLU D 284 -30.23 -4.59 1.64
C GLU D 284 -31.15 -5.32 2.62
N GLU D 285 -31.93 -6.31 2.15
CA GLU D 285 -32.76 -7.11 3.05
C GLU D 285 -31.86 -7.81 4.05
N PRO D 286 -32.17 -7.77 5.37
CA PRO D 286 -31.25 -8.25 6.41
C PRO D 286 -30.60 -9.61 6.22
N ARG D 287 -31.37 -10.62 5.83
CA ARG D 287 -30.82 -11.95 5.62
C ARG D 287 -29.82 -12.00 4.47
N PHE D 288 -29.83 -11.00 3.57
CA PHE D 288 -28.96 -11.00 2.39
C PHE D 288 -27.75 -10.08 2.52
N GLN D 289 -27.67 -9.28 3.59
CA GLN D 289 -26.60 -8.32 3.75
C GLN D 289 -25.24 -9.01 3.78
N VAL D 290 -25.07 -9.97 4.71
CA VAL D 290 -23.77 -10.61 4.82
C VAL D 290 -23.53 -11.58 3.66
N PRO D 291 -24.52 -12.36 3.18
CA PRO D 291 -24.36 -13.08 1.89
C PRO D 291 -23.89 -12.22 0.72
N PHE D 292 -24.39 -10.98 0.61
CA PHE D 292 -23.90 -10.08 -0.42
C PHE D 292 -22.41 -9.77 -0.22
N GLN D 293 -22.01 -9.53 1.03
CA GLN D 293 -20.60 -9.32 1.34
C GLN D 293 -19.76 -10.56 0.96
N LEU D 294 -20.29 -11.76 1.17
CA LEU D 294 -19.58 -12.97 0.78
C LEU D 294 -19.33 -13.00 -0.73
N LEU D 295 -20.36 -12.66 -1.52
CA LEU D 295 -20.24 -12.68 -2.98
C LEU D 295 -19.18 -11.68 -3.41
N THR D 296 -19.20 -10.48 -2.80
CA THR D 296 -18.22 -9.44 -3.03
C THR D 296 -16.81 -9.95 -2.75
N SER D 297 -16.63 -10.68 -1.65
CA SER D 297 -15.32 -11.14 -1.24
C SER D 297 -14.79 -12.19 -2.20
N LEU D 298 -15.68 -13.03 -2.73
CA LEU D 298 -15.28 -14.08 -3.68
C LEU D 298 -14.74 -13.44 -4.96
N MET D 299 -15.42 -12.40 -5.44
CA MET D 299 -14.92 -11.64 -6.56
C MET D 299 -13.56 -11.01 -6.22
N ASP D 300 -13.41 -10.45 -5.02
CA ASP D 300 -12.15 -9.86 -4.60
C ASP D 300 -10.98 -10.85 -4.71
N ILE D 301 -11.19 -12.06 -4.24
CA ILE D 301 -10.17 -13.09 -4.22
C ILE D 301 -9.75 -13.44 -5.65
N ASP D 302 -10.73 -13.59 -6.55
CA ASP D 302 -10.45 -13.85 -7.95
C ASP D 302 -9.62 -12.71 -8.55
N SER D 303 -10.04 -11.46 -8.33
CA SER D 303 -9.34 -10.29 -8.83
C SER D 303 -7.91 -10.21 -8.28
N LEU D 304 -7.72 -10.52 -7.02
CA LEU D 304 -6.41 -10.40 -6.38
C LEU D 304 -5.48 -11.52 -6.83
N MET D 305 -6.04 -12.72 -7.04
CA MET D 305 -5.30 -13.82 -7.64
C MET D 305 -4.82 -13.40 -9.02
N THR D 306 -5.67 -12.76 -9.80
CA THR D 306 -5.29 -12.31 -11.13
C THR D 306 -4.20 -11.25 -11.02
N LYS D 307 -4.32 -10.36 -10.02
CA LYS D 307 -3.33 -9.30 -9.86
C LYS D 307 -1.97 -9.90 -9.49
N TRP D 308 -2.00 -10.88 -8.60
CA TRP D 308 -0.78 -11.63 -8.29
C TRP D 308 -0.16 -12.19 -9.56
N ARG D 309 -0.95 -12.78 -10.46
CA ARG D 309 -0.41 -13.42 -11.66
C ARG D 309 0.16 -12.36 -12.60
N TYR D 310 -0.51 -11.21 -12.68
CA TYR D 310 -0.05 -10.10 -13.51
C TYR D 310 1.30 -9.59 -12.99
N ASN D 311 1.41 -9.35 -11.66
CA ASN D 311 2.63 -8.78 -11.12
C ASN D 311 3.76 -9.80 -11.32
N HIS D 312 3.45 -11.08 -11.20
CA HIS D 312 4.45 -12.13 -11.38
C HIS D 312 4.97 -12.15 -12.82
N VAL D 313 4.08 -12.05 -13.80
CA VAL D 313 4.44 -11.96 -15.20
C VAL D 313 5.39 -10.80 -15.44
N CYS D 314 5.02 -9.59 -15.00
CA CYS D 314 5.82 -8.39 -15.22
C CYS D 314 7.21 -8.56 -14.62
N MET D 315 7.33 -9.36 -13.55
CA MET D 315 8.63 -9.51 -12.93
C MET D 315 9.52 -10.51 -13.67
N VAL D 316 8.94 -11.63 -14.08
CA VAL D 316 9.65 -12.58 -14.95
C VAL D 316 10.22 -11.87 -16.17
N HIS D 317 9.45 -10.94 -16.74
CA HIS D 317 9.88 -10.19 -17.90
C HIS D 317 11.08 -9.31 -17.58
N ARG D 318 11.07 -8.65 -16.42
CA ARG D 318 12.11 -7.72 -16.04
C ARG D 318 13.42 -8.46 -15.75
N MET D 319 13.32 -9.73 -15.37
CA MET D 319 14.49 -10.53 -15.01
C MET D 319 15.03 -11.35 -16.17
N LEU D 320 14.15 -12.01 -16.93
CA LEU D 320 14.58 -12.98 -17.95
C LEU D 320 14.52 -12.35 -19.34
N GLY D 321 13.79 -11.25 -19.48
CA GLY D 321 13.60 -10.64 -20.79
C GLY D 321 12.51 -11.37 -21.58
N SER D 322 12.34 -11.01 -22.86
CA SER D 322 11.28 -11.57 -23.69
C SER D 322 11.88 -12.58 -24.70
N GLY D 331 7.52 -19.81 -21.12
CA GLY D 331 7.53 -19.21 -19.76
C GLY D 331 6.68 -17.92 -19.70
N TYR D 332 7.30 -16.79 -20.09
CA TYR D 332 6.64 -15.50 -20.14
C TYR D 332 5.28 -15.62 -20.87
N HIS D 333 5.26 -16.29 -22.03
CA HIS D 333 4.04 -16.39 -22.82
C HIS D 333 3.01 -17.32 -22.18
N TYR D 334 3.46 -18.43 -21.58
CA TYR D 334 2.57 -19.30 -20.83
C TYR D 334 1.92 -18.52 -19.67
N LEU D 335 2.75 -17.78 -18.93
CA LEU D 335 2.31 -17.05 -17.75
C LEU D 335 1.28 -15.99 -18.15
N ARG D 336 1.53 -15.32 -19.29
CA ARG D 336 0.63 -14.29 -19.80
C ARG D 336 -0.74 -14.91 -20.10
N SER D 337 -0.72 -16.18 -20.56
CA SER D 337 -1.94 -16.90 -20.89
C SER D 337 -2.73 -17.21 -19.62
N THR D 338 -2.07 -17.27 -18.46
CA THR D 338 -2.78 -17.52 -17.20
C THR D 338 -3.54 -16.27 -16.75
N VAL D 339 -3.16 -15.09 -17.28
CA VAL D 339 -3.87 -13.87 -16.90
C VAL D 339 -5.11 -13.74 -17.76
N SER D 340 -6.17 -14.50 -17.45
CA SER D 340 -7.34 -14.61 -18.33
C SER D 340 -8.53 -15.13 -17.56
N ASP D 341 -9.72 -15.05 -18.17
CA ASP D 341 -10.98 -15.47 -17.57
C ASP D 341 -10.99 -16.97 -17.33
N ARG D 342 -10.09 -17.69 -18.00
CA ARG D 342 -10.03 -19.14 -17.84
C ARG D 342 -9.66 -19.51 -16.40
N TYR D 343 -8.96 -18.59 -15.70
CA TYR D 343 -8.51 -18.85 -14.34
C TYR D 343 -9.35 -18.09 -13.31
N LYS D 344 -10.40 -17.39 -13.77
CA LYS D 344 -11.32 -16.71 -12.87
C LYS D 344 -12.48 -17.65 -12.54
N VAL D 345 -12.41 -18.29 -11.38
CA VAL D 345 -13.41 -19.26 -10.94
C VAL D 345 -14.79 -18.66 -10.73
N PHE D 346 -14.89 -17.42 -10.24
CA PHE D 346 -16.19 -16.81 -9.97
C PHE D 346 -16.55 -15.77 -11.02
N VAL D 347 -16.19 -16.05 -12.27
CA VAL D 347 -16.48 -15.19 -13.41
C VAL D 347 -17.97 -14.91 -13.48
N ASP D 348 -18.83 -15.86 -13.09
CA ASP D 348 -20.26 -15.62 -13.22
C ASP D 348 -20.72 -14.49 -12.27
N LEU D 349 -20.04 -14.31 -11.14
CA LEU D 349 -20.41 -13.24 -10.21
C LEU D 349 -20.08 -11.87 -10.81
N PHE D 350 -18.95 -11.75 -11.51
CA PHE D 350 -18.61 -10.51 -12.20
C PHE D 350 -19.62 -10.20 -13.30
N ASN D 351 -20.08 -11.24 -14.00
CA ASN D 351 -20.83 -11.06 -15.22
C ASN D 351 -22.26 -10.63 -14.94
N LEU D 352 -22.70 -10.75 -13.68
CA LEU D 352 -24.04 -10.30 -13.33
C LEU D 352 -24.23 -8.78 -13.51
N SER D 353 -23.13 -7.98 -13.52
CA SER D 353 -23.17 -6.59 -13.94
C SER D 353 -23.80 -6.38 -15.33
N THR D 354 -23.60 -7.33 -16.24
CA THR D 354 -24.14 -7.25 -17.59
C THR D 354 -25.67 -7.16 -17.56
N TYR D 355 -26.30 -7.77 -16.54
CA TYR D 355 -27.75 -7.93 -16.49
C TYR D 355 -28.41 -6.95 -15.51
N LEU D 356 -27.78 -5.78 -15.29
CA LEU D 356 -28.38 -4.74 -14.47
C LEU D 356 -29.54 -4.07 -15.20
N ILE D 357 -30.58 -3.79 -14.43
CA ILE D 357 -31.81 -3.20 -14.91
C ILE D 357 -32.13 -2.00 -14.02
N PRO D 358 -32.98 -1.06 -14.46
CA PRO D 358 -33.39 0.04 -13.58
C PRO D 358 -34.04 -0.54 -12.32
N ARG D 359 -33.82 0.14 -11.18
CA ARG D 359 -34.30 -0.32 -9.89
C ARG D 359 -35.80 -0.56 -9.88
N HIS D 360 -36.55 0.29 -10.60
CA HIS D 360 -38.00 0.22 -10.60
C HIS D 360 -38.53 -1.02 -11.34
N TRP D 361 -37.66 -1.76 -12.07
CA TRP D 361 -38.09 -3.00 -12.71
C TRP D 361 -37.94 -4.18 -11.77
N ILE D 362 -37.21 -4.00 -10.65
CA ILE D 362 -36.95 -5.11 -9.75
C ILE D 362 -38.25 -5.48 -9.02
N PRO D 363 -38.66 -6.76 -9.01
CA PRO D 363 -39.89 -7.16 -8.34
C PRO D 363 -39.90 -6.62 -6.91
N LYS D 364 -41.02 -5.95 -6.56
CA LYS D 364 -41.19 -5.34 -5.26
C LYS D 364 -41.36 -6.46 -4.23
N MET D 365 -40.72 -6.31 -3.08
CA MET D 365 -40.86 -7.29 -2.02
C MET D 365 -42.05 -6.90 -1.13
N ASN D 366 -41.98 -5.73 -0.47
CA ASN D 366 -43.10 -5.19 0.30
C ASN D 366 -43.31 -5.94 1.60
N PRO D 367 -43.84 -5.28 2.66
CA PRO D 367 -44.10 -5.94 3.95
C PRO D 367 -44.87 -7.24 3.79
N THR D 368 -45.74 -7.28 2.77
CA THR D 368 -46.52 -8.46 2.44
C THR D 368 -45.65 -9.71 2.52
N ILE D 369 -44.52 -9.69 1.80
CA ILE D 369 -43.62 -10.83 1.73
C ILE D 369 -42.21 -10.36 2.09
N HIS D 370 -42.12 -9.45 3.08
CA HIS D 370 -40.84 -8.88 3.50
C HIS D 370 -40.15 -9.72 4.58
N LYS D 371 -40.95 -10.35 5.46
CA LYS D 371 -40.45 -10.97 6.68
C LYS D 371 -39.75 -12.31 6.43
N PHE D 372 -39.86 -12.90 5.24
CA PHE D 372 -39.15 -14.14 4.93
C PHE D 372 -37.63 -13.86 4.89
N LEU D 373 -37.24 -12.60 4.62
CA LEU D 373 -35.84 -12.21 4.59
C LEU D 373 -35.53 -11.24 5.75
CHA HEM E . -1.02 22.07 11.20
CHB HEM E . 3.24 22.47 9.00
CHC HEM E . 1.58 19.59 5.46
CHD HEM E . -2.89 20.02 7.25
C1A HEM E . 0.26 22.41 10.93
C2A HEM E . 1.09 23.16 11.76
C3A HEM E . 2.29 23.28 11.14
C4A HEM E . 2.22 22.60 9.92
CMA HEM E . 3.49 24.04 11.67
CAA HEM E . 0.73 23.75 13.10
CBA HEM E . -0.03 25.08 12.87
CGA HEM E . 0.92 26.23 12.63
O1A HEM E . 0.83 26.93 11.62
O2A HEM E . 1.81 26.49 13.46
C1B HEM E . 3.13 21.67 7.84
C2B HEM E . 4.23 21.47 6.96
C3B HEM E . 3.79 20.63 5.96
C4B HEM E . 2.38 20.36 6.27
CMB HEM E . 5.60 22.02 7.14
CAB HEM E . 4.50 20.11 4.76
CBB HEM E . 5.72 20.50 4.40
C1C HEM E . 0.20 19.48 5.59
C2C HEM E . -0.65 18.82 4.73
C3C HEM E . -1.93 18.92 5.24
C4C HEM E . -1.84 19.69 6.43
CMC HEM E . -0.27 18.10 3.47
CAC HEM E . -3.10 18.45 4.54
CBC HEM E . -4.23 19.13 4.52
C1D HEM E . -2.69 20.60 8.49
C2D HEM E . -3.78 20.71 9.48
C3D HEM E . -3.26 21.26 10.56
C4D HEM E . -1.84 21.47 10.28
CMD HEM E . -5.22 20.35 9.32
CAD HEM E . -4.00 21.59 11.83
CBD HEM E . -3.92 20.26 12.59
CGD HEM E . -4.48 20.33 14.02
O1D HEM E . -4.78 21.43 14.52
O2D HEM E . -4.59 19.29 14.70
NA HEM E . 0.96 22.06 9.78
NB HEM E . 2.06 21.02 7.39
NC HEM E . -0.53 19.99 6.61
ND HEM E . -1.55 21.01 9.03
FE HEM E . 0.17 20.96 8.28
N ZIQ F . -32.90 -0.88 14.94
CA ZIQ F . -33.53 -0.68 16.26
CB ZIQ F . -32.88 -1.57 17.35
CG ZIQ F . -31.41 -1.37 17.57
CD2 ZIQ F . -30.36 -2.33 17.26
CE3 ZIQ F . -30.36 -3.60 16.69
CZ3 ZIQ F . -29.16 -4.26 16.60
CH2 ZIQ F . -27.96 -3.70 17.06
CZ2 ZIQ F . -27.93 -2.44 17.61
CE2 ZIQ F . -29.15 -1.77 17.72
NE1 ZIQ F . -29.42 -0.54 18.23
CD1 ZIQ F . -30.76 -0.32 18.14
C1 ZIQ F . -35.00 -1.11 16.13
C ZIQ F . -33.45 0.83 16.62
O ZIQ F . -34.11 1.19 17.62
OXT ZIQ F . -32.76 1.56 15.89
C1 A1AF5 G . -1.27 26.26 2.83
C2 A1AF5 G . -0.35 27.25 3.16
C3 A1AF5 G . 0.68 27.02 4.05
C4 A1AF5 G . 0.79 25.77 4.65
C5 A1AF5 G . 1.69 25.16 5.61
C6 A1AF5 G . 2.87 25.77 6.24
C7 A1AF5 G . 3.94 24.95 6.65
C8 A1AF5 G . 5.09 25.45 7.21
C9 A1AF5 G . 5.17 26.84 7.37
N1 A1AF5 G . 6.18 27.62 7.89
N2 A1AF5 G . 5.78 28.86 7.81
N3 A1AF5 G . 4.54 28.91 7.26
C10 A1AF5 G . 3.85 30.18 7.07
C11 A1AF5 G . 3.47 30.80 8.39
N4 A1AF5 G . 2.43 30.06 9.09
C12 A1AF5 G . 1.34 30.95 9.49
C13 A1AF5 G . 1.82 32.04 10.44
N5 A1AF5 G . 2.75 31.53 11.44
C14 A1AF5 G . 2.65 30.05 11.55
C15 A1AF5 G . 2.95 29.33 10.25
C16 A1AF5 G . 4.12 27.65 6.97
C17 A1AF5 G . 2.96 27.12 6.39
C18 A1AF5 G . 1.26 23.86 5.77
N6 A1AF5 G . 0.16 23.63 5.02
C19 A1AF5 G . -0.15 24.78 4.30
C20 A1AF5 G . -1.18 25.01 3.40
CHA HEM H . -11.78 4.87 -20.66
CHB HEM H . -15.46 3.28 -17.94
CHC HEM H . -13.21 5.08 -14.03
CHD HEM H . -10.10 7.42 -16.92
C1A HEM H . -12.95 4.27 -20.24
C2A HEM H . -13.85 3.58 -21.10
C3A HEM H . -14.87 3.15 -20.34
C4A HEM H . -14.63 3.55 -19.01
CMA HEM H . -16.06 2.34 -20.84
CAA HEM H . -13.67 3.36 -22.59
CBA HEM H . -14.20 4.58 -23.35
CGA HEM H . -15.71 4.55 -23.53
O1A HEM H . -16.43 5.50 -23.14
O2A HEM H . -16.29 3.56 -24.06
C1B HEM H . -15.11 3.62 -16.61
C2B HEM H . -15.88 3.24 -15.48
C3B HEM H . -15.24 3.69 -14.38
C4B HEM H . -14.09 4.43 -14.85
CMB HEM H . -17.12 2.41 -15.57
CAB HEM H . -15.60 3.66 -12.95
CBB HEM H . -16.86 3.57 -12.51
C1C HEM H . -12.19 5.91 -14.46
C2C HEM H . -11.31 6.64 -13.65
C3C HEM H . -10.42 7.30 -14.46
C4C HEM H . -10.77 6.99 -15.80
CMC HEM H . -11.31 6.70 -12.14
CAC HEM H . -9.41 8.23 -13.95
CBC HEM H . -9.07 9.30 -14.63
C1D HEM H . -10.33 6.87 -18.17
C2D HEM H . -9.45 7.17 -19.27
C3D HEM H . -9.91 6.48 -20.33
C4D HEM H . -11.06 5.71 -19.85
CMD HEM H . -8.25 8.09 -19.27
CAD HEM H . -9.28 6.47 -21.71
CBD HEM H . -8.29 5.28 -21.63
CGD HEM H . -7.57 4.95 -22.94
O1D HEM H . -8.11 5.18 -24.05
O2D HEM H . -6.42 4.42 -22.90
NA HEM H . -13.45 4.23 -18.96
NB HEM H . -14.07 4.34 -16.19
NC HEM H . -11.85 6.14 -15.75
ND HEM H . -11.25 5.97 -18.53
FE HEM H . -12.56 5.12 -17.43
N ZIQ I . 26.34 14.89 -19.95
CA ZIQ I . 27.03 14.67 -21.24
CB ZIQ I . 27.63 13.22 -21.33
CG ZIQ I . 26.63 12.10 -21.23
CD2 ZIQ I . 26.60 11.09 -20.19
CE3 ZIQ I . 27.36 10.87 -19.04
CZ3 ZIQ I . 27.06 9.75 -18.28
CH2 ZIQ I . 26.02 8.90 -18.60
CZ2 ZIQ I . 25.23 9.09 -19.72
CE2 ZIQ I . 25.54 10.21 -20.51
NE1 ZIQ I . 24.96 10.66 -21.66
CD1 ZIQ I . 25.63 11.78 -22.09
C1 ZIQ I . 28.18 15.65 -21.29
C ZIQ I . 26.00 15.04 -22.32
O ZIQ I . 24.80 15.20 -21.95
OXT ZIQ I . 26.42 15.09 -23.49
C1 A1AF5 J . -16.46 11.46 -16.59
C2 A1AF5 J . -17.68 11.13 -17.16
C3 A1AF5 J . -18.01 9.82 -17.45
C4 A1AF5 J . -17.08 8.80 -17.20
C5 A1AF5 J . -17.06 7.37 -17.36
C6 A1AF5 J . -18.13 6.50 -17.89
C7 A1AF5 J . -18.18 5.15 -17.52
C8 A1AF5 J . -19.18 4.29 -17.95
C9 A1AF5 J . -20.16 4.81 -18.81
N1 A1AF5 J . -21.26 4.23 -19.39
N2 A1AF5 J . -21.87 5.14 -20.10
N3 A1AF5 J . -21.17 6.30 -20.01
C10 A1AF5 J . -21.63 7.49 -20.72
C11 A1AF5 J . -21.51 7.35 -22.23
N4 A1AF5 J . -20.15 7.07 -22.66
C12 A1AF5 J . -19.79 7.90 -23.82
C13 A1AF5 J . -20.70 7.63 -25.01
N5 A1AF5 J . -21.08 6.22 -25.12
C14 A1AF5 J . -20.08 5.36 -24.45
C15 A1AF5 J . -19.95 5.64 -22.96
C16 A1AF5 J . -20.10 6.15 -19.18
C17 A1AF5 J . -19.08 6.99 -18.73
C18 A1AF5 J . -15.82 6.95 -16.90
N6 A1AF5 J . -15.09 8.02 -16.49
C19 A1AF5 J . -15.84 9.18 -16.63
C20 A1AF5 J . -15.51 10.50 -16.34
CHA HEM K . 6.43 -6.37 22.74
CHB HEM K . 1.81 -7.78 22.69
CHC HEM K . 2.14 -8.61 17.91
CHD HEM K . 6.96 -8.23 18.31
C1A HEM K . 5.13 -6.65 23.12
C2A HEM K . 4.59 -6.39 24.41
C3A HEM K . 3.29 -6.80 24.40
C4A HEM K . 3.03 -7.32 23.12
CMA HEM K . 2.34 -6.69 25.57
CAA HEM K . 5.30 -5.79 25.59
CBA HEM K . 6.21 -6.85 26.24
CGA HEM K . 5.40 -7.82 27.08
O1A HEM K . 5.39 -9.05 26.83
O2A HEM K . 4.73 -7.36 28.04
C1B HEM K . 1.53 -8.09 21.36
C2B HEM K . 0.22 -8.42 20.91
C3B HEM K . 0.27 -8.61 19.57
C4B HEM K . 1.68 -8.43 19.21
CMB HEM K . -0.99 -8.45 21.84
CAB HEM K . -0.74 -9.06 18.63
CBB HEM K . -1.72 -9.86 19.06
C1C HEM K . 3.48 -8.61 17.60
C2C HEM K . 4.04 -8.89 16.36
C3C HEM K . 5.40 -8.77 16.45
C4C HEM K . 5.70 -8.46 17.81
CMC HEM K . 3.30 -9.26 15.10
CAC HEM K . 6.28 -9.12 15.36
CBC HEM K . 7.42 -9.75 15.57
C1D HEM K . 7.17 -7.64 19.55
C2D HEM K . 8.50 -7.20 19.96
C3D HEM K . 8.34 -6.68 21.18
C4D HEM K . 6.92 -6.79 21.52
CMD HEM K . 9.80 -7.29 19.20
CAD HEM K . 9.42 -6.05 22.01
CBD HEM K . 9.22 -4.55 21.72
CGD HEM K . 10.30 -3.72 22.34
O1D HEM K . 10.85 -4.14 23.39
O2D HEM K . 10.61 -2.62 21.81
NA HEM K . 4.15 -7.21 22.35
NB HEM K . 2.36 -8.10 20.31
NC HEM K . 4.51 -8.35 18.46
ND HEM K . 6.28 -7.37 20.52
FE HEM K . 4.43 -7.68 20.43
N ZIQ L . 35.58 7.93 0.02
CA ZIQ L . 36.58 8.56 0.89
CB ZIQ L . 36.21 10.05 1.12
CG ZIQ L . 34.84 10.29 1.69
CD2 ZIQ L . 33.71 10.84 0.98
CE3 ZIQ L . 33.50 11.24 -0.35
CZ3 ZIQ L . 32.25 11.73 -0.69
CH2 ZIQ L . 31.23 11.82 0.23
CZ2 ZIQ L . 31.40 11.46 1.55
CE2 ZIQ L . 32.66 10.95 1.91
NE1 ZIQ L . 33.11 10.52 3.11
CD1 ZIQ L . 34.42 10.13 2.97
C1 ZIQ L . 37.91 8.50 0.13
C ZIQ L . 36.70 7.72 2.19
O ZIQ L . 35.69 7.06 2.53
OXT ZIQ L . 37.80 7.78 2.81
C1 A1AF5 M . 4.94 -15.25 20.38
C2 A1AF5 M . 4.20 -15.60 21.50
C3 A1AF5 M . 3.46 -14.66 22.19
C4 A1AF5 M . 3.47 -13.33 21.74
C5 A1AF5 M . 2.84 -12.10 22.18
C6 A1AF5 M . 1.93 -11.92 23.33
C7 A1AF5 M . 0.90 -10.96 23.29
C8 A1AF5 M . 0.03 -10.76 24.34
C9 A1AF5 M . 0.19 -11.56 25.48
N1 A1AF5 M . -0.52 -11.62 26.66
N2 A1AF5 M . 0.01 -12.54 27.41
N3 A1AF5 M . 1.05 -13.09 26.74
C10 A1AF5 M . 1.83 -14.16 27.36
C11 A1AF5 M . 2.47 -13.71 28.65
N4 A1AF5 M . 3.70 -12.94 28.44
C12 A1AF5 M . 4.65 -13.14 29.54
C13 A1AF5 M . 4.09 -12.67 30.86
N5 A1AF5 M . 3.33 -11.41 30.75
C14 A1AF5 M . 3.69 -10.70 29.52
C15 A1AF5 M . 3.44 -11.50 28.26
C16 A1AF5 M . 1.20 -12.51 25.51
C17 A1AF5 M . 2.08 -12.70 24.46
C18 A1AF5 M . 3.25 -11.12 21.30
N6 A1AF5 M . 4.08 -11.65 20.37
C19 A1AF5 M . 4.23 -13.01 20.60
C20 A1AF5 M . 4.98 -13.96 19.91
CHA HEM N . 6.25 -19.68 -12.72
CHB HEM N . 10.30 -17.11 -13.10
CHC HEM N . 9.45 -15.20 -8.73
CHD HEM N . 5.92 -18.42 -8.05
C1A HEM N . 7.43 -19.12 -13.19
C2A HEM N . 7.99 -19.41 -14.44
C3A HEM N . 9.13 -18.69 -14.56
C4A HEM N . 9.28 -17.97 -13.36
CMA HEM N . 10.06 -18.69 -15.76
CAA HEM N . 7.44 -20.34 -15.48
CBA HEM N . 7.87 -21.76 -15.19
CGA HEM N . 9.29 -22.01 -15.61
O1A HEM N . 10.22 -22.05 -14.76
O2A HEM N . 9.55 -22.13 -16.82
C1B HEM N . 10.35 -16.36 -11.92
C2B HEM N . 11.40 -15.42 -11.73
C3B HEM N . 11.19 -14.85 -10.51
C4B HEM N . 9.98 -15.51 -9.97
CMB HEM N . 12.50 -15.15 -12.73
CAB HEM N . 11.99 -13.85 -9.77
CBB HEM N . 13.25 -13.61 -10.06
C1C HEM N . 8.44 -15.90 -8.13
C2C HEM N . 7.98 -15.75 -6.84
C3C HEM N . 6.96 -16.67 -6.63
C4C HEM N . 6.84 -17.42 -7.82
CMC HEM N . 8.51 -14.74 -5.87
CAC HEM N . 6.29 -16.86 -5.34
CBC HEM N . 5.87 -18.03 -4.94
C1D HEM N . 5.74 -18.98 -9.31
C2D HEM N . 4.65 -19.90 -9.58
C3D HEM N . 4.76 -20.27 -10.86
C4D HEM N . 5.88 -19.53 -11.40
CMD HEM N . 3.64 -20.42 -8.59
CAD HEM N . 3.80 -21.19 -11.56
CBD HEM N . 2.71 -20.25 -12.08
CGD HEM N . 1.65 -20.86 -12.97
O1D HEM N . 1.77 -22.03 -13.52
O2D HEM N . 0.62 -20.16 -13.20
NA HEM N . 8.24 -18.23 -12.54
NB HEM N . 9.53 -16.37 -10.87
NC HEM N . 7.73 -16.90 -8.70
ND HEM N . 6.45 -18.78 -10.45
FE HEM N . 7.84 -17.52 -10.67
N ZIQ O . -29.06 -20.94 5.17
CA ZIQ O . -30.13 -21.63 4.45
CB ZIQ O . -30.76 -20.71 3.37
CG ZIQ O . -29.84 -20.08 2.37
CD2 ZIQ O . -29.57 -18.67 2.26
CE3 ZIQ O . -29.97 -17.54 2.98
CZ3 ZIQ O . -29.51 -16.31 2.58
CH2 ZIQ O . -28.64 -16.16 1.50
CZ2 ZIQ O . -28.24 -17.26 0.75
CE2 ZIQ O . -28.71 -18.51 1.15
NE1 ZIQ O . -28.46 -19.75 0.64
CD1 ZIQ O . -29.15 -20.68 1.36
C1 ZIQ O . -31.20 -22.02 5.49
C ZIQ O . -29.49 -22.90 3.83
O ZIQ O . -30.29 -23.76 3.36
OXT ZIQ O . -28.24 -22.93 3.87
C1 A1AF5 P . 12.94 -21.50 -6.19
C2 A1AF5 P . 13.88 -21.90 -7.16
C3 A1AF5 P . 13.88 -21.38 -8.43
C4 A1AF5 P . 12.89 -20.45 -8.79
C5 A1AF5 P . 12.57 -19.72 -9.99
C6 A1AF5 P . 13.33 -19.71 -11.25
C7 A1AF5 P . 13.44 -18.52 -12.02
C8 A1AF5 P . 14.18 -18.46 -13.19
C9 A1AF5 P . 14.82 -19.63 -13.61
N1 A1AF5 P . 15.61 -19.88 -14.72
N2 A1AF5 P . 15.96 -21.14 -14.67
N3 A1AF5 P . 15.42 -21.71 -13.56
C10 A1AF5 P . 15.63 -23.12 -13.26
C11 A1AF5 P . 15.15 -24.01 -14.39
N4 A1AF5 P . 13.71 -23.99 -14.58
C12 A1AF5 P . 13.21 -25.34 -14.91
C13 A1AF5 P . 13.83 -25.87 -16.21
N5 A1AF5 P . 13.93 -24.83 -17.25
C14 A1AF5 P . 12.97 -23.75 -16.95
C15 A1AF5 P . 13.32 -23.05 -15.64
C16 A1AF5 P . 14.68 -20.80 -12.86
C17 A1AF5 P . 13.95 -20.84 -11.70
C18 A1AF5 P . 11.47 -18.95 -9.67
N6 A1AF5 P . 11.07 -19.18 -8.40
C19 A1AF5 P . 11.94 -20.08 -7.80
C20 A1AF5 P . 11.94 -20.62 -6.51
#